data_6QLE
#
_entry.id   6QLE
#
_cell.length_a   1.00
_cell.length_b   1.00
_cell.length_c   1.00
_cell.angle_alpha   90.00
_cell.angle_beta   90.00
_cell.angle_gamma   90.00
#
_symmetry.space_group_name_H-M   'P 1'
#
loop_
_entity.id
_entity.type
_entity.pdbx_description
1 polymer 'Central kinetochore subunit MCM16,Central kinetochore subunit MCM16,Inner kinetochore subunit MCM16,Mcm16p'
2 polymer 'Central kinetochore subunit CTF3,Inner kinetochore subunit CTF3,Central kinetochore subunit CTF3,Inner kinetochore subunit CTF3'
3 polymer 'Inner kinetochore subunit MCM22,Inner kinetochore subunit MCM22,Inner kinetochore subunit MCM22,Inner kinetochore subunit MCM22'
4 polymer 'Inner kinetochore subunit IML3'
5 polymer 'Inner kinetochore subunit CHL4'
6 polymer 'Inner kinetochore subunit MCM21'
7 polymer 'Inner kinetochore subunit CTF19'
8 polymer 'Inner kinetochore subunit OKP1,Inner kinetochore subunit OKP1,Inner kinetochore subunit OKP1,Inner kinetochore subunit OKP1'
9 polymer 'Inner kinetochore subunit AME1,Inner kinetochore subunit AME1,Inner kinetochore subunit AME1,Inner kinetochore subunit AME1'
10 polymer 'Inner kinetochore subunit NKP1'
11 polymer 'Inner kinetochore subunit NKP2'
#
loop_
_entity_poly.entity_id
_entity_poly.type
_entity_poly.pdbx_seq_one_letter_code
_entity_poly.pdbx_strand_id
1 'polypeptide(L)'
;MTNSSEKQWERIQQLEKEHVEVYRELLITLDRLYLIRRHNHAVILSHTQQRLLEIRHQLQINLEKTALLIRLLEKPDNTN
VLFTKLQNLLEESNSLDYELLQSLGAQSSLHKQLIESRAERDELMSKLIELSSKFP(UNK)(UNK)(UNK)(UNK)
(UNK)(UNK)(UNK)(UNK)(UNK)(UNK)(UNK)(UNK)(UNK)(UNK)(UNK)(UNK)(UNK)(UNK)(UNK)(UNK)
(UNK)(UNK)(UNK)(UNK)(UNK)(UNK)(UNK)(UNK)(UNK)(UNK)(UNK)(UNK)(UNK)(UNK)(UNK)(UNK)
(UNK)(UNK)(UNK)(UNK)(UNK)(UNK)(UNK)(UNK)(UNK)
;
H
2 'polypeptide(L)'
;(UNK)(UNK)(UNK)(UNK)(UNK)(UNK)(UNK)(UNK)(UNK)(UNK)(UNK)SLKHLYSSIILIKNSRDESSSPYEW
CIWQLKRCFAHQIETPQEVIPIIISVSSMDNKLSSRIIQTFCNLKYLKLDELTLKKVCGGILPLWKPELISGTREFFVKF
MASIFMWSTRDGHDNNCTFSETCFYVLQMITNWVLDDKLIALGLTLLHDMQSLLTLDKIFNNATSNRFSTMAFISSLDIL
TQLSKQTKSDYAIQYLIVGPDIMNKVFSSDDPLLLSAACRYLVATKNKLMQYPSTNKFVRMQNQYIMDLTNYLYRNKVLS
SKSLFGVSPDFFKQILENLYIPTADFKNAKFFTITGIPALSYICIIILRRLETAENT(UNK)(UNK)(UNK)(UNK)
(UNK)(UNK)(UNK)(UNK)(UNK)(UNK)(UNK)(UNK)(UNK)(UNK)(UNK)(UNK)(UNK)(UNK)(UNK)(UNK)
(UNK)(UNK)(UNK)(UNK)(UNK)(UNK)(UNK)(UNK)(UNK)(UNK)(UNK)(UNK)(UNK)(UNK)(UNK)VNNIH
DLRVKILMHLSNTANPYRDIAAFLFTYLKSLSKYSVQNS
;
I
3 'polypeptide(L)'
;MDVEKDVLDVYIKNLENQIGNKRYFLKQAQGAIDEITKRSLDTEGKPVNSEVFTELLRKPMFFSERADPIGFSLTSNFLS
LRAQSSSEWLSLMNDQSVDQKAMLLLQNNINSDLKELLRKLQHQMTIMDSKKQ(UNK)(UNK)(UNK)(UNK)(UNK)
(UNK)(UNK)(UNK)(UNK)(UNK)(UNK)(UNK)(UNK)(UNK)(UNK)(UNK)(UNK)(UNK)(UNK)(UNK)(UNK)
(UNK)(UNK)(UNK)(UNK)(UNK)(UNK)(UNK)(UNK)(UNK)(UNK)(UNK)(UNK)(UNK)(UNK)(UNK)(UNK)
(UNK)(UNK)(UNK)(UNK)(UNK)(UNK)(UNK)(UNK)(UNK)(UNK)(UNK)(UNK)(UNK)(UNK)(UNK)(UNK)
(UNK)(UNK)(UNK)(UNK)(UNK)(UNK)(UNK)(UNK)(UNK)(UNK)(UNK)(UNK)(UNK)(UNK)(UNK)(UNK)
(UNK)(UNK)
;
K
4 'polypeptide(L)'
;MPYTWKFLGISKQLSLENGIAKLNQLLNLEVDLDIQTIRVPSDPDGGTAADEYIRYEMRLDISNLDEGTYSKFIFLGNSK
MEVPMFLCYCGTDNRNEVVLQWLKAEYGVIMWPIKFEQKTMIKLADASIVHVTKENIEQITWFSSKLYFEPETQDKNLRQ
FSIEIPRESCEGLALGYGNTMHPYNDAIVPYIYNETGMAVERLPLTSVILAGHTKIMRESIVTSTRSLRNRVLAVVLQSI
QFTSE
;
L
5 'polypeptide(L)'
;MSNELRLEDNYVPTSDTLVVFKQLMKLPVTVLYDLTLSWFAKFGGSFDGDIYLLTETLDLLIEKGVRRNVIVNRILYVYW
PDGLNVFQLAEIDCHLMISKPEKFKWLPSKALRGDGKPYVVKLQPAKFIENLQTDLAKIYHCHVYMFKHPSLPVLITRIQ
LFDSNNLFLSTPNIGSINKESLYNKLDKFQGKPLISRRPYYVAFPLNSPIIFHSVDKDIYARLVLQSISRTISERETIIF
KPVQKIPVKSIHNIMTLLGPSRFAESMGPWECYASANFERSPLHDYKKHQGLTGKKVMVREFDDSFLNDDENFYGKEEPE
IRRLRLEKNMIKFKGSANGVMDQKYNDLKEFNEHVHNIRNGKKNEDSGEPVYISRYSSLVPIEKVGFTLKNEINSRIITI
KLKFNGNDIFGGLHELCDKNLINIDKVPGWLAGENGSFSGTIMNGDFQREQVAKGGLL
;
N
6 'polypeptide(L)'
;MSRIDDLQQDIESLLSEINSLEESREKLKAKIKDKRKNEESANPIVQEFEDLFDQFPQLNNFLFNEHPELEETDDKDISR
AQADIPATPIPYEPKKRAKLENEEILPEQEWVLKTQPMVQHQMFDPGVADLLDTDILTSPSKRKRKLKIDDISTSDRSEL
EDYIVLENVYRMFGITFFPLVDPIDLKIKDASGEIFVDREMLGIRLEVFSERTSQFEKPHYVLLKKRIKSNSWFLFKHTI
PSFIDVQGIFDDTNGGLVISHDDAYLFAKRVFLQLVEVQKRRQIFKDLEAKKIIHDLDLDLESSMVSFFVKDIKVELFVK
QNEIVSCSILDDIHDFSQNNKSKWEIALLGSLDDLELKLNHSFATIFK
;
O
7 'polypeptide(L)'
;MDFTSDTTNSHDTSNSHLSLEDAVGTHHAGEADVNIDGDEKQQLSLLDDDQVRALKLQEEKDALLTRRNTLLQEIQTYQN
ILMKENNSKTKNGDILQNDITQDFLNLISISSSNPNSAISDRKRVERINGLTNLQKELVTKYDTLPLLNMNLRLSYLRDH
TYPHLQVSVQSRDRVHNDGIEVLVVNYKFCRNTMNPFEIQFKMFYKFEDSTLLKWEILRISTNVRLKAKQLLATRNFQKC
LLSLYEFDKIKSKKTGIFQNLINLLKRKTRCYLMNNSDSLIVERVIREGRLTTIKLQINFIITMPGERGKPRNCFLPMSK
ISIALWKGGERFNQIDLDEICYGLIKEYGVKTGLKEICNVCLFPDMYAR
;
P
8 'polypeptide(L)'
;(UNK)(UNK)(UNK)(UNK)(UNK)(UNK)(UNK)(UNK)(UNK)(UNK)(UNK)(UNK)(UNK)(UNK)(UNK)SILRL
LETNTVSALDSVFEKYEKEMNQMTHGDNNEVKRIYSKKERLLEIILTKIKKKLRQAKFPSRISERDLDIEYIYSKRQFIQ
NRYSQELQNNERLEAILSREQNLLEETRKLCMNLKTNNKKRLTEKLIQKDLHPVLNKAMEYTYGLESTNGFMHPDGPVTF
RNDSHELNLMLNDPIKSTADVRLDKEEVLSLLPSLKEYTKKSKELKETMGQMISDSHEEEIKEVFVPHHESHQDKTEEDI
H
;
Q
9 'polypeptide(L)'
;(UNK)(UNK)(UNK)(UNK)(UNK)(UNK)(UNK)(UNK)(UNK)(UNK)(UNK)(UNK)(UNK)(UNK)(UNK)(UNK)
(UNK)(UNK)(UNK)(UNK)(UNK)(UNK)(UNK)(UNK)(UNK)(UNK)(UNK)FRKLLYKLDLRLFQTISDQMTRDLK
DILDINVSNNELCYQLKQVLARKEDLNQQIISVRNEIQELKAGKDWHDLQNEQAKLNDKVKLNKRLNDLTSTLLGKYEGD
RKIMSQDSEDDSIRDDSNILDIAHFVDLMDPYNGLLKKINKINENLSNELQPSL
;
U
10 'polypeptide(L)'
;MTDTYNSISNFIENELTALLSSDDYLMDDLAGELPNEVCRLLKAQVIEKRKDAMSRGKQDLLSKEIYDNESELRASQSQQ
IMELVGDIPKYSLGSELRNRVEGEPQSTSIERLIEDVLKLPQMEVADEEEVEVENDLKVLSEYSNLRKDLILKCQALQIG
ESKLSDILSQTNSINSLTTSIKEASEDDDISEYFATYNGKLVVALEEMKLLLEEAVKTFGNSPEKREKIKKILSELKK
;
Y
11 'polypeptide(L)'
;MNSEQLLHNYVSDSLLTTLISFQEFKQQLQSYTSDEQQLQHWYELLQARDARVTSELEARIKQFFITLRSRLLRFLESEQ
LSHSLSLETLIDALYKINDLLQQRLQILDDAIQEKTSELAEFENMVRSPSAGDNAIPGLLQIIQSYINLLEEN
;
Z
#
# COMPACT_ATOMS: atom_id res chain seq x y z
N SER A 4 33.11 0.13 -2.59
CA SER A 4 32.22 0.84 -3.48
C SER A 4 32.86 1.06 -4.84
N SER A 5 34.14 0.70 -4.95
CA SER A 5 34.87 0.80 -6.21
C SER A 5 34.62 -0.38 -7.14
N GLU A 6 33.88 -1.40 -6.68
CA GLU A 6 33.63 -2.57 -7.50
C GLU A 6 32.74 -2.25 -8.69
N LYS A 7 31.81 -1.29 -8.55
CA LYS A 7 30.93 -0.91 -9.64
C LYS A 7 31.73 -0.30 -10.79
N GLN A 8 32.63 0.65 -10.46
CA GLN A 8 33.51 1.21 -11.47
C GLN A 8 34.52 0.18 -11.98
N TRP A 9 34.85 -0.82 -11.15
CA TRP A 9 35.74 -1.89 -11.57
C TRP A 9 35.13 -2.72 -12.70
N GLU A 10 33.90 -3.22 -12.50
CA GLU A 10 33.27 -3.97 -13.59
C GLU A 10 32.84 -3.06 -14.73
N ARG A 11 32.57 -1.78 -14.46
CA ARG A 11 32.25 -0.86 -15.53
C ARG A 11 33.45 -0.63 -16.45
N ILE A 12 34.64 -0.44 -15.87
CA ILE A 12 35.83 -0.31 -16.69
C ILE A 12 36.23 -1.65 -17.30
N GLN A 13 35.81 -2.77 -16.71
CA GLN A 13 36.04 -4.07 -17.33
C GLN A 13 35.24 -4.22 -18.62
N GLN A 14 33.93 -3.96 -18.56
CA GLN A 14 33.09 -4.06 -19.75
C GLN A 14 33.45 -2.99 -20.78
N LEU A 15 33.83 -1.80 -20.31
CA LEU A 15 34.21 -0.75 -21.23
C LEU A 15 35.56 -1.04 -21.88
N GLU A 16 36.45 -1.74 -21.17
CA GLU A 16 37.71 -2.16 -21.76
C GLU A 16 37.50 -3.26 -22.79
N LYS A 17 36.53 -4.14 -22.54
CA LYS A 17 36.21 -5.18 -23.53
C LYS A 17 35.66 -4.56 -24.81
N GLU A 18 34.75 -3.58 -24.67
CA GLU A 18 34.26 -2.87 -25.85
C GLU A 18 35.38 -2.07 -26.51
N HIS A 19 36.32 -1.56 -25.71
CA HIS A 19 37.46 -0.80 -26.22
C HIS A 19 38.36 -1.66 -27.09
N VAL A 20 38.66 -2.88 -26.64
CA VAL A 20 39.58 -3.71 -27.42
C VAL A 20 38.87 -4.32 -28.61
N GLU A 21 37.54 -4.51 -28.50
CA GLU A 21 36.77 -4.96 -29.66
C GLU A 21 36.77 -3.91 -30.77
N VAL A 22 36.50 -2.65 -30.41
CA VAL A 22 36.55 -1.62 -31.44
C VAL A 22 37.98 -1.28 -31.85
N TYR A 23 39.00 -1.61 -31.04
CA TYR A 23 40.37 -1.42 -31.47
C TYR A 23 40.75 -2.44 -32.55
N ARG A 24 40.38 -3.70 -32.35
CA ARG A 24 40.59 -4.72 -33.39
C ARG A 24 39.81 -4.38 -34.65
N GLU A 25 38.57 -3.88 -34.48
CA GLU A 25 37.77 -3.46 -35.62
C GLU A 25 38.41 -2.29 -36.37
N LEU A 26 38.99 -1.34 -35.61
CA LEU A 26 39.66 -0.21 -36.24
C LEU A 26 40.89 -0.65 -37.01
N LEU A 27 41.64 -1.62 -36.47
CA LEU A 27 42.84 -2.09 -37.16
C LEU A 27 42.48 -2.80 -38.46
N ILE A 28 41.48 -3.69 -38.42
CA ILE A 28 41.14 -4.42 -39.65
C ILE A 28 40.47 -3.50 -40.67
N THR A 29 39.70 -2.51 -40.21
CA THR A 29 39.07 -1.60 -41.16
C THR A 29 40.05 -0.61 -41.76
N LEU A 30 41.07 -0.19 -41.00
CA LEU A 30 42.11 0.65 -41.59
C LEU A 30 42.95 -0.13 -42.59
N ASP A 31 43.18 -1.43 -42.31
CA ASP A 31 43.88 -2.26 -43.28
C ASP A 31 43.08 -2.40 -44.57
N ARG A 32 41.77 -2.65 -44.46
CA ARG A 32 40.92 -2.74 -45.64
C ARG A 32 40.81 -1.39 -46.35
N LEU A 33 40.86 -0.29 -45.59
CA LEU A 33 40.82 1.04 -46.19
C LEU A 33 42.08 1.30 -47.00
N TYR A 34 43.25 0.89 -46.49
CA TYR A 34 44.48 1.03 -47.26
C TYR A 34 44.45 0.17 -48.49
N LEU A 35 43.87 -1.03 -48.39
CA LEU A 35 43.73 -1.91 -49.56
C LEU A 35 42.83 -1.30 -50.62
N ILE A 36 41.73 -0.66 -50.21
CA ILE A 36 40.82 -0.08 -51.18
C ILE A 36 41.39 1.19 -51.79
N ARG A 37 41.80 2.14 -50.94
CA ARG A 37 42.27 3.43 -51.41
C ARG A 37 43.68 3.38 -52.01
N ARG A 38 44.40 2.27 -51.86
CA ARG A 38 45.67 2.14 -52.54
C ARG A 38 45.50 2.02 -54.05
N HIS A 39 44.37 1.44 -54.48
CA HIS A 39 44.05 1.36 -55.91
C HIS A 39 42.54 1.34 -56.03
N ASN A 40 41.95 2.50 -56.30
CA ASN A 40 40.51 2.70 -56.52
C ASN A 40 39.63 2.18 -55.38
N LEU A 45 42.62 -10.06 -50.28
CA LEU A 45 41.62 -10.68 -51.14
C LEU A 45 41.94 -12.14 -51.41
N SER A 46 42.68 -12.76 -50.47
CA SER A 46 43.01 -14.17 -50.55
C SER A 46 43.16 -14.71 -49.14
N HIS A 47 43.47 -16.00 -49.04
CA HIS A 47 43.56 -16.63 -47.72
C HIS A 47 44.88 -16.30 -47.03
N THR A 48 45.99 -16.46 -47.75
CA THR A 48 47.31 -16.25 -47.16
C THR A 48 47.52 -14.79 -46.81
N GLN A 49 46.99 -13.88 -47.63
CA GLN A 49 47.09 -12.45 -47.34
C GLN A 49 46.29 -12.07 -46.10
N GLN A 50 45.10 -12.66 -45.95
CA GLN A 50 44.28 -12.42 -44.77
C GLN A 50 44.97 -12.94 -43.52
N ARG A 51 45.59 -14.12 -43.61
CA ARG A 51 46.34 -14.67 -42.49
C ARG A 51 47.55 -13.82 -42.16
N LEU A 52 48.18 -13.21 -43.16
CA LEU A 52 49.33 -12.34 -42.91
C LEU A 52 48.91 -11.07 -42.19
N LEU A 53 47.76 -10.50 -42.56
CA LEU A 53 47.25 -9.34 -41.82
C LEU A 53 46.85 -9.71 -40.39
N GLU A 54 46.33 -10.92 -40.19
CA GLU A 54 46.00 -11.37 -38.84
C GLU A 54 47.25 -11.52 -37.99
N ILE A 55 48.32 -12.07 -38.57
CA ILE A 55 49.61 -12.17 -37.87
C ILE A 55 50.18 -10.79 -37.55
N ARG A 56 50.00 -9.84 -38.47
CA ARG A 56 50.47 -8.47 -38.25
C ARG A 56 49.75 -7.81 -37.08
N HIS A 57 48.43 -7.98 -37.00
CA HIS A 57 47.70 -7.42 -35.88
C HIS A 57 48.03 -8.12 -34.57
N GLN A 58 48.31 -9.43 -34.63
CA GLN A 58 48.75 -10.14 -33.42
C GLN A 58 50.08 -9.61 -32.92
N LEU A 59 50.99 -9.29 -33.82
CA LEU A 59 52.28 -8.75 -33.41
C LEU A 59 52.14 -7.33 -32.86
N GLN A 60 51.20 -6.55 -33.41
CA GLN A 60 50.93 -5.21 -32.87
C GLN A 60 50.40 -5.27 -31.44
N ILE A 61 49.43 -6.16 -31.20
CA ILE A 61 48.88 -6.30 -29.84
C ILE A 61 49.94 -6.88 -28.91
N ASN A 62 50.83 -7.73 -29.43
CA ASN A 62 51.92 -8.29 -28.63
C ASN A 62 52.88 -7.21 -28.17
N LEU A 63 53.24 -6.30 -29.08
CA LEU A 63 54.16 -5.22 -28.74
C LEU A 63 53.51 -4.22 -27.79
N GLU A 64 52.21 -3.99 -27.93
CA GLU A 64 51.52 -3.11 -26.98
C GLU A 64 51.47 -3.74 -25.58
N LYS A 65 51.29 -5.07 -25.52
CA LYS A 65 51.32 -5.79 -24.24
C LYS A 65 52.67 -5.64 -23.57
N THR A 66 53.76 -5.90 -24.31
CA THR A 66 55.06 -5.84 -23.66
C THR A 66 55.50 -4.41 -23.38
N ALA A 67 54.97 -3.42 -24.11
CA ALA A 67 55.22 -2.02 -23.79
C ALA A 67 54.57 -1.64 -22.48
N LEU A 68 53.32 -2.09 -22.26
CA LEU A 68 52.67 -1.89 -20.97
C LEU A 68 53.43 -2.56 -19.84
N LEU A 69 53.94 -3.77 -20.08
CA LEU A 69 54.66 -4.49 -19.04
C LEU A 69 55.96 -3.78 -18.66
N ILE A 70 56.73 -3.33 -19.65
CA ILE A 70 57.97 -2.63 -19.32
C ILE A 70 57.72 -1.22 -18.80
N ARG A 71 56.55 -0.63 -19.07
CA ARG A 71 56.28 0.68 -18.51
C ARG A 71 55.80 0.59 -17.07
N LEU A 72 55.09 -0.49 -16.70
CA LEU A 72 54.58 -0.56 -15.35
C LEU A 72 55.56 -1.24 -14.39
N LEU A 73 56.24 -2.30 -14.82
CA LEU A 73 57.07 -3.04 -13.87
C LEU A 73 58.41 -2.36 -13.65
N GLU A 74 59.14 -2.09 -14.73
CA GLU A 74 60.45 -1.47 -14.61
C GLU A 74 60.34 0.05 -14.60
N ASN A 78 56.02 0.76 -7.56
CA ASN A 78 55.57 0.02 -6.39
C ASN A 78 54.53 0.82 -5.61
N THR A 79 53.45 0.11 -5.25
CA THR A 79 52.34 0.64 -4.43
C THR A 79 51.68 1.87 -5.06
N ASN A 80 51.65 1.94 -6.39
CA ASN A 80 51.01 3.04 -7.08
C ASN A 80 49.55 2.71 -7.35
N VAL A 81 48.86 3.62 -8.01
CA VAL A 81 47.46 3.39 -8.37
C VAL A 81 47.39 2.40 -9.53
N LEU A 82 46.35 1.53 -9.48
CA LEU A 82 46.05 0.46 -10.45
C LEU A 82 47.27 -0.42 -10.77
N PHE A 83 48.17 -0.59 -9.82
CA PHE A 83 49.36 -1.41 -10.02
C PHE A 83 49.21 -2.81 -9.46
N THR A 84 48.70 -2.95 -8.23
CA THR A 84 48.60 -4.26 -7.60
C THR A 84 47.53 -5.13 -8.23
N LYS A 85 46.59 -4.53 -8.96
CA LYS A 85 45.62 -5.32 -9.71
C LYS A 85 46.30 -6.15 -10.79
N LEU A 86 47.18 -5.51 -11.58
CA LEU A 86 47.90 -6.22 -12.63
C LEU A 86 48.87 -7.24 -12.04
N GLN A 87 49.50 -6.91 -10.91
CA GLN A 87 50.45 -7.84 -10.30
C GLN A 87 49.75 -9.07 -9.74
N ASN A 88 48.62 -8.86 -9.05
CA ASN A 88 47.86 -10.00 -8.54
C ASN A 88 47.22 -10.81 -9.66
N LEU A 89 46.84 -10.14 -10.75
CA LEU A 89 46.30 -10.85 -11.91
C LEU A 89 47.35 -11.73 -12.58
N LEU A 90 48.57 -11.20 -12.74
CA LEU A 90 49.65 -11.98 -13.33
C LEU A 90 50.11 -13.09 -12.39
N GLU A 91 49.96 -12.90 -11.07
CA GLU A 91 50.26 -13.99 -10.16
C GLU A 91 49.20 -15.08 -10.21
N GLU A 92 47.94 -14.69 -10.38
CA GLU A 92 46.84 -15.64 -10.30
C GLU A 92 46.54 -16.36 -11.61
N SER A 93 46.98 -15.81 -12.75
CA SER A 93 46.62 -16.41 -14.03
C SER A 93 47.37 -17.72 -14.30
N ASN A 94 48.56 -17.89 -13.74
CA ASN A 94 49.43 -19.01 -14.08
C ASN A 94 49.54 -20.02 -12.95
N SER A 95 48.43 -20.28 -12.25
CA SER A 95 48.41 -21.23 -11.16
C SER A 95 47.71 -22.52 -11.53
N LEU A 96 47.43 -22.74 -12.82
CA LEU A 96 46.64 -23.88 -13.24
C LEU A 96 47.23 -24.67 -14.41
N ASP A 97 48.42 -24.32 -14.88
CA ASP A 97 48.99 -24.96 -16.06
C ASP A 97 49.36 -26.41 -15.80
N TYR A 98 49.92 -26.68 -14.63
CA TYR A 98 50.26 -28.05 -14.25
C TYR A 98 49.01 -28.91 -14.10
N GLU A 99 47.93 -28.34 -13.55
CA GLU A 99 46.67 -29.07 -13.44
C GLU A 99 46.06 -29.34 -14.80
N LEU A 100 46.18 -28.39 -15.73
CA LEU A 100 45.66 -28.59 -17.09
C LEU A 100 46.42 -29.70 -17.81
N LEU A 101 47.75 -29.71 -17.69
CA LEU A 101 48.54 -30.75 -18.35
C LEU A 101 48.31 -32.12 -17.73
N GLN A 102 48.16 -32.17 -16.40
CA GLN A 102 47.86 -33.44 -15.74
C GLN A 102 46.48 -33.96 -16.14
N SER A 103 45.50 -33.05 -16.28
CA SER A 103 44.16 -33.46 -16.69
C SER A 103 44.16 -33.96 -18.13
N LEU A 104 44.93 -33.32 -19.01
CA LEU A 104 44.99 -33.77 -20.40
C LEU A 104 45.69 -35.12 -20.51
N GLY A 105 46.73 -35.33 -19.70
CA GLY A 105 47.40 -36.62 -19.70
C GLY A 105 46.52 -37.74 -19.16
N ALA A 106 45.76 -37.47 -18.11
CA ALA A 106 44.82 -38.44 -17.59
C ALA A 106 43.71 -38.73 -18.59
N GLN A 107 43.30 -37.72 -19.35
CA GLN A 107 42.28 -37.91 -20.39
C GLN A 107 42.80 -38.81 -21.50
N SER A 108 44.06 -38.63 -21.91
CA SER A 108 44.64 -39.48 -22.94
C SER A 108 44.81 -40.91 -22.47
N SER A 109 45.21 -41.10 -21.20
CA SER A 109 45.35 -42.45 -20.65
C SER A 109 44.00 -43.15 -20.54
N LEU A 110 42.96 -42.42 -20.14
CA LEU A 110 41.62 -42.99 -20.06
C LEU A 110 41.09 -43.37 -21.43
N HIS A 111 41.40 -42.56 -22.45
CA HIS A 111 40.97 -42.90 -23.80
C HIS A 111 41.69 -44.14 -24.31
N LYS A 112 42.97 -44.30 -23.97
CA LYS A 112 43.69 -45.49 -24.41
C LYS A 112 43.17 -46.75 -23.73
N GLN A 113 42.83 -46.64 -22.44
CA GLN A 113 42.25 -47.78 -21.74
C GLN A 113 40.86 -48.12 -22.29
N LEU A 114 40.10 -47.11 -22.68
CA LEU A 114 38.80 -47.36 -23.31
C LEU A 114 38.95 -48.01 -24.68
N ILE A 115 40.00 -47.65 -25.43
CA ILE A 115 40.28 -48.31 -26.70
C ILE A 115 40.59 -49.78 -26.48
N GLU A 116 41.40 -50.10 -25.46
CA GLU A 116 41.74 -51.49 -25.17
C GLU A 116 40.51 -52.30 -24.76
N SER A 117 39.66 -51.71 -23.90
CA SER A 117 38.45 -52.40 -23.46
C SER A 117 37.46 -52.61 -24.61
N ARG A 118 37.32 -51.61 -25.49
CA ARG A 118 36.39 -51.75 -26.61
C ARG A 118 36.89 -52.78 -27.62
N ALA A 119 38.20 -52.85 -27.84
CA ALA A 119 38.74 -53.84 -28.77
C ALA A 119 38.57 -55.25 -28.24
N GLU A 120 38.78 -55.43 -26.92
CA GLU A 120 38.54 -56.72 -26.29
C GLU A 120 37.07 -57.12 -26.38
N ARG A 121 36.17 -56.15 -26.16
CA ARG A 121 34.74 -56.44 -26.23
C ARG A 121 34.28 -56.74 -27.66
N ASP A 122 34.88 -56.10 -28.65
CA ASP A 122 34.49 -56.37 -30.03
C ASP A 122 34.98 -57.76 -30.47
N GLU A 123 36.19 -58.14 -30.06
CA GLU A 123 36.68 -59.50 -30.37
C GLU A 123 35.81 -60.55 -29.67
N LEU A 124 35.45 -60.30 -28.42
CA LEU A 124 34.60 -61.24 -27.68
C LEU A 124 33.21 -61.33 -28.27
N MET A 125 32.65 -60.20 -28.73
CA MET A 125 31.31 -60.21 -29.30
C MET A 125 31.29 -60.91 -30.65
N SER A 126 32.33 -60.73 -31.45
CA SER A 126 32.41 -61.47 -32.72
C SER A 126 32.55 -62.97 -32.47
N LYS A 127 33.31 -63.35 -31.45
CA LYS A 127 33.45 -64.76 -31.10
C LYS A 127 32.14 -65.35 -30.62
N LEU A 128 31.39 -64.61 -29.80
CA LEU A 128 30.11 -65.11 -29.32
C LEU A 128 29.06 -65.17 -30.41
N ILE A 129 29.11 -64.24 -31.37
CA ILE A 129 28.17 -64.30 -32.50
C ILE A 129 28.45 -65.51 -33.37
N GLU A 130 29.73 -65.78 -33.65
CA GLU A 130 30.08 -66.96 -34.44
C GLU A 130 29.74 -68.25 -33.71
N LEU A 131 29.96 -68.29 -32.40
CA LEU A 131 29.69 -69.51 -31.64
C LEU A 131 28.19 -69.75 -31.49
N SER A 132 27.40 -68.71 -31.22
CA SER A 132 25.96 -68.91 -31.10
C SER A 132 25.28 -69.05 -32.45
N SER A 133 25.95 -68.69 -33.55
CA SER A 133 25.41 -69.01 -34.86
C SER A 133 25.71 -70.46 -35.23
N LYS A 134 26.89 -70.96 -34.86
CA LYS A 134 27.19 -72.37 -35.03
C LYS A 134 26.38 -73.25 -34.08
N PHE A 135 25.95 -72.71 -32.95
CA PHE A 135 25.20 -73.44 -31.95
C PHE A 135 23.77 -73.73 -32.38
N PRO A 136 23.22 -72.94 -33.29
CA PRO A 136 21.86 -73.14 -33.75
C PRO A 136 21.73 -74.38 -34.63
N UNK B 1 13.02 -62.42 -23.93
CA UNK B 1 11.84 -61.64 -23.62
C UNK B 1 11.54 -60.64 -24.73
N UNK B 2 10.60 -59.74 -24.49
CA UNK B 2 10.22 -58.74 -25.48
C UNK B 2 10.12 -57.32 -24.93
N UNK B 3 9.96 -57.13 -23.62
CA UNK B 3 9.79 -55.81 -23.03
C UNK B 3 11.16 -55.15 -22.90
N UNK B 4 11.44 -54.20 -23.79
CA UNK B 4 12.73 -53.52 -23.79
C UNK B 4 12.88 -52.55 -22.62
N UNK B 5 11.81 -51.83 -22.28
CA UNK B 5 11.89 -50.81 -21.24
C UNK B 5 12.06 -51.41 -19.85
N UNK B 6 11.68 -52.66 -19.65
CA UNK B 6 11.95 -53.31 -18.37
C UNK B 6 13.38 -53.80 -18.27
N UNK B 7 14.06 -54.00 -19.40
CA UNK B 7 15.41 -54.56 -19.38
C UNK B 7 16.44 -53.48 -19.13
N UNK B 8 16.52 -52.49 -20.02
CA UNK B 8 17.63 -51.55 -20.10
C UNK B 8 17.30 -50.18 -19.52
N UNK B 9 16.55 -50.13 -18.42
CA UNK B 9 16.20 -48.86 -17.81
C UNK B 9 17.07 -48.49 -16.62
N UNK B 10 17.55 -49.49 -15.87
CA UNK B 10 18.36 -49.34 -14.65
C UNK B 10 17.74 -48.41 -13.61
N UNK B 11 19.55 -62.58 -7.13
CA UNK B 11 18.46 -62.83 -8.06
C UNK B 11 18.69 -62.10 -9.38
N SER B 12 19.18 -60.87 -9.29
CA SER B 12 19.45 -60.01 -10.44
C SER B 12 20.94 -59.92 -10.74
N LEU B 13 21.66 -61.04 -10.61
CA LEU B 13 23.10 -61.03 -10.82
C LEU B 13 23.44 -60.83 -12.30
N LYS B 14 22.72 -61.50 -13.19
CA LYS B 14 22.93 -61.35 -14.62
C LYS B 14 22.09 -60.22 -15.23
N HIS B 15 21.64 -59.27 -14.41
CA HIS B 15 20.89 -58.13 -14.91
C HIS B 15 21.79 -57.17 -15.68
N LEU B 16 23.08 -57.13 -15.34
CA LEU B 16 24.02 -56.23 -15.99
C LEU B 16 24.30 -56.62 -17.43
N TYR B 17 24.13 -57.88 -17.80
CA TYR B 17 24.52 -58.37 -19.10
C TYR B 17 23.34 -58.71 -20.00
N SER B 18 22.11 -58.34 -19.62
CA SER B 18 20.94 -58.69 -20.42
C SER B 18 20.89 -57.92 -21.73
N SER B 19 21.36 -56.67 -21.73
CA SER B 19 21.37 -55.82 -22.91
C SER B 19 22.42 -56.22 -23.94
N ILE B 20 23.18 -57.28 -23.68
CA ILE B 20 24.18 -57.77 -24.61
C ILE B 20 23.82 -59.15 -25.13
N ILE B 21 23.28 -60.01 -24.26
CA ILE B 21 22.71 -61.29 -24.71
C ILE B 21 21.49 -61.04 -25.59
N LEU B 22 20.75 -59.97 -25.33
CA LEU B 22 19.62 -59.61 -26.19
C LEU B 22 20.07 -59.24 -27.60
N ILE B 23 21.28 -58.71 -27.74
CA ILE B 23 21.83 -58.46 -29.07
C ILE B 23 22.47 -59.73 -29.64
N LYS B 24 23.10 -60.55 -28.80
CA LYS B 24 23.82 -61.72 -29.28
C LYS B 24 22.87 -62.80 -29.78
N ASN B 25 21.68 -62.90 -29.20
CA ASN B 25 20.69 -63.84 -29.73
C ASN B 25 20.12 -63.36 -31.05
N SER B 26 20.03 -62.05 -31.26
CA SER B 26 19.51 -61.49 -32.50
C SER B 26 20.57 -61.32 -33.57
N ARG B 27 21.85 -61.57 -33.24
CA ARG B 27 22.98 -61.59 -34.17
C ARG B 27 23.18 -60.23 -34.86
N ASP B 28 23.19 -59.16 -34.05
CA ASP B 28 23.53 -57.80 -34.45
C ASP B 28 22.62 -57.25 -35.55
N GLU B 29 21.38 -57.72 -35.61
CA GLU B 29 20.43 -57.18 -36.56
C GLU B 29 19.82 -55.89 -36.01
N SER B 30 18.92 -55.26 -36.78
CA SER B 30 18.26 -54.03 -36.34
C SER B 30 17.23 -54.38 -35.27
N SER B 31 17.73 -54.65 -34.07
CA SER B 31 17.00 -55.29 -33.00
C SER B 31 16.46 -54.25 -32.03
N SER B 32 16.00 -54.73 -30.87
CA SER B 32 15.30 -53.92 -29.89
C SER B 32 16.15 -52.96 -29.05
N PRO B 33 17.36 -53.29 -28.58
CA PRO B 33 18.15 -52.26 -27.87
C PRO B 33 18.58 -51.10 -28.75
N TYR B 34 18.85 -51.33 -30.04
CA TYR B 34 19.19 -50.21 -30.92
C TYR B 34 18.03 -49.24 -31.06
N GLU B 35 16.82 -49.79 -31.27
CA GLU B 35 15.62 -48.96 -31.36
C GLU B 35 15.34 -48.26 -30.05
N TRP B 36 15.63 -48.91 -28.91
CA TRP B 36 15.42 -48.24 -27.63
C TRP B 36 16.38 -47.08 -27.43
N CYS B 37 17.66 -47.25 -27.77
CA CYS B 37 18.60 -46.14 -27.61
C CYS B 37 18.31 -45.00 -28.57
N ILE B 38 17.94 -45.30 -29.81
CA ILE B 38 17.64 -44.24 -30.76
C ILE B 38 16.35 -43.51 -30.37
N TRP B 39 15.37 -44.24 -29.84
CA TRP B 39 14.13 -43.58 -29.45
C TRP B 39 14.31 -42.74 -28.19
N GLN B 40 15.06 -43.23 -27.21
CA GLN B 40 15.32 -42.44 -26.03
C GLN B 40 16.19 -41.24 -26.35
N LEU B 41 17.06 -41.35 -27.34
CA LEU B 41 17.88 -40.20 -27.73
C LEU B 41 17.06 -39.17 -28.49
N LYS B 42 16.10 -39.62 -29.30
CA LYS B 42 15.19 -38.69 -29.96
C LYS B 42 14.31 -37.96 -28.96
N ARG B 43 13.81 -38.68 -27.95
CA ARG B 43 13.03 -38.07 -26.88
C ARG B 43 13.89 -37.13 -26.05
N CYS B 44 15.19 -37.44 -25.92
CA CYS B 44 16.11 -36.55 -25.23
C CYS B 44 16.33 -35.26 -26.00
N PHE B 45 16.40 -35.34 -27.33
CA PHE B 45 16.64 -34.14 -28.11
C PHE B 45 15.39 -33.29 -28.26
N ALA B 46 14.21 -33.90 -28.25
CA ALA B 46 12.97 -33.15 -28.43
C ALA B 46 12.39 -32.63 -27.11
N HIS B 47 13.17 -32.70 -26.03
CA HIS B 47 12.83 -32.13 -24.71
C HIS B 47 11.56 -32.72 -24.12
N GLN B 48 11.24 -33.96 -24.45
CA GLN B 48 10.07 -34.63 -23.89
C GLN B 48 10.41 -35.51 -22.70
N ILE B 49 11.64 -35.43 -22.20
CA ILE B 49 12.08 -36.28 -21.11
C ILE B 49 12.13 -35.45 -19.84
N GLU B 50 12.03 -36.13 -18.69
CA GLU B 50 12.06 -35.44 -17.41
C GLU B 50 13.50 -35.06 -17.04
N THR B 51 14.37 -36.06 -16.87
CA THR B 51 15.78 -35.81 -16.65
C THR B 51 16.62 -36.50 -17.70
N PRO B 52 17.37 -35.76 -18.53
CA PRO B 52 18.20 -36.40 -19.55
C PRO B 52 19.41 -37.12 -19.01
N GLN B 53 19.87 -36.79 -17.81
CA GLN B 53 21.06 -37.39 -17.24
C GLN B 53 20.80 -38.74 -16.59
N GLU B 54 19.56 -39.21 -16.60
CA GLU B 54 19.25 -40.57 -16.18
C GLU B 54 19.16 -41.55 -17.33
N VAL B 55 19.25 -41.05 -18.57
CA VAL B 55 19.17 -41.87 -19.76
C VAL B 55 20.45 -41.76 -20.60
N ILE B 56 21.00 -40.54 -20.70
CA ILE B 56 22.22 -40.32 -21.52
C ILE B 56 23.42 -41.18 -21.12
N PRO B 57 23.73 -41.43 -19.83
CA PRO B 57 24.79 -42.41 -19.54
C PRO B 57 24.48 -43.83 -20.00
N ILE B 58 23.20 -44.22 -20.04
CA ILE B 58 22.86 -45.56 -20.52
C ILE B 58 23.09 -45.66 -22.02
N ILE B 59 22.70 -44.62 -22.77
CA ILE B 59 22.92 -44.57 -24.22
C ILE B 59 24.41 -44.57 -24.53
N ILE B 60 25.18 -43.82 -23.74
CA ILE B 60 26.62 -43.74 -23.95
C ILE B 60 27.29 -45.09 -23.64
N SER B 61 26.91 -45.72 -22.53
CA SER B 61 27.50 -47.00 -22.16
C SER B 61 27.07 -48.14 -23.07
N VAL B 62 25.94 -48.00 -23.77
CA VAL B 62 25.59 -49.00 -24.77
C VAL B 62 26.33 -48.74 -26.07
N SER B 63 26.32 -47.50 -26.55
CA SER B 63 26.87 -47.17 -27.85
C SER B 63 28.36 -46.86 -27.82
N SER B 64 29.03 -47.06 -26.69
CA SER B 64 30.49 -46.97 -26.69
C SER B 64 31.09 -48.12 -27.49
N MET B 65 30.55 -49.32 -27.31
CA MET B 65 30.80 -50.44 -28.19
C MET B 65 29.68 -50.48 -29.22
N ASP B 66 29.61 -51.57 -29.99
CA ASP B 66 28.59 -51.81 -31.01
C ASP B 66 28.60 -50.70 -32.07
N ASN B 67 29.65 -50.74 -32.90
CA ASN B 67 29.93 -49.77 -33.95
C ASN B 67 28.75 -49.51 -34.89
N LYS B 68 27.82 -50.45 -35.04
CA LYS B 68 26.64 -50.21 -35.88
C LYS B 68 25.75 -49.12 -35.30
N LEU B 69 25.48 -49.19 -33.99
CA LEU B 69 24.62 -48.20 -33.34
C LEU B 69 25.28 -46.84 -33.30
N SER B 70 26.59 -46.81 -33.04
CA SER B 70 27.32 -45.54 -33.05
C SER B 70 27.38 -44.94 -34.44
N SER B 71 27.51 -45.78 -35.47
CA SER B 71 27.48 -45.29 -36.84
C SER B 71 26.12 -44.73 -37.21
N ARG B 72 25.04 -45.36 -36.74
CA ARG B 72 23.71 -44.84 -37.05
C ARG B 72 23.44 -43.54 -36.30
N ILE B 73 23.92 -43.42 -35.05
CA ILE B 73 23.71 -42.20 -34.28
C ILE B 73 24.49 -41.04 -34.90
N ILE B 74 25.74 -41.30 -35.31
CA ILE B 74 26.52 -40.28 -36.00
C ILE B 74 25.89 -39.94 -37.36
N GLN B 75 25.24 -40.91 -37.99
CA GLN B 75 24.60 -40.68 -39.29
C GLN B 75 23.40 -39.76 -39.18
N THR B 76 22.50 -40.00 -38.21
CA THR B 76 21.26 -39.24 -38.19
C THR B 76 21.13 -38.31 -36.98
N PHE B 77 22.19 -38.03 -36.25
CA PHE B 77 22.06 -37.10 -35.13
C PHE B 77 23.11 -36.01 -35.16
N CYS B 78 24.29 -36.31 -35.70
CA CYS B 78 25.38 -35.33 -35.75
C CYS B 78 25.13 -34.40 -36.93
N ASN B 79 24.23 -33.44 -36.70
CA ASN B 79 23.80 -32.53 -37.75
C ASN B 79 23.54 -31.16 -37.13
N LEU B 80 23.13 -30.23 -37.97
CA LEU B 80 22.82 -28.88 -37.52
C LEU B 80 21.42 -28.79 -36.92
N LYS B 81 20.47 -29.53 -37.51
CA LYS B 81 19.07 -29.41 -37.12
C LYS B 81 18.82 -29.99 -35.74
N TYR B 82 19.65 -30.93 -35.31
CA TYR B 82 19.60 -31.41 -33.93
C TYR B 82 20.56 -30.64 -33.03
N LEU B 83 21.50 -29.90 -33.62
CA LEU B 83 22.35 -29.03 -32.81
C LEU B 83 21.57 -27.84 -32.29
N LYS B 84 20.67 -27.29 -33.12
CA LYS B 84 19.90 -26.12 -32.71
C LYS B 84 18.91 -26.42 -31.60
N LEU B 85 18.50 -27.68 -31.44
CA LEU B 85 17.51 -28.01 -30.42
C LEU B 85 18.13 -28.04 -29.02
N ASP B 86 19.10 -28.92 -28.81
CA ASP B 86 19.75 -29.04 -27.50
C ASP B 86 21.21 -29.41 -27.75
N GLU B 87 22.09 -28.43 -27.66
CA GLU B 87 23.51 -28.64 -27.94
C GLU B 87 24.26 -29.29 -26.79
N LEU B 88 23.74 -29.20 -25.56
CA LEU B 88 24.41 -29.79 -24.41
C LEU B 88 24.40 -31.32 -24.50
N THR B 89 23.22 -31.88 -24.81
CA THR B 89 23.12 -33.33 -24.94
C THR B 89 23.85 -33.81 -26.20
N LEU B 90 23.94 -32.98 -27.22
CA LEU B 90 24.75 -33.31 -28.39
C LEU B 90 26.23 -33.35 -28.02
N LYS B 91 26.67 -32.44 -27.14
CA LYS B 91 28.04 -32.47 -26.65
C LYS B 91 28.29 -33.74 -25.83
N LYS B 92 27.33 -34.14 -25.00
CA LYS B 92 27.50 -35.35 -24.19
C LYS B 92 27.53 -36.60 -25.07
N VAL B 93 26.66 -36.66 -26.07
CA VAL B 93 26.60 -37.80 -26.96
C VAL B 93 27.86 -37.90 -27.82
N CYS B 94 28.35 -36.75 -28.31
CA CYS B 94 29.59 -36.77 -29.09
C CYS B 94 30.80 -37.07 -28.22
N GLY B 95 30.78 -36.66 -26.96
CA GLY B 95 31.85 -37.04 -26.06
C GLY B 95 31.86 -38.51 -25.72
N GLY B 96 30.68 -39.12 -25.66
CA GLY B 96 30.62 -40.54 -25.38
C GLY B 96 30.71 -41.45 -26.57
N ILE B 97 30.56 -40.94 -27.79
CA ILE B 97 30.37 -41.76 -28.98
C ILE B 97 31.49 -41.56 -29.99
N LEU B 98 31.81 -40.31 -30.31
CA LEU B 98 32.85 -40.02 -31.30
C LEU B 98 34.26 -40.53 -30.98
N PRO B 99 34.81 -40.48 -29.76
CA PRO B 99 36.19 -40.95 -29.58
C PRO B 99 36.38 -42.46 -29.58
N LEU B 100 35.41 -43.25 -30.03
CA LEU B 100 35.57 -44.69 -30.11
C LEU B 100 34.96 -45.26 -31.39
N TRP B 101 34.93 -44.46 -32.46
CA TRP B 101 34.09 -44.84 -33.60
C TRP B 101 34.74 -45.89 -34.49
N LYS B 102 35.87 -45.54 -35.14
CA LYS B 102 36.59 -46.36 -36.11
C LYS B 102 35.69 -46.86 -37.24
N PRO B 103 35.29 -46.01 -38.18
CA PRO B 103 34.33 -46.41 -39.20
C PRO B 103 34.98 -47.25 -40.29
N GLU B 104 34.44 -48.45 -40.50
CA GLU B 104 34.85 -49.30 -41.61
C GLU B 104 33.88 -49.23 -42.77
N LEU B 105 33.05 -48.18 -42.82
CA LEU B 105 31.94 -48.16 -43.77
C LEU B 105 32.36 -47.67 -45.15
N ILE B 106 32.79 -46.42 -45.25
CA ILE B 106 32.84 -45.76 -46.55
C ILE B 106 34.21 -45.20 -46.87
N SER B 107 34.82 -44.53 -45.89
CA SER B 107 36.05 -43.72 -46.05
C SER B 107 35.87 -42.61 -47.09
N GLY B 108 34.81 -41.81 -46.92
CA GLY B 108 34.64 -40.53 -47.59
C GLY B 108 34.12 -39.53 -46.58
N THR B 109 33.85 -40.08 -45.38
CA THR B 109 33.14 -39.37 -44.32
C THR B 109 33.88 -38.16 -43.78
N ARG B 110 35.19 -38.05 -44.08
CA ARG B 110 35.97 -36.83 -43.87
C ARG B 110 35.23 -35.60 -44.32
N GLU B 111 34.71 -35.63 -45.56
CA GLU B 111 33.95 -34.50 -46.08
C GLU B 111 32.72 -34.24 -45.23
N PHE B 112 32.03 -35.33 -44.85
CA PHE B 112 30.89 -35.26 -43.93
C PHE B 112 31.28 -34.56 -42.64
N PHE B 113 32.45 -34.94 -42.08
CA PHE B 113 32.89 -34.37 -40.82
C PHE B 113 33.14 -32.89 -40.94
N VAL B 114 33.74 -32.45 -42.05
CA VAL B 114 34.07 -31.04 -42.11
C VAL B 114 32.80 -30.24 -42.33
N LYS B 115 31.79 -30.86 -42.94
CA LYS B 115 30.47 -30.23 -43.04
C LYS B 115 29.90 -30.02 -41.65
N PHE B 116 29.95 -31.06 -40.82
CA PHE B 116 29.57 -30.94 -39.42
C PHE B 116 30.48 -29.93 -38.72
N MET B 117 31.78 -29.99 -39.01
CA MET B 117 32.66 -29.08 -38.32
C MET B 117 32.62 -27.69 -38.91
N ALA B 118 32.01 -27.52 -40.08
CA ALA B 118 31.67 -26.16 -40.47
C ALA B 118 30.52 -25.66 -39.62
N SER B 119 29.46 -26.47 -39.51
CA SER B 119 28.14 -25.98 -39.15
C SER B 119 28.10 -25.49 -37.70
N ILE B 120 28.61 -26.33 -36.78
CA ILE B 120 28.66 -25.95 -35.38
C ILE B 120 29.57 -24.75 -35.18
N PHE B 121 30.64 -24.64 -35.97
CA PHE B 121 31.50 -23.47 -35.90
C PHE B 121 30.74 -22.24 -36.37
N MET B 122 29.94 -22.38 -37.43
CA MET B 122 29.08 -21.29 -37.86
C MET B 122 28.06 -20.95 -36.79
N TRP B 123 27.55 -21.96 -36.08
CA TRP B 123 26.62 -21.70 -35.00
C TRP B 123 27.32 -21.01 -33.84
N SER B 124 28.64 -21.24 -33.68
CA SER B 124 29.39 -20.51 -32.67
C SER B 124 29.49 -19.04 -33.02
N THR B 125 29.50 -18.71 -34.31
CA THR B 125 29.49 -17.30 -34.70
C THR B 125 28.09 -16.70 -34.64
N ARG B 126 27.09 -17.47 -34.20
CA ARG B 126 25.83 -16.90 -33.76
C ARG B 126 25.91 -16.39 -32.32
N ASP B 127 27.07 -16.53 -31.66
CA ASP B 127 27.25 -15.93 -30.36
C ASP B 127 27.28 -14.41 -30.44
N GLY B 128 27.77 -13.86 -31.54
CA GLY B 128 27.79 -12.43 -31.75
C GLY B 128 26.72 -11.98 -32.73
N ASN B 131 31.54 -16.21 -28.03
CA ASN B 131 31.79 -16.85 -26.75
C ASN B 131 30.81 -17.99 -26.52
N ASN B 132 30.56 -18.79 -27.56
CA ASN B 132 29.60 -19.87 -27.48
C ASN B 132 30.12 -21.06 -26.66
N CYS B 133 31.45 -21.16 -26.52
CA CYS B 133 32.19 -22.17 -25.72
C CYS B 133 31.70 -23.59 -25.94
N THR B 134 31.37 -23.92 -27.19
CA THR B 134 30.91 -25.26 -27.55
C THR B 134 31.54 -25.80 -28.81
N PHE B 135 32.28 -25.01 -29.57
CA PHE B 135 32.96 -25.55 -30.74
C PHE B 135 34.19 -26.34 -30.34
N SER B 136 34.92 -25.85 -29.32
CA SER B 136 36.18 -26.47 -28.97
C SER B 136 36.01 -27.79 -28.24
N GLU B 137 34.87 -27.99 -27.57
CA GLU B 137 34.64 -29.26 -26.89
C GLU B 137 34.43 -30.39 -27.88
N THR B 138 33.55 -30.18 -28.87
CA THR B 138 33.38 -31.20 -29.89
C THR B 138 34.58 -31.28 -30.82
N CYS B 139 35.39 -30.22 -30.91
CA CYS B 139 36.65 -30.31 -31.63
C CYS B 139 37.63 -31.21 -30.89
N PHE B 140 37.65 -31.11 -29.55
CA PHE B 140 38.50 -31.98 -28.75
C PHE B 140 38.05 -33.43 -28.85
N TYR B 141 36.74 -33.65 -28.92
CA TYR B 141 36.24 -35.02 -29.11
C TYR B 141 36.59 -35.56 -30.50
N VAL B 142 36.54 -34.70 -31.52
CA VAL B 142 36.93 -35.12 -32.86
C VAL B 142 38.42 -35.45 -32.90
N LEU B 143 39.25 -34.67 -32.20
CA LEU B 143 40.68 -34.98 -32.14
C LEU B 143 40.95 -36.25 -31.35
N GLN B 144 40.12 -36.54 -30.35
CA GLN B 144 40.24 -37.83 -29.68
C GLN B 144 39.84 -38.99 -30.59
N MET B 145 38.94 -38.74 -31.53
CA MET B 145 38.66 -39.76 -32.55
C MET B 145 39.85 -39.93 -33.49
N ILE B 146 40.51 -38.82 -33.84
CA ILE B 146 41.68 -38.86 -34.71
C ILE B 146 42.84 -39.59 -34.02
N THR B 147 42.86 -39.55 -32.67
CA THR B 147 43.86 -40.28 -31.90
C THR B 147 43.84 -41.77 -32.19
N ASN B 148 42.68 -42.39 -32.16
CA ASN B 148 42.62 -43.82 -32.48
C ASN B 148 42.51 -44.08 -33.97
N TRP B 149 42.23 -43.07 -34.79
CA TRP B 149 42.26 -43.29 -36.24
C TRP B 149 43.67 -43.54 -36.74
N VAL B 150 44.65 -42.80 -36.22
CA VAL B 150 46.04 -43.04 -36.61
C VAL B 150 46.65 -44.22 -35.87
N LEU B 151 45.99 -44.71 -34.82
CA LEU B 151 46.50 -45.88 -34.12
C LEU B 151 46.29 -47.16 -34.92
N ASP B 152 45.32 -47.19 -35.81
CA ASP B 152 45.13 -48.33 -36.69
C ASP B 152 46.04 -48.23 -37.90
N ASP B 153 46.28 -49.37 -38.54
CA ASP B 153 47.11 -49.39 -39.73
C ASP B 153 46.41 -48.77 -40.92
N LYS B 154 45.11 -49.05 -41.09
CA LYS B 154 44.34 -48.40 -42.11
C LYS B 154 43.91 -47.01 -41.64
N LEU B 155 43.38 -46.23 -42.58
CA LEU B 155 42.82 -44.88 -42.38
C LEU B 155 43.75 -43.94 -41.62
N ILE B 156 45.05 -44.04 -41.91
CA ILE B 156 46.00 -43.10 -41.34
C ILE B 156 46.00 -41.80 -42.12
N ALA B 157 45.90 -41.88 -43.46
CA ALA B 157 45.86 -40.68 -44.28
C ALA B 157 44.55 -39.94 -44.11
N LEU B 158 43.46 -40.66 -43.89
CA LEU B 158 42.16 -40.06 -43.63
C LEU B 158 42.16 -39.25 -42.35
N GLY B 159 42.64 -39.86 -41.26
CA GLY B 159 42.75 -39.15 -40.00
C GLY B 159 43.75 -38.01 -40.05
N LEU B 160 44.80 -38.15 -40.85
CA LEU B 160 45.80 -37.08 -40.94
C LEU B 160 45.26 -35.88 -41.69
N THR B 161 44.54 -36.09 -42.79
CA THR B 161 44.00 -34.93 -43.48
C THR B 161 42.83 -34.32 -42.72
N LEU B 162 42.10 -35.14 -41.94
CA LEU B 162 41.06 -34.57 -41.10
C LEU B 162 41.65 -33.74 -39.95
N LEU B 163 42.79 -34.19 -39.42
CA LEU B 163 43.52 -33.41 -38.43
C LEU B 163 44.02 -32.10 -39.02
N HIS B 164 44.44 -32.13 -40.28
CA HIS B 164 44.83 -30.88 -40.93
C HIS B 164 43.65 -29.95 -41.16
N ASP B 165 42.45 -30.50 -41.44
CA ASP B 165 41.26 -29.65 -41.49
C ASP B 165 40.93 -29.04 -40.13
N MET B 166 41.11 -29.82 -39.06
CA MET B 166 40.86 -29.28 -37.72
C MET B 166 41.85 -28.19 -37.36
N GLN B 167 43.11 -28.34 -37.77
CA GLN B 167 44.10 -27.31 -37.47
C GLN B 167 43.90 -26.07 -38.32
N SER B 168 43.42 -26.22 -39.56
CA SER B 168 43.10 -25.05 -40.36
C SER B 168 41.80 -24.39 -39.91
N LEU B 169 40.91 -25.13 -39.26
CA LEU B 169 39.64 -24.61 -38.80
C LEU B 169 39.71 -24.06 -37.38
N LEU B 170 40.75 -24.39 -36.62
CA LEU B 170 40.91 -23.92 -35.26
C LEU B 170 41.70 -22.62 -35.16
N THR B 171 42.03 -22.00 -36.29
CA THR B 171 43.01 -20.92 -36.31
C THR B 171 42.45 -19.66 -36.97
N LEU B 172 41.27 -19.25 -36.55
CA LEU B 172 40.68 -18.00 -37.03
C LEU B 172 40.69 -16.99 -35.88
N ASP B 173 40.53 -15.71 -36.25
CA ASP B 173 40.63 -14.65 -35.24
C ASP B 173 39.43 -14.64 -34.30
N LYS B 174 38.28 -15.13 -34.75
CA LYS B 174 37.12 -15.21 -33.87
C LYS B 174 37.28 -16.28 -32.81
N ILE B 175 38.14 -17.28 -33.05
CA ILE B 175 38.21 -18.41 -32.15
C ILE B 175 39.34 -18.18 -31.14
N PHE B 176 40.56 -17.98 -31.62
CA PHE B 176 41.62 -17.60 -30.69
C PHE B 176 42.51 -16.53 -31.32
N ASN B 177 42.90 -15.56 -30.49
CA ASN B 177 43.83 -14.49 -30.86
C ASN B 177 44.43 -13.97 -29.57
N ASN B 178 45.39 -13.05 -29.69
CA ASN B 178 46.10 -12.54 -28.52
C ASN B 178 45.27 -11.56 -27.69
N ALA B 179 44.21 -10.99 -28.27
CA ALA B 179 43.52 -9.88 -27.62
C ALA B 179 42.34 -10.35 -26.77
N THR B 180 41.34 -10.97 -27.39
CA THR B 180 40.09 -11.32 -26.71
C THR B 180 39.69 -12.72 -27.18
N SER B 181 40.10 -13.73 -26.42
CA SER B 181 39.86 -15.11 -26.81
C SER B 181 39.68 -15.96 -25.56
N ASN B 182 39.69 -17.29 -25.74
CA ASN B 182 39.65 -18.23 -24.65
C ASN B 182 40.86 -19.14 -24.74
N ARG B 183 41.07 -19.94 -23.71
CA ARG B 183 42.07 -20.99 -23.76
C ARG B 183 41.48 -22.32 -24.21
N PHE B 184 40.19 -22.34 -24.58
CA PHE B 184 39.56 -23.55 -25.10
C PHE B 184 40.24 -24.03 -26.38
N SER B 185 40.40 -23.12 -27.34
CA SER B 185 41.08 -23.44 -28.59
C SER B 185 42.55 -23.69 -28.40
N THR B 186 43.17 -23.08 -27.38
CA THR B 186 44.56 -23.38 -27.07
C THR B 186 44.70 -24.81 -26.56
N MET B 187 43.78 -25.27 -25.72
CA MET B 187 43.86 -26.65 -25.24
C MET B 187 43.54 -27.65 -26.36
N ALA B 188 42.61 -27.29 -27.25
CA ALA B 188 42.36 -28.15 -28.42
C ALA B 188 43.57 -28.20 -29.36
N PHE B 189 44.27 -27.07 -29.51
CA PHE B 189 45.43 -27.07 -30.39
C PHE B 189 46.62 -27.79 -29.78
N ILE B 190 46.81 -27.73 -28.45
CA ILE B 190 47.89 -28.50 -27.87
C ILE B 190 47.54 -29.98 -27.86
N SER B 191 46.25 -30.32 -27.85
CA SER B 191 45.88 -31.72 -28.04
C SER B 191 46.22 -32.20 -29.45
N SER B 192 45.96 -31.36 -30.45
CA SER B 192 46.32 -31.69 -31.83
C SER B 192 47.83 -31.84 -31.98
N LEU B 193 48.60 -30.93 -31.37
CA LEU B 193 50.05 -31.02 -31.47
C LEU B 193 50.60 -32.21 -30.70
N ASP B 194 49.95 -32.61 -29.60
CA ASP B 194 50.38 -33.82 -28.90
C ASP B 194 50.10 -35.07 -29.73
N ILE B 195 48.99 -35.06 -30.49
CA ILE B 195 48.76 -36.13 -31.46
C ILE B 195 49.87 -36.17 -32.49
N LEU B 196 50.32 -35.00 -32.94
CA LEU B 196 51.39 -34.96 -33.94
C LEU B 196 52.73 -35.43 -33.38
N THR B 197 53.03 -35.11 -32.11
CA THR B 197 54.25 -35.62 -31.49
C THR B 197 54.20 -37.12 -31.28
N GLN B 198 53.05 -37.64 -30.83
CA GLN B 198 52.92 -39.08 -30.66
C GLN B 198 52.94 -39.82 -31.99
N LEU B 199 52.60 -39.14 -33.09
CA LEU B 199 52.79 -39.78 -34.39
C LEU B 199 54.24 -39.71 -34.84
N SER B 200 54.93 -38.59 -34.59
CA SER B 200 56.31 -38.47 -35.04
C SER B 200 57.28 -39.32 -34.23
N LYS B 201 56.92 -39.69 -33.00
CA LYS B 201 57.78 -40.57 -32.23
C LYS B 201 57.71 -42.02 -32.68
N GLN B 202 56.76 -42.37 -33.54
CA GLN B 202 56.67 -43.73 -34.07
C GLN B 202 56.05 -43.73 -35.46
N ILE B 209 55.71 -39.23 -43.63
CA ILE B 209 54.78 -39.29 -44.75
C ILE B 209 54.50 -37.90 -45.29
N GLN B 210 55.20 -36.91 -44.71
CA GLN B 210 55.15 -35.50 -45.07
C GLN B 210 53.76 -34.88 -44.88
N TYR B 211 52.91 -35.50 -44.07
CA TYR B 211 51.67 -34.92 -43.60
C TYR B 211 51.85 -34.24 -42.26
N LEU B 212 53.09 -34.11 -41.79
CA LEU B 212 53.36 -33.68 -40.43
C LEU B 212 53.63 -32.20 -40.33
N ILE B 213 54.19 -31.59 -41.39
CA ILE B 213 54.40 -30.16 -41.41
C ILE B 213 53.06 -29.45 -41.50
N VAL B 214 52.82 -28.52 -40.59
CA VAL B 214 51.48 -27.93 -40.48
C VAL B 214 51.24 -26.86 -41.53
N GLY B 215 52.28 -26.20 -42.03
CA GLY B 215 52.12 -25.08 -42.92
C GLY B 215 52.55 -23.79 -42.25
N PRO B 216 53.04 -22.84 -43.05
CA PRO B 216 53.70 -21.66 -42.47
C PRO B 216 52.75 -20.68 -41.81
N ASP B 217 51.52 -20.54 -42.30
CA ASP B 217 50.59 -19.56 -41.75
C ASP B 217 50.10 -19.98 -40.38
N ILE B 218 49.72 -21.25 -40.23
CA ILE B 218 49.28 -21.79 -38.95
C ILE B 218 50.41 -21.73 -37.94
N MET B 219 51.63 -22.06 -38.38
CA MET B 219 52.76 -22.11 -37.46
C MET B 219 53.18 -20.72 -37.03
N ASN B 220 53.14 -19.75 -37.94
CA ASN B 220 53.47 -18.37 -37.57
C ASN B 220 52.42 -17.79 -36.63
N LYS B 221 51.14 -18.07 -36.88
CA LYS B 221 50.08 -17.56 -36.02
C LYS B 221 50.13 -18.22 -34.65
N VAL B 222 50.49 -19.49 -34.57
CA VAL B 222 50.52 -20.15 -33.27
C VAL B 222 51.79 -19.79 -32.51
N PHE B 223 52.85 -19.36 -33.22
CA PHE B 223 54.00 -18.78 -32.53
C PHE B 223 53.69 -17.40 -31.97
N SER B 224 52.99 -16.57 -32.74
CA SER B 224 52.79 -15.19 -32.32
C SER B 224 51.80 -15.03 -31.18
N SER B 225 51.03 -16.06 -30.85
CA SER B 225 50.06 -15.95 -29.78
C SER B 225 50.75 -15.96 -28.42
N ASP B 226 50.16 -15.22 -27.48
CA ASP B 226 50.77 -15.02 -26.16
C ASP B 226 50.18 -16.01 -25.16
N ASP B 227 50.45 -17.28 -25.40
CA ASP B 227 50.07 -18.34 -24.48
C ASP B 227 51.26 -19.26 -24.26
N PRO B 228 51.74 -19.40 -23.03
CA PRO B 228 53.01 -20.11 -22.81
C PRO B 228 52.90 -21.62 -22.93
N LEU B 229 51.73 -22.18 -22.60
CA LEU B 229 51.50 -23.61 -22.80
C LEU B 229 51.52 -23.96 -24.28
N LEU B 230 50.97 -23.05 -25.09
CA LEU B 230 50.96 -23.22 -26.52
C LEU B 230 52.36 -23.17 -27.11
N LEU B 231 53.20 -22.28 -26.58
CA LEU B 231 54.59 -22.21 -27.03
C LEU B 231 55.38 -23.43 -26.60
N SER B 232 55.09 -23.97 -25.41
CA SER B 232 55.73 -25.20 -24.96
C SER B 232 55.36 -26.38 -25.84
N ALA B 233 54.08 -26.52 -26.18
CA ALA B 233 53.67 -27.62 -27.05
C ALA B 233 54.20 -27.46 -28.48
N ALA B 234 54.30 -26.21 -28.96
CA ALA B 234 54.87 -25.98 -30.28
C ALA B 234 56.36 -26.31 -30.30
N CYS B 235 57.06 -26.00 -29.20
CA CYS B 235 58.48 -26.36 -29.09
C CYS B 235 58.66 -27.88 -29.07
N ARG B 236 57.77 -28.58 -28.35
CA ARG B 236 57.82 -30.04 -28.33
C ARG B 236 57.58 -30.63 -29.72
N TYR B 237 56.62 -30.06 -30.46
CA TYR B 237 56.37 -30.52 -31.82
C TYR B 237 57.55 -30.26 -32.72
N LEU B 238 58.22 -29.12 -32.54
CA LEU B 238 59.37 -28.80 -33.38
C LEU B 238 60.54 -29.72 -33.12
N VAL B 239 60.77 -30.06 -31.84
CA VAL B 239 61.84 -30.99 -31.48
C VAL B 239 61.58 -32.37 -32.05
N ALA B 240 60.33 -32.85 -31.92
CA ALA B 240 59.99 -34.18 -32.43
C ALA B 240 60.07 -34.25 -33.96
N THR B 241 59.56 -33.23 -34.64
CA THR B 241 59.64 -33.25 -36.10
C THR B 241 61.05 -33.00 -36.61
N LYS B 242 61.92 -32.37 -35.82
CA LYS B 242 63.31 -32.26 -36.22
C LYS B 242 64.01 -33.61 -36.14
N ASN B 243 63.80 -34.33 -35.03
CA ASN B 243 64.38 -35.65 -34.89
C ASN B 243 63.79 -36.66 -35.87
N LYS B 244 62.58 -36.43 -36.36
CA LYS B 244 62.00 -37.31 -37.37
C LYS B 244 62.22 -36.84 -38.81
N LEU B 245 62.71 -35.61 -39.01
CA LEU B 245 62.89 -35.07 -40.35
C LEU B 245 64.36 -34.85 -40.67
N MET B 246 65.27 -35.18 -39.75
CA MET B 246 66.70 -35.08 -40.04
C MET B 246 67.19 -36.06 -41.11
N GLN B 247 66.37 -37.04 -41.51
CA GLN B 247 66.76 -38.04 -42.50
C GLN B 247 66.26 -37.71 -43.90
N TYR B 248 66.27 -36.44 -44.28
CA TYR B 248 65.82 -35.97 -45.57
C TYR B 248 66.86 -35.05 -46.20
N PRO B 249 66.86 -34.90 -47.53
CA PRO B 249 67.77 -33.95 -48.17
C PRO B 249 67.40 -32.50 -47.85
N SER B 250 68.39 -31.62 -48.03
CA SER B 250 68.25 -30.22 -47.69
C SER B 250 67.50 -29.41 -48.75
N THR B 251 67.02 -30.05 -49.80
CA THR B 251 66.25 -29.39 -50.84
C THR B 251 64.78 -29.41 -50.40
N ASN B 252 63.84 -29.16 -51.32
CA ASN B 252 62.37 -29.29 -51.28
C ASN B 252 61.69 -28.36 -50.30
N LYS B 253 62.43 -27.53 -49.56
CA LYS B 253 61.97 -26.42 -48.72
C LYS B 253 61.16 -26.85 -47.50
N PHE B 254 60.86 -28.13 -47.33
CA PHE B 254 60.16 -28.56 -46.12
C PHE B 254 61.09 -28.56 -44.93
N VAL B 255 62.31 -29.07 -45.13
CA VAL B 255 63.34 -28.92 -44.11
C VAL B 255 63.75 -27.45 -43.99
N ARG B 256 63.62 -26.67 -45.07
CA ARG B 256 63.81 -25.23 -44.95
C ARG B 256 62.63 -24.56 -44.26
N MET B 257 61.43 -25.16 -44.35
CA MET B 257 60.29 -24.64 -43.59
C MET B 257 60.50 -24.83 -42.09
N GLN B 258 60.92 -26.03 -41.69
CA GLN B 258 61.25 -26.26 -40.29
C GLN B 258 62.47 -25.45 -39.85
N ASN B 259 63.41 -25.21 -40.77
CA ASN B 259 64.58 -24.39 -40.48
C ASN B 259 64.18 -22.94 -40.25
N GLN B 260 63.24 -22.42 -41.04
CA GLN B 260 62.75 -21.07 -40.82
C GLN B 260 61.94 -20.98 -39.54
N TYR B 261 61.22 -22.05 -39.19
CA TYR B 261 60.51 -22.11 -37.91
C TYR B 261 61.47 -21.97 -36.74
N ILE B 262 62.53 -22.79 -36.71
CA ILE B 262 63.42 -22.78 -35.55
C ILE B 262 64.27 -21.52 -35.55
N MET B 263 64.63 -20.99 -36.72
CA MET B 263 65.44 -19.78 -36.78
C MET B 263 64.64 -18.56 -36.32
N ASP B 264 63.40 -18.43 -36.81
CA ASP B 264 62.58 -17.30 -36.41
C ASP B 264 62.12 -17.42 -34.97
N LEU B 265 61.91 -18.64 -34.47
CA LEU B 265 61.51 -18.81 -33.08
C LEU B 265 62.67 -18.50 -32.14
N THR B 266 63.89 -18.92 -32.49
CA THR B 266 65.04 -18.57 -31.67
C THR B 266 65.39 -17.10 -31.78
N ASN B 267 65.04 -16.45 -32.90
CA ASN B 267 65.16 -15.00 -32.97
C ASN B 267 64.15 -14.35 -32.03
N TYR B 268 62.92 -14.88 -31.96
CA TYR B 268 61.97 -14.37 -30.99
C TYR B 268 62.33 -14.77 -29.58
N LEU B 269 62.97 -15.92 -29.41
CA LEU B 269 63.49 -16.38 -28.14
C LEU B 269 64.92 -15.88 -27.97
N TYR B 270 65.69 -16.59 -27.14
CA TYR B 270 66.96 -16.19 -26.52
C TYR B 270 67.88 -15.27 -27.31
N ARG B 271 68.23 -15.62 -28.55
CA ARG B 271 69.12 -14.77 -29.32
C ARG B 271 68.33 -13.68 -30.05
N ASN B 272 68.94 -12.52 -30.20
CA ASN B 272 68.26 -11.35 -30.74
C ASN B 272 68.72 -11.06 -32.17
N LYS B 273 67.95 -10.19 -32.84
CA LYS B 273 68.18 -9.70 -34.19
C LYS B 273 68.35 -10.81 -35.22
N SER B 279 65.93 -11.40 -42.69
CA SER B 279 65.41 -11.27 -41.33
C SER B 279 63.93 -10.94 -41.36
N LEU B 280 63.10 -11.93 -41.05
CA LEU B 280 61.65 -11.77 -41.12
C LEU B 280 60.97 -12.84 -40.28
N PHE B 281 60.06 -12.43 -39.41
CA PHE B 281 59.15 -13.35 -38.72
C PHE B 281 57.83 -13.48 -39.48
N GLY B 282 57.95 -13.73 -40.79
CA GLY B 282 56.84 -13.63 -41.71
C GLY B 282 56.55 -12.23 -42.19
N VAL B 283 57.00 -11.21 -41.46
CA VAL B 283 56.73 -9.81 -41.75
C VAL B 283 58.07 -9.07 -41.83
N SER B 284 58.01 -7.85 -42.36
CA SER B 284 59.19 -7.01 -42.53
C SER B 284 59.64 -6.44 -41.20
N PRO B 285 60.95 -6.25 -40.99
CA PRO B 285 61.42 -5.64 -39.74
C PRO B 285 61.23 -4.13 -39.67
N ASP B 286 60.99 -3.46 -40.81
CA ASP B 286 60.69 -2.03 -40.79
C ASP B 286 59.36 -1.75 -40.11
N PHE B 287 58.43 -2.71 -40.19
CA PHE B 287 57.21 -2.69 -39.40
C PHE B 287 57.52 -2.64 -37.91
N PHE B 288 58.47 -3.47 -37.47
CA PHE B 288 58.91 -3.47 -36.07
C PHE B 288 59.59 -2.15 -35.70
N LYS B 289 60.40 -1.61 -36.61
CA LYS B 289 61.09 -0.35 -36.36
C LYS B 289 60.11 0.80 -36.24
N GLN B 290 59.05 0.79 -37.05
CA GLN B 290 58.06 1.86 -36.99
C GLN B 290 57.23 1.78 -35.71
N ILE B 291 56.90 0.56 -35.26
CA ILE B 291 56.18 0.44 -34.00
C ILE B 291 57.07 0.86 -32.82
N LEU B 292 58.37 0.53 -32.90
CA LEU B 292 59.32 0.95 -31.87
C LEU B 292 59.50 2.47 -31.85
N GLU B 293 59.43 3.12 -33.01
CA GLU B 293 59.47 4.58 -33.02
C GLU B 293 58.16 5.16 -32.49
N ASN B 294 57.04 4.48 -32.72
CA ASN B 294 55.74 5.03 -32.33
C ASN B 294 55.52 4.95 -30.82
N LEU B 295 55.73 3.77 -30.22
CA LEU B 295 55.29 3.57 -28.85
C LEU B 295 56.22 4.24 -27.83
N TYR B 296 57.51 4.34 -28.14
CA TYR B 296 58.48 4.89 -27.20
C TYR B 296 58.34 6.40 -27.07
N PHE B 302 69.84 0.65 -24.86
CA PHE B 302 68.71 1.06 -24.04
C PHE B 302 67.51 0.15 -24.27
N LYS B 303 66.33 0.75 -24.41
CA LYS B 303 65.09 0.01 -24.61
C LYS B 303 64.80 -0.26 -26.08
N ASN B 304 65.81 -0.24 -26.94
CA ASN B 304 65.60 -0.55 -28.35
C ASN B 304 65.36 -2.04 -28.56
N ALA B 305 65.90 -2.88 -27.67
CA ALA B 305 65.71 -4.32 -27.72
C ALA B 305 65.54 -4.91 -26.33
N LYS B 306 64.93 -4.14 -25.43
CA LYS B 306 64.79 -4.58 -24.04
C LYS B 306 63.59 -5.49 -23.82
N PHE B 307 62.82 -5.80 -24.86
CA PHE B 307 61.68 -6.70 -24.68
C PHE B 307 61.50 -7.69 -25.82
N PHE B 308 62.56 -8.03 -26.54
CA PHE B 308 62.39 -8.92 -27.68
C PHE B 308 62.63 -10.37 -27.31
N THR B 309 62.82 -10.66 -26.03
CA THR B 309 62.86 -12.05 -25.54
C THR B 309 62.41 -12.14 -24.08
N GLY B 312 61.01 -10.68 -21.54
CA GLY B 312 60.57 -9.60 -22.41
C GLY B 312 59.37 -9.96 -23.25
N ILE B 313 59.11 -11.26 -23.37
CA ILE B 313 57.90 -11.76 -24.02
C ILE B 313 56.75 -11.40 -23.09
N PRO B 314 55.60 -10.93 -23.62
CA PRO B 314 54.51 -10.45 -22.76
C PRO B 314 53.91 -11.50 -21.84
N ALA B 315 53.94 -12.78 -22.20
CA ALA B 315 53.73 -13.83 -21.20
C ALA B 315 54.85 -14.85 -21.34
N LEU B 316 56.03 -14.48 -20.87
CA LEU B 316 57.03 -15.42 -20.39
C LEU B 316 57.78 -14.76 -19.24
N SER B 317 57.60 -13.45 -19.11
CA SER B 317 58.47 -12.64 -18.26
C SER B 317 58.10 -12.76 -16.79
N TYR B 318 56.80 -12.74 -16.47
CA TYR B 318 56.40 -12.88 -15.08
C TYR B 318 56.67 -14.29 -14.56
N ILE B 319 56.61 -15.29 -15.44
CA ILE B 319 57.00 -16.64 -15.06
C ILE B 319 58.50 -16.69 -14.76
N CYS B 320 59.29 -15.90 -15.50
CA CYS B 320 60.72 -15.80 -15.22
C CYS B 320 60.98 -15.09 -13.90
N ILE B 321 60.15 -14.10 -13.55
CA ILE B 321 60.29 -13.43 -12.26
C ILE B 321 59.97 -14.38 -11.12
N ILE B 322 58.92 -15.19 -11.28
CA ILE B 322 58.56 -16.19 -10.27
C ILE B 322 59.65 -17.25 -10.16
N ILE B 323 60.27 -17.61 -11.29
CA ILE B 323 61.38 -18.56 -11.29
C ILE B 323 62.58 -17.99 -10.56
N LEU B 324 62.86 -16.69 -10.76
CA LEU B 324 63.96 -16.03 -10.07
C LEU B 324 63.70 -15.96 -8.57
N ARG B 325 62.46 -15.69 -8.18
CA ARG B 325 62.12 -15.66 -6.76
C ARG B 325 62.16 -17.04 -6.14
N ARG B 326 61.89 -18.09 -6.91
CA ARG B 326 61.95 -19.45 -6.38
C ARG B 326 63.39 -19.93 -6.25
N LEU B 327 64.27 -19.51 -7.16
CA LEU B 327 65.68 -19.89 -7.01
C LEU B 327 66.37 -19.05 -5.96
N GLU B 328 65.89 -17.83 -5.72
CA GLU B 328 66.48 -17.00 -4.68
C GLU B 328 66.08 -17.48 -3.30
N THR B 329 64.84 -17.92 -3.14
CA THR B 329 64.42 -18.47 -1.85
C THR B 329 64.93 -19.89 -1.64
N ALA B 330 65.40 -20.56 -2.69
CA ALA B 330 66.06 -21.85 -2.54
C ALA B 330 67.44 -21.71 -1.89
N GLU B 331 68.02 -20.52 -1.95
CA GLU B 331 69.21 -20.19 -1.19
C GLU B 331 68.77 -19.67 0.18
N ASN B 332 69.68 -19.01 0.91
CA ASN B 332 69.31 -18.39 2.18
C ASN B 332 68.28 -17.29 1.96
N THR B 333 68.65 -16.24 1.23
CA THR B 333 67.73 -15.16 0.86
C THR B 333 68.24 -14.42 -0.36
N UNK B 356 60.94 -7.21 -14.23
CA UNK B 356 61.39 -7.86 -15.45
C UNK B 356 62.90 -8.09 -15.44
N UNK B 357 63.39 -8.81 -16.43
CA UNK B 357 64.81 -9.01 -16.64
C UNK B 357 65.21 -8.15 -17.84
N UNK B 358 65.85 -7.04 -17.57
CA UNK B 358 66.06 -5.98 -18.54
C UNK B 358 67.25 -5.16 -18.07
N UNK B 359 67.34 -3.90 -18.55
CA UNK B 359 68.30 -2.94 -18.04
C UNK B 359 68.17 -2.69 -16.54
N UNK B 360 67.02 -3.01 -15.93
CA UNK B 360 66.89 -3.04 -14.49
C UNK B 360 67.85 -4.04 -13.84
N UNK B 361 68.20 -5.12 -14.54
CA UNK B 361 69.20 -6.03 -13.99
C UNK B 361 70.60 -5.41 -14.04
N UNK B 362 70.88 -4.60 -15.07
CA UNK B 362 72.12 -3.83 -15.09
C UNK B 362 72.14 -2.79 -13.99
N UNK B 363 70.99 -2.19 -13.67
CA UNK B 363 70.91 -1.25 -12.56
C UNK B 363 71.11 -1.94 -11.22
N UNK B 364 70.56 -3.14 -11.06
CA UNK B 364 70.77 -3.90 -9.83
C UNK B 364 72.21 -4.39 -9.71
N UNK B 365 72.88 -4.63 -10.83
CA UNK B 365 74.30 -4.95 -10.79
C UNK B 365 75.14 -3.72 -10.50
N UNK B 366 74.69 -2.54 -10.92
CA UNK B 366 75.39 -1.30 -10.60
C UNK B 366 75.14 -0.83 -9.18
N UNK B 367 74.06 -1.27 -8.54
CA UNK B 367 73.77 -0.85 -7.18
C UNK B 367 74.61 -1.59 -6.14
N UNK B 368 75.34 -2.62 -6.53
CA UNK B 368 76.17 -3.36 -5.60
C UNK B 368 77.40 -3.91 -6.30
N VAL B 369 74.93 -15.39 -11.82
CA VAL B 369 76.32 -15.68 -11.54
C VAL B 369 77.24 -14.64 -12.16
N ASN B 370 77.27 -13.46 -11.52
CA ASN B 370 78.16 -12.34 -11.86
C ASN B 370 77.94 -11.83 -13.28
N ASN B 371 76.73 -11.98 -13.81
CA ASN B 371 76.39 -11.53 -15.15
C ASN B 371 74.88 -11.39 -15.25
N ILE B 372 74.45 -10.89 -16.41
CA ILE B 372 73.03 -10.89 -16.77
C ILE B 372 72.71 -11.95 -17.82
N HIS B 373 73.66 -12.23 -18.72
CA HIS B 373 73.50 -13.29 -19.71
C HIS B 373 73.44 -14.67 -19.05
N ASP B 374 74.13 -14.85 -17.92
CA ASP B 374 74.10 -16.13 -17.23
C ASP B 374 72.85 -16.31 -16.38
N LEU B 375 72.12 -15.22 -16.11
CA LEU B 375 70.92 -15.31 -15.28
C LEU B 375 69.82 -16.10 -15.97
N ARG B 376 69.55 -15.78 -17.24
CA ARG B 376 68.56 -16.55 -17.99
C ARG B 376 69.03 -17.96 -18.27
N VAL B 377 70.34 -18.21 -18.32
CA VAL B 377 70.84 -19.57 -18.50
C VAL B 377 70.58 -20.39 -17.23
N LYS B 378 70.76 -19.78 -16.06
CA LYS B 378 70.38 -20.45 -14.81
C LYS B 378 68.87 -20.66 -14.73
N ILE B 379 68.09 -19.73 -15.30
CA ILE B 379 66.64 -19.88 -15.38
C ILE B 379 66.27 -21.09 -16.22
N LEU B 380 66.92 -21.24 -17.37
CA LEU B 380 66.67 -22.39 -18.25
C LEU B 380 67.14 -23.68 -17.61
N MET B 381 68.21 -23.64 -16.81
CA MET B 381 68.64 -24.83 -16.08
C MET B 381 67.60 -25.25 -15.04
N HIS B 382 67.04 -24.28 -14.32
CA HIS B 382 65.99 -24.59 -13.35
C HIS B 382 64.73 -25.09 -14.03
N LEU B 383 64.42 -24.57 -15.23
CA LEU B 383 63.26 -25.06 -15.98
C LEU B 383 63.46 -26.49 -16.44
N SER B 384 64.54 -26.76 -17.16
CA SER B 384 64.77 -28.08 -17.75
C SER B 384 65.24 -29.12 -16.75
N ASN B 385 65.55 -28.74 -15.51
CA ASN B 385 65.92 -29.75 -14.53
C ASN B 385 64.70 -30.27 -13.79
N THR B 386 63.68 -29.44 -13.60
CA THR B 386 62.49 -29.84 -12.87
C THR B 386 61.54 -30.61 -13.78
N ALA B 387 60.41 -31.05 -13.19
CA ALA B 387 59.35 -31.73 -13.92
C ALA B 387 58.14 -30.83 -14.13
N ASN B 388 58.33 -29.52 -14.01
CA ASN B 388 57.25 -28.55 -14.16
C ASN B 388 56.88 -28.38 -15.62
N PRO B 389 55.72 -27.78 -15.92
CA PRO B 389 55.45 -27.36 -17.30
C PRO B 389 56.34 -26.21 -17.74
N TYR B 390 56.12 -25.79 -18.98
CA TYR B 390 57.03 -24.93 -19.74
C TYR B 390 58.45 -25.50 -19.77
N ARG B 391 58.57 -26.82 -19.86
CA ARG B 391 59.87 -27.47 -19.85
C ARG B 391 60.39 -27.68 -21.25
N ASP B 392 59.50 -27.98 -22.19
CA ASP B 392 59.89 -28.33 -23.54
C ASP B 392 60.43 -27.14 -24.32
N ILE B 393 60.09 -25.91 -23.92
CA ILE B 393 60.69 -24.75 -24.55
C ILE B 393 62.17 -24.63 -24.18
N ALA B 394 62.50 -24.92 -22.91
CA ALA B 394 63.91 -24.95 -22.50
C ALA B 394 64.63 -26.13 -23.12
N ALA B 395 63.93 -27.25 -23.30
CA ALA B 395 64.51 -28.40 -23.99
C ALA B 395 64.82 -28.06 -25.44
N PHE B 396 63.92 -27.33 -26.10
CA PHE B 396 64.16 -26.90 -27.48
C PHE B 396 65.30 -25.90 -27.56
N LEU B 397 65.42 -25.04 -26.55
CA LEU B 397 66.54 -24.11 -26.53
C LEU B 397 67.85 -24.81 -26.17
N PHE B 398 67.77 -26.03 -25.64
CA PHE B 398 68.99 -26.77 -25.37
C PHE B 398 69.42 -27.64 -26.55
N THR B 399 68.45 -28.13 -27.35
CA THR B 399 68.84 -28.87 -28.55
C THR B 399 69.44 -27.94 -29.60
N TYR B 400 68.67 -26.96 -30.06
CA TYR B 400 69.18 -25.98 -30.99
C TYR B 400 69.87 -24.87 -30.20
N LEU B 401 70.43 -23.89 -30.94
CA LEU B 401 71.28 -22.83 -30.39
C LEU B 401 72.45 -23.46 -29.64
N LYS B 402 73.39 -24.05 -30.40
CA LYS B 402 74.33 -25.04 -29.88
C LYS B 402 75.32 -24.50 -28.86
N SER B 403 75.32 -23.18 -28.62
CA SER B 403 76.07 -22.63 -27.50
C SER B 403 75.46 -23.05 -26.16
N LEU B 404 74.19 -23.41 -26.16
CA LEU B 404 73.49 -23.84 -24.95
C LEU B 404 73.58 -25.34 -24.70
N SER B 405 74.23 -26.10 -25.59
CA SER B 405 74.27 -27.55 -25.44
C SER B 405 75.20 -27.99 -24.30
N LYS B 406 76.03 -27.09 -23.77
CA LYS B 406 76.93 -27.44 -22.69
C LYS B 406 76.21 -27.61 -21.35
N TYR B 407 74.98 -27.11 -21.24
CA TYR B 407 74.18 -27.29 -20.03
C TYR B 407 73.04 -28.26 -20.27
N VAL C 7 41.00 9.00 -8.92
CA VAL C 7 41.97 8.78 -9.98
C VAL C 7 41.46 7.71 -10.94
N LEU C 8 40.40 7.01 -10.52
CA LEU C 8 39.80 5.98 -11.36
C LEU C 8 38.68 6.52 -12.23
N ASP C 9 37.93 7.52 -11.74
CA ASP C 9 36.85 8.10 -12.53
C ASP C 9 37.39 8.89 -13.71
N VAL C 10 38.54 9.55 -13.54
CA VAL C 10 39.18 10.21 -14.67
C VAL C 10 39.74 9.18 -15.65
N TYR C 11 40.09 7.98 -15.16
CA TYR C 11 40.50 6.91 -16.07
C TYR C 11 39.34 6.40 -16.90
N ILE C 12 38.16 6.25 -16.28
CA ILE C 12 36.95 5.90 -17.03
C ILE C 12 36.61 7.01 -18.03
N LYS C 13 36.82 8.27 -17.63
CA LYS C 13 36.50 9.40 -18.49
C LYS C 13 37.39 9.44 -19.74
N ASN C 14 38.71 9.31 -19.55
CA ASN C 14 39.59 9.35 -20.72
C ASN C 14 39.49 8.07 -21.55
N LEU C 15 39.14 6.95 -20.91
CA LEU C 15 38.94 5.72 -21.68
C LEU C 15 37.67 5.81 -22.53
N GLU C 16 36.61 6.43 -21.99
CA GLU C 16 35.41 6.65 -22.79
C GLU C 16 35.63 7.68 -23.88
N ASN C 17 36.47 8.70 -23.62
CA ASN C 17 36.81 9.67 -24.65
C ASN C 17 37.61 9.01 -25.78
N GLN C 18 38.55 8.14 -25.43
CA GLN C 18 39.30 7.40 -26.44
C GLN C 18 38.42 6.42 -27.19
N ILE C 19 37.42 5.84 -26.52
CA ILE C 19 36.47 4.95 -27.18
C ILE C 19 35.62 5.72 -28.19
N GLY C 20 35.16 6.92 -27.81
CA GLY C 20 34.39 7.74 -28.74
C GLY C 20 35.23 8.22 -29.90
N ASN C 21 36.50 8.54 -29.65
CA ASN C 21 37.41 8.94 -30.71
C ASN C 21 37.67 7.80 -31.69
N LYS C 22 37.90 6.59 -31.17
CA LYS C 22 38.15 5.45 -32.03
C LYS C 22 36.89 5.01 -32.77
N ARG C 23 35.71 5.19 -32.15
CA ARG C 23 34.47 4.87 -32.84
C ARG C 23 34.16 5.90 -33.92
N TYR C 24 34.52 7.15 -33.69
CA TYR C 24 34.38 8.16 -34.74
C TYR C 24 35.34 7.88 -35.89
N PHE C 25 36.53 7.39 -35.58
CA PHE C 25 37.48 6.98 -36.61
C PHE C 25 36.94 5.82 -37.43
N LEU C 26 36.35 4.83 -36.76
CA LEU C 26 35.75 3.67 -37.44
C LEU C 26 34.56 4.09 -38.29
N LYS C 27 33.75 5.03 -37.79
CA LYS C 27 32.58 5.50 -38.52
C LYS C 27 33.00 6.27 -39.78
N GLN C 28 34.02 7.12 -39.66
CA GLN C 28 34.52 7.82 -40.84
C GLN C 28 35.21 6.89 -41.81
N ALA C 29 35.84 5.82 -41.30
CA ALA C 29 36.47 4.84 -42.19
C ALA C 29 35.43 4.04 -42.97
N GLN C 30 34.38 3.59 -42.29
CA GLN C 30 33.32 2.87 -42.99
C GLN C 30 32.53 3.79 -43.92
N GLY C 31 32.43 5.07 -43.56
CA GLY C 31 31.83 6.03 -44.49
C GLY C 31 32.69 6.25 -45.71
N ALA C 32 34.01 6.23 -45.56
CA ALA C 32 34.89 6.30 -46.72
C ALA C 32 34.79 5.04 -47.57
N ILE C 33 34.60 3.88 -46.93
CA ILE C 33 34.37 2.63 -47.65
C ILE C 33 33.10 2.73 -48.49
N ASP C 34 32.02 3.24 -47.88
CA ASP C 34 30.77 3.43 -48.59
C ASP C 34 30.90 4.46 -49.70
N GLU C 35 31.73 5.49 -49.48
CA GLU C 35 31.95 6.52 -50.48
C GLU C 35 32.67 5.97 -51.71
N ILE C 36 33.73 5.20 -51.52
CA ILE C 36 34.45 4.70 -52.68
C ILE C 36 33.70 3.54 -53.34
N THR C 37 32.90 2.77 -52.59
CA THR C 37 32.14 1.72 -53.24
C THR C 37 30.93 2.25 -54.00
N LYS C 38 30.30 3.33 -53.51
CA LYS C 38 29.25 3.96 -54.29
C LYS C 38 29.82 4.75 -55.45
N ARG C 39 31.04 5.28 -55.30
CA ARG C 39 31.72 5.94 -56.42
C ARG C 39 32.19 4.93 -57.46
N SER C 40 32.31 3.67 -57.09
CA SER C 40 32.65 2.62 -58.05
C SER C 40 31.42 2.17 -58.82
N LEU C 41 31.65 1.37 -59.85
CA LEU C 41 30.57 0.83 -60.66
C LEU C 41 30.80 -0.65 -60.96
N SER C 50 48.91 -7.89 -55.16
CA SER C 50 50.19 -7.81 -55.87
C SER C 50 51.29 -7.38 -54.92
N GLU C 51 52.32 -6.71 -55.47
CA GLU C 51 53.41 -6.18 -54.64
C GLU C 51 52.97 -5.04 -53.75
N VAL C 52 51.84 -4.39 -54.08
CA VAL C 52 51.30 -3.35 -53.21
C VAL C 52 50.80 -3.93 -51.89
N PHE C 53 50.49 -5.22 -51.84
CA PHE C 53 50.17 -5.82 -50.56
C PHE C 53 51.40 -5.96 -49.68
N THR C 54 52.55 -6.24 -50.27
CA THR C 54 53.79 -6.23 -49.51
C THR C 54 54.17 -4.81 -49.10
N GLU C 55 53.84 -3.83 -49.95
CA GLU C 55 54.02 -2.43 -49.57
C GLU C 55 53.12 -2.06 -48.39
N LEU C 56 51.94 -2.66 -48.31
CA LEU C 56 51.10 -2.53 -47.12
C LEU C 56 51.74 -3.21 -45.92
N LEU C 57 52.28 -4.42 -46.13
CA LEU C 57 52.87 -5.19 -45.05
C LEU C 57 54.10 -4.53 -44.44
N ARG C 58 54.79 -3.67 -45.20
CA ARG C 58 55.87 -2.89 -44.60
C ARG C 58 55.34 -1.86 -43.62
N LYS C 59 54.28 -1.16 -43.99
CA LYS C 59 53.78 -0.08 -43.15
C LYS C 59 52.89 -0.62 -42.03
N PRO C 60 52.87 0.05 -40.87
CA PRO C 60 51.93 -0.34 -39.81
C PRO C 60 50.54 0.24 -40.05
N PRO C 69 46.59 4.09 -23.12
CA PRO C 69 45.15 4.00 -22.87
C PRO C 69 44.56 2.66 -23.31
N ILE C 70 45.37 1.86 -24.01
CA ILE C 70 44.91 0.61 -24.61
C ILE C 70 45.54 -0.61 -23.93
N GLY C 71 46.78 -0.48 -23.46
CA GLY C 71 47.55 -1.66 -23.07
C GLY C 71 47.05 -2.30 -21.79
N PHE C 72 46.69 -1.50 -20.79
CA PHE C 72 46.14 -2.05 -19.56
C PHE C 72 44.80 -2.71 -19.80
N SER C 73 43.99 -2.13 -20.70
CA SER C 73 42.69 -2.69 -21.04
C SER C 73 42.83 -4.06 -21.67
N LEU C 74 43.66 -4.18 -22.72
CA LEU C 74 43.78 -5.48 -23.37
C LEU C 74 44.53 -6.50 -22.54
N THR C 75 45.47 -6.07 -21.70
CA THR C 75 46.18 -7.03 -20.86
C THR C 75 45.27 -7.58 -19.77
N SER C 76 44.51 -6.71 -19.09
CA SER C 76 43.59 -7.16 -18.06
C SER C 76 42.49 -8.02 -18.65
N ASN C 77 41.98 -7.64 -19.83
CA ASN C 77 40.94 -8.42 -20.50
C ASN C 77 41.44 -9.81 -20.88
N PHE C 78 42.62 -9.88 -21.51
CA PHE C 78 43.14 -11.15 -21.98
C PHE C 78 43.50 -12.08 -20.82
N LEU C 79 44.12 -11.54 -19.76
CA LEU C 79 44.50 -12.41 -18.65
C LEU C 79 43.29 -12.86 -17.83
N SER C 80 42.27 -12.01 -17.71
CA SER C 80 41.07 -12.41 -16.98
C SER C 80 40.29 -13.48 -17.75
N LEU C 81 40.18 -13.32 -19.07
CA LEU C 81 39.51 -14.35 -19.88
C LEU C 81 40.31 -15.65 -19.90
N ARG C 82 41.65 -15.57 -19.86
CA ARG C 82 42.45 -16.77 -19.79
C ARG C 82 42.25 -17.51 -18.48
N ALA C 83 42.19 -16.79 -17.36
CA ALA C 83 41.97 -17.43 -16.06
C ALA C 83 40.60 -18.08 -15.98
N GLN C 84 39.55 -17.35 -16.44
CA GLN C 84 38.19 -17.88 -16.36
C GLN C 84 38.00 -19.09 -17.28
N SER C 85 38.53 -19.02 -18.51
CA SER C 85 38.36 -20.12 -19.44
C SER C 85 39.21 -21.33 -19.04
N SER C 86 40.36 -21.11 -18.42
CA SER C 86 41.15 -22.24 -17.92
C SER C 86 40.44 -22.95 -16.78
N SER C 87 39.80 -22.18 -15.89
CA SER C 87 39.02 -22.80 -14.81
C SER C 87 37.83 -23.58 -15.34
N GLU C 88 37.13 -23.02 -16.34
CA GLU C 88 35.97 -23.69 -16.92
C GLU C 88 36.36 -24.98 -17.63
N TRP C 89 37.44 -24.94 -18.43
CA TRP C 89 37.88 -26.14 -19.14
C TRP C 89 38.39 -27.20 -18.18
N LEU C 90 39.03 -26.78 -17.08
CA LEU C 90 39.52 -27.75 -16.11
C LEU C 90 38.38 -28.45 -15.40
N SER C 91 37.33 -27.70 -15.03
CA SER C 91 36.16 -28.32 -14.39
C SER C 91 35.44 -29.27 -15.33
N LEU C 92 35.26 -28.85 -16.60
CA LEU C 92 34.60 -29.69 -17.59
C LEU C 92 35.37 -30.98 -17.85
N MET C 93 36.69 -30.88 -17.99
CA MET C 93 37.47 -32.08 -18.29
C MET C 93 37.60 -32.98 -17.08
N ASN C 94 37.57 -32.43 -15.85
CA ASN C 94 37.59 -33.28 -14.68
C ASN C 94 36.30 -34.07 -14.53
N ASP C 95 35.16 -33.42 -14.81
CA ASP C 95 33.88 -34.13 -14.74
C ASP C 95 33.77 -35.21 -15.81
N GLN C 96 34.20 -34.90 -17.05
CA GLN C 96 34.16 -35.92 -18.09
C GLN C 96 35.14 -37.05 -17.82
N SER C 97 36.28 -36.75 -17.17
CA SER C 97 37.24 -37.79 -16.84
C SER C 97 36.70 -38.74 -15.78
N VAL C 98 36.02 -38.21 -14.76
CA VAL C 98 35.50 -39.12 -13.73
C VAL C 98 34.32 -39.92 -14.26
N ASP C 99 33.53 -39.35 -15.19
CA ASP C 99 32.44 -40.12 -15.79
C ASP C 99 32.97 -41.24 -16.69
N GLN C 100 33.99 -40.95 -17.49
CA GLN C 100 34.62 -41.99 -18.31
C GLN C 100 35.30 -43.04 -17.46
N LYS C 101 35.83 -42.66 -16.29
CA LYS C 101 36.46 -43.63 -15.40
C LYS C 101 35.44 -44.61 -14.83
N ALA C 102 34.28 -44.10 -14.39
CA ALA C 102 33.23 -44.98 -13.89
C ALA C 102 32.70 -45.91 -14.99
N MET C 103 32.50 -45.36 -16.20
CA MET C 103 32.05 -46.20 -17.32
C MET C 103 33.06 -47.25 -17.72
N LEU C 104 34.35 -46.91 -17.62
CA LEU C 104 35.41 -47.87 -17.96
C LEU C 104 35.47 -49.00 -16.97
N LEU C 105 35.31 -48.69 -15.66
CA LEU C 105 35.26 -49.73 -14.65
C LEU C 105 34.08 -50.67 -14.85
N LEU C 106 32.91 -50.10 -15.15
CA LEU C 106 31.73 -50.92 -15.41
C LEU C 106 31.90 -51.81 -16.64
N GLN C 107 32.47 -51.27 -17.72
CA GLN C 107 32.65 -52.07 -18.91
C GLN C 107 33.71 -53.14 -18.73
N ASN C 108 34.72 -52.90 -17.89
CA ASN C 108 35.69 -53.95 -17.59
C ASN C 108 35.06 -55.09 -16.81
N ASN C 109 34.15 -54.76 -15.88
CA ASN C 109 33.42 -55.79 -15.15
C ASN C 109 32.57 -56.64 -16.09
N ILE C 110 31.84 -55.99 -17.01
CA ILE C 110 31.00 -56.75 -17.93
C ILE C 110 31.84 -57.53 -18.93
N ASN C 111 33.03 -57.03 -19.29
CA ASN C 111 33.95 -57.78 -20.13
C ASN C 111 34.42 -59.06 -19.46
N SER C 112 34.76 -58.99 -18.17
CA SER C 112 35.19 -60.18 -17.44
C SER C 112 34.07 -61.20 -17.31
N ASP C 113 32.85 -60.74 -17.03
CA ASP C 113 31.72 -61.65 -16.90
C ASP C 113 31.36 -62.31 -18.24
N LEU C 114 31.45 -61.54 -19.34
CA LEU C 114 31.21 -62.13 -20.65
C LEU C 114 32.31 -63.11 -21.04
N LYS C 115 33.55 -62.88 -20.62
CA LYS C 115 34.61 -63.84 -20.89
C LYS C 115 34.38 -65.15 -20.16
N GLU C 116 33.93 -65.06 -18.89
CA GLU C 116 33.62 -66.27 -18.13
C GLU C 116 32.45 -67.04 -18.74
N LEU C 117 31.42 -66.32 -19.19
CA LEU C 117 30.28 -66.99 -19.83
C LEU C 117 30.65 -67.56 -21.19
N LEU C 118 31.58 -66.93 -21.90
CA LEU C 118 32.07 -67.50 -23.16
C LEU C 118 32.83 -68.81 -22.91
N ARG C 119 33.64 -68.85 -21.84
CA ARG C 119 34.35 -70.08 -21.50
C ARG C 119 33.38 -71.19 -21.12
N LYS C 120 32.36 -70.87 -20.32
CA LYS C 120 31.38 -71.88 -19.92
C LYS C 120 30.57 -72.37 -21.12
N LEU C 121 30.22 -71.48 -22.04
CA LEU C 121 29.48 -71.90 -23.23
C LEU C 121 30.36 -72.72 -24.18
N GLN C 122 31.66 -72.44 -24.23
CA GLN C 122 32.58 -73.27 -24.99
C GLN C 122 32.68 -74.67 -24.40
N HIS C 123 32.75 -74.76 -23.07
CA HIS C 123 32.81 -76.07 -22.41
C HIS C 123 31.51 -76.85 -22.60
N GLN C 124 30.37 -76.16 -22.59
CA GLN C 124 29.10 -76.82 -22.89
C GLN C 124 29.01 -77.24 -24.35
N MET C 125 29.65 -76.50 -25.25
CA MET C 125 29.72 -76.92 -26.64
C MET C 125 30.57 -78.17 -26.79
N THR C 126 31.62 -78.31 -25.98
CA THR C 126 32.39 -79.56 -25.98
C THR C 126 31.58 -80.72 -25.41
N ILE C 127 30.85 -80.49 -24.31
CA ILE C 127 30.18 -81.59 -23.61
C ILE C 127 28.96 -82.11 -24.33
N MET C 128 28.45 -81.38 -25.33
CA MET C 128 27.29 -81.85 -26.08
C MET C 128 27.31 -81.30 -27.50
N PRO D 2 -15.99 -36.62 -13.45
CA PRO D 2 -14.64 -36.37 -12.92
C PRO D 2 -13.71 -37.55 -13.15
N TYR D 3 -13.55 -37.94 -14.41
CA TYR D 3 -12.70 -39.08 -14.78
C TYR D 3 -11.38 -38.52 -15.31
N THR D 4 -10.35 -38.55 -14.46
CA THR D 4 -9.06 -37.98 -14.83
C THR D 4 -8.35 -38.88 -15.83
N TRP D 5 -7.84 -38.29 -16.90
CA TRP D 5 -7.14 -39.03 -17.93
C TRP D 5 -5.64 -38.83 -17.79
N LYS D 6 -4.89 -39.93 -17.85
CA LYS D 6 -3.44 -39.88 -17.93
C LYS D 6 -3.01 -40.32 -19.33
N PHE D 7 -1.99 -39.68 -19.87
CA PHE D 7 -1.61 -39.87 -21.25
C PHE D 7 -0.22 -40.49 -21.32
N LEU D 8 -0.05 -41.42 -22.26
CA LEU D 8 1.23 -42.11 -22.45
C LEU D 8 1.49 -42.27 -23.94
N GLY D 9 2.72 -41.97 -24.35
CA GLY D 9 3.09 -42.15 -25.74
C GLY D 9 3.38 -43.60 -26.06
N ILE D 10 3.41 -43.90 -27.36
CA ILE D 10 3.64 -45.25 -27.88
C ILE D 10 4.67 -45.16 -29.00
N SER D 11 5.71 -45.99 -28.92
CA SER D 11 6.79 -45.93 -29.89
C SER D 11 6.39 -46.55 -31.24
N LYS D 12 5.87 -47.77 -31.23
CA LYS D 12 5.61 -48.51 -32.45
C LYS D 12 4.12 -48.54 -32.77
N GLN D 13 3.79 -48.33 -34.04
CA GLN D 13 2.41 -48.39 -34.51
C GLN D 13 1.91 -49.82 -34.42
N LEU D 14 0.98 -50.07 -33.50
CA LEU D 14 0.51 -51.41 -33.21
C LEU D 14 -0.97 -51.53 -33.50
N SER D 15 -1.39 -52.74 -33.85
CA SER D 15 -2.79 -53.08 -34.07
C SER D 15 -3.17 -54.14 -33.06
N LEU D 16 -4.22 -53.89 -32.28
CA LEU D 16 -4.63 -54.79 -31.20
C LEU D 16 -5.61 -55.87 -31.66
N GLU D 17 -5.65 -56.15 -32.96
CA GLU D 17 -6.49 -57.25 -33.45
C GLU D 17 -5.92 -58.60 -33.02
N ASN D 18 -4.61 -58.71 -32.90
CA ASN D 18 -3.95 -59.92 -32.45
C ASN D 18 -3.38 -59.71 -31.06
N GLY D 19 -3.28 -60.79 -30.30
CA GLY D 19 -2.82 -60.73 -28.93
C GLY D 19 -3.87 -60.33 -27.91
N ILE D 20 -5.04 -59.83 -28.36
CA ILE D 20 -6.11 -59.46 -27.44
C ILE D 20 -6.70 -60.70 -26.78
N ALA D 21 -6.67 -61.84 -27.48
CA ALA D 21 -7.03 -63.11 -26.86
C ALA D 21 -6.05 -63.49 -25.76
N LYS D 22 -4.78 -63.08 -25.89
CA LYS D 22 -3.83 -63.34 -24.81
C LYS D 22 -4.08 -62.40 -23.63
N LEU D 23 -4.67 -61.23 -23.87
CA LEU D 23 -5.11 -60.39 -22.76
C LEU D 23 -6.31 -61.00 -22.06
N ASN D 24 -7.24 -61.56 -22.84
CA ASN D 24 -8.40 -62.25 -22.26
C ASN D 24 -7.97 -63.51 -21.51
N GLN D 25 -6.87 -64.14 -21.94
CA GLN D 25 -6.31 -65.25 -21.18
C GLN D 25 -5.63 -64.76 -19.91
N LEU D 26 -4.97 -63.60 -19.96
CA LEU D 26 -4.19 -63.13 -18.84
C LEU D 26 -5.06 -62.45 -17.79
N LEU D 27 -6.21 -61.90 -18.17
CA LEU D 27 -7.06 -61.17 -17.24
C LEU D 27 -8.34 -61.92 -16.89
N ASN D 28 -8.75 -62.88 -17.73
CA ASN D 28 -9.97 -63.70 -17.56
C ASN D 28 -11.22 -62.82 -17.49
N LEU D 29 -11.29 -61.82 -18.36
CA LEU D 29 -12.49 -61.06 -18.63
C LEU D 29 -12.71 -60.98 -20.13
N GLU D 30 -13.79 -60.31 -20.53
CA GLU D 30 -14.10 -60.08 -21.94
C GLU D 30 -14.21 -58.59 -22.17
N VAL D 31 -13.28 -58.05 -22.96
CA VAL D 31 -13.26 -56.63 -23.28
C VAL D 31 -13.72 -56.44 -24.72
N ASP D 32 -14.11 -55.21 -25.03
CA ASP D 32 -14.64 -54.87 -26.35
C ASP D 32 -13.72 -53.85 -27.02
N LEU D 33 -13.54 -54.00 -28.33
CA LEU D 33 -12.73 -53.09 -29.12
C LEU D 33 -13.45 -52.77 -30.42
N ASP D 34 -13.51 -51.49 -30.76
CA ASP D 34 -13.97 -51.06 -32.07
C ASP D 34 -12.80 -50.48 -32.87
N ILE D 35 -12.81 -50.73 -34.17
CA ILE D 35 -11.71 -50.30 -35.01
C ILE D 35 -12.23 -49.25 -35.97
N GLN D 36 -12.17 -47.99 -35.56
CA GLN D 36 -12.75 -46.90 -36.33
C GLN D 36 -11.71 -46.30 -37.28
N THR D 37 -12.16 -45.29 -38.02
CA THR D 37 -11.30 -44.46 -38.86
C THR D 37 -11.95 -43.09 -38.90
N ILE D 38 -11.42 -42.18 -38.12
CA ILE D 38 -12.04 -40.88 -37.92
C ILE D 38 -11.19 -39.80 -38.58
N ARG D 39 -11.87 -38.78 -39.10
CA ARG D 39 -11.23 -37.73 -39.88
C ARG D 39 -11.59 -36.38 -39.26
N VAL D 40 -10.57 -35.69 -38.73
CA VAL D 40 -10.75 -34.38 -38.13
C VAL D 40 -10.82 -33.36 -39.27
N PRO D 41 -11.04 -32.04 -39.03
CA PRO D 41 -12.26 -31.38 -39.56
C PRO D 41 -12.72 -31.82 -40.94
N SER D 42 -13.97 -32.26 -41.02
CA SER D 42 -14.55 -32.88 -42.21
C SER D 42 -14.92 -31.87 -43.29
N ASP D 43 -14.61 -30.58 -43.09
CA ASP D 43 -14.76 -29.60 -44.16
C ASP D 43 -13.76 -29.93 -45.27
N PRO D 44 -14.13 -29.76 -46.55
CA PRO D 44 -13.33 -30.36 -47.64
C PRO D 44 -12.05 -29.62 -48.00
N ASP D 45 -11.63 -28.65 -47.20
CA ASP D 45 -10.37 -27.96 -47.45
C ASP D 45 -9.22 -28.61 -46.67
N GLY D 46 -9.10 -29.93 -46.77
CA GLY D 46 -7.96 -30.62 -46.20
C GLY D 46 -7.30 -31.57 -47.18
N GLY D 47 -8.04 -31.98 -48.21
CA GLY D 47 -7.54 -32.88 -49.25
C GLY D 47 -7.27 -34.30 -48.81
N THR D 48 -7.60 -34.65 -47.56
CA THR D 48 -7.22 -35.91 -46.90
C THR D 48 -5.71 -36.16 -47.04
N ALA D 49 -4.94 -35.27 -46.42
CA ALA D 49 -3.48 -35.36 -46.40
C ALA D 49 -3.06 -35.44 -44.93
N ALA D 50 -2.70 -36.65 -44.51
CA ALA D 50 -2.41 -36.99 -43.10
C ALA D 50 -3.56 -36.57 -42.19
N ASP D 51 -4.77 -36.93 -42.59
CA ASP D 51 -5.99 -36.48 -41.93
C ASP D 51 -6.82 -37.62 -41.38
N GLU D 52 -6.29 -38.85 -41.37
CA GLU D 52 -7.01 -39.99 -40.83
C GLU D 52 -6.40 -40.40 -39.49
N TYR D 53 -7.23 -41.01 -38.65
CA TYR D 53 -6.81 -41.50 -37.35
C TYR D 53 -7.52 -42.80 -37.04
N ILE D 54 -6.79 -43.78 -36.55
CA ILE D 54 -7.33 -45.09 -36.21
C ILE D 54 -7.50 -45.13 -34.70
N ARG D 55 -8.74 -45.10 -34.23
CA ARG D 55 -9.04 -45.00 -32.81
C ARG D 55 -9.49 -46.36 -32.29
N TYR D 56 -8.87 -46.80 -31.19
CA TYR D 56 -9.20 -48.08 -30.56
C TYR D 56 -9.78 -47.78 -29.19
N GLU D 57 -11.08 -47.54 -29.12
CA GLU D 57 -11.72 -47.45 -27.82
C GLU D 57 -11.85 -48.86 -27.23
N MET D 58 -11.50 -49.00 -25.96
CA MET D 58 -11.44 -50.33 -25.35
C MET D 58 -11.88 -50.21 -23.90
N ARG D 59 -13.11 -50.60 -23.63
CA ARG D 59 -13.66 -50.61 -22.29
C ARG D 59 -13.43 -51.97 -21.65
N LEU D 60 -14.03 -52.15 -20.47
CA LEU D 60 -14.08 -53.45 -19.80
C LEU D 60 -15.49 -53.63 -19.27
N ASP D 61 -16.20 -54.63 -19.79
CA ASP D 61 -17.63 -54.81 -19.54
C ASP D 61 -17.80 -55.37 -18.12
N ILE D 62 -17.75 -54.46 -17.15
CA ILE D 62 -18.03 -54.77 -15.75
C ILE D 62 -19.23 -53.91 -15.34
N SER D 63 -19.65 -54.05 -14.09
CA SER D 63 -20.73 -53.22 -13.58
C SER D 63 -20.27 -51.77 -13.45
N ASN D 64 -21.23 -50.85 -13.59
CA ASN D 64 -20.96 -49.42 -13.57
C ASN D 64 -21.39 -48.76 -12.25
N LEU D 65 -21.33 -49.51 -11.14
CA LEU D 65 -21.68 -48.92 -9.85
C LEU D 65 -20.57 -48.01 -9.35
N ASP D 66 -19.38 -48.56 -9.16
CA ASP D 66 -18.20 -47.79 -8.76
C ASP D 66 -17.43 -47.39 -10.02
N GLU D 67 -17.24 -46.09 -10.20
CA GLU D 67 -16.65 -45.58 -11.44
C GLU D 67 -15.14 -45.74 -11.49
N GLY D 68 -14.50 -45.94 -10.33
CA GLY D 68 -13.06 -46.12 -10.29
C GLY D 68 -12.56 -47.39 -10.94
N THR D 69 -13.39 -48.43 -10.97
CA THR D 69 -13.03 -49.67 -11.66
C THR D 69 -13.39 -49.66 -13.14
N TYR D 70 -14.29 -48.78 -13.59
CA TYR D 70 -14.65 -48.70 -15.00
C TYR D 70 -13.70 -47.72 -15.67
N SER D 71 -12.73 -48.25 -16.39
CA SER D 71 -11.68 -47.47 -17.01
C SER D 71 -11.59 -47.78 -18.50
N LYS D 72 -11.90 -46.80 -19.34
CA LYS D 72 -11.69 -46.96 -20.75
C LYS D 72 -10.20 -46.85 -21.08
N PHE D 73 -9.83 -47.34 -22.25
CA PHE D 73 -8.47 -47.18 -22.76
C PHE D 73 -8.58 -46.68 -24.21
N ILE D 74 -8.71 -45.37 -24.37
CA ILE D 74 -8.84 -44.79 -25.70
C ILE D 74 -7.46 -44.72 -26.33
N PHE D 75 -7.36 -45.17 -27.57
CA PHE D 75 -6.12 -45.08 -28.34
C PHE D 75 -6.29 -44.05 -29.45
N LEU D 76 -5.22 -43.86 -30.21
CA LEU D 76 -5.25 -43.11 -31.47
C LEU D 76 -3.99 -43.48 -32.23
N GLY D 77 -3.98 -43.20 -33.53
CA GLY D 77 -2.80 -43.53 -34.31
C GLY D 77 -2.82 -42.92 -35.69
N ASN D 78 -1.65 -42.94 -36.32
CA ASN D 78 -1.48 -42.46 -37.68
C ASN D 78 -0.20 -43.07 -38.23
N SER D 79 -0.26 -43.54 -39.48
CA SER D 79 0.86 -44.22 -40.10
C SER D 79 1.85 -43.27 -40.76
N LYS D 80 1.71 -41.97 -40.55
CA LYS D 80 2.61 -40.99 -41.15
C LYS D 80 3.37 -40.15 -40.15
N MET D 81 2.85 -39.97 -38.93
CA MET D 81 3.55 -39.18 -37.93
C MET D 81 4.76 -39.93 -37.38
N GLU D 82 5.63 -39.20 -36.69
CA GLU D 82 6.86 -39.78 -36.17
C GLU D 82 6.57 -40.64 -34.95
N VAL D 83 6.04 -40.03 -33.89
CA VAL D 83 5.47 -40.80 -32.78
C VAL D 83 4.03 -41.11 -33.15
N PRO D 84 3.73 -42.35 -33.54
CA PRO D 84 2.46 -42.61 -34.21
C PRO D 84 1.25 -42.71 -33.30
N MET D 85 1.39 -43.32 -32.12
CA MET D 85 0.23 -43.68 -31.31
C MET D 85 0.39 -43.17 -29.89
N PHE D 86 -0.73 -43.07 -29.20
CA PHE D 86 -0.75 -42.82 -27.76
C PHE D 86 -2.01 -43.43 -27.18
N LEU D 87 -1.97 -43.76 -25.89
CA LEU D 87 -3.13 -44.26 -25.19
C LEU D 87 -3.43 -43.37 -24.00
N CYS D 88 -4.70 -43.34 -23.59
CA CYS D 88 -5.14 -42.48 -22.52
C CYS D 88 -6.28 -43.15 -21.77
N TYR D 89 -6.14 -43.25 -20.45
CA TYR D 89 -7.04 -44.04 -19.64
C TYR D 89 -7.52 -43.25 -18.43
N CYS D 90 -8.77 -43.49 -18.05
CA CYS D 90 -9.32 -43.01 -16.80
C CYS D 90 -9.23 -44.12 -15.75
N GLY D 91 -9.96 -43.96 -14.66
CA GLY D 91 -10.14 -45.04 -13.70
C GLY D 91 -8.95 -45.25 -12.77
N THR D 92 -9.23 -45.88 -11.64
CA THR D 92 -8.24 -46.16 -10.62
C THR D 92 -8.18 -47.65 -10.27
N ASP D 93 -8.15 -48.51 -11.29
CA ASP D 93 -8.13 -49.94 -11.08
C ASP D 93 -6.70 -50.49 -11.18
N ASN D 94 -6.58 -51.79 -10.95
CA ASN D 94 -5.31 -52.50 -11.12
C ASN D 94 -5.16 -53.10 -12.51
N ARG D 95 -6.28 -53.32 -13.20
CA ARG D 95 -6.26 -53.83 -14.57
C ARG D 95 -5.60 -52.86 -15.53
N ASN D 96 -5.52 -51.57 -15.18
CA ASN D 96 -4.76 -50.60 -15.98
C ASN D 96 -3.29 -50.97 -16.03
N GLU D 97 -2.68 -51.20 -14.86
CA GLU D 97 -1.31 -51.69 -14.82
C GLU D 97 -1.17 -53.09 -15.43
N VAL D 98 -2.21 -53.92 -15.33
CA VAL D 98 -2.18 -55.24 -15.98
C VAL D 98 -2.05 -55.10 -17.50
N VAL D 99 -2.91 -54.28 -18.11
CA VAL D 99 -2.89 -54.17 -19.56
C VAL D 99 -1.68 -53.36 -20.03
N LEU D 100 -1.16 -52.46 -19.18
CA LEU D 100 0.08 -51.78 -19.51
C LEU D 100 1.26 -52.73 -19.50
N GLN D 101 1.29 -53.66 -18.54
CA GLN D 101 2.33 -54.68 -18.50
C GLN D 101 2.23 -55.62 -19.69
N TRP D 102 1.00 -55.99 -20.07
CA TRP D 102 0.81 -56.86 -21.24
C TRP D 102 1.24 -56.17 -22.53
N LEU D 103 0.90 -54.89 -22.68
CA LEU D 103 1.23 -54.18 -23.91
C LEU D 103 2.72 -53.86 -23.98
N LYS D 104 3.36 -53.69 -22.82
CA LYS D 104 4.82 -53.56 -22.78
C LYS D 104 5.51 -54.85 -23.18
N ALA D 105 5.10 -55.98 -22.57
CA ALA D 105 5.81 -57.23 -22.79
C ALA D 105 5.51 -57.84 -24.15
N GLU D 106 4.32 -57.64 -24.69
CA GLU D 106 3.92 -58.36 -25.91
C GLU D 106 4.49 -57.68 -27.14
N TYR D 107 4.25 -56.37 -27.28
CA TYR D 107 4.56 -55.70 -28.54
C TYR D 107 5.96 -55.10 -28.57
N GLY D 108 6.59 -54.91 -27.41
CA GLY D 108 7.92 -54.34 -27.38
C GLY D 108 7.97 -52.86 -27.69
N VAL D 109 7.20 -52.07 -26.95
CA VAL D 109 7.13 -50.64 -27.16
C VAL D 109 7.65 -49.92 -25.92
N ILE D 110 7.84 -48.61 -26.05
CA ILE D 110 8.35 -47.76 -25.00
C ILE D 110 7.33 -46.68 -24.73
N MET D 111 6.94 -46.51 -23.47
CA MET D 111 5.92 -45.55 -23.09
C MET D 111 6.53 -44.52 -22.14
N TRP D 112 6.35 -43.25 -22.48
CA TRP D 112 6.70 -42.17 -21.58
C TRP D 112 5.45 -41.38 -21.22
N PRO D 113 5.36 -40.87 -20.01
CA PRO D 113 4.24 -39.99 -19.67
C PRO D 113 4.35 -38.66 -20.41
N ILE D 114 3.20 -38.11 -20.76
CA ILE D 114 3.13 -36.92 -21.61
C ILE D 114 2.84 -35.72 -20.71
N LYS D 115 3.72 -34.72 -20.77
CA LYS D 115 3.53 -33.45 -20.08
C LYS D 115 3.18 -32.38 -21.11
N PHE D 116 2.22 -31.53 -20.77
CA PHE D 116 1.72 -30.53 -21.69
C PHE D 116 2.45 -29.20 -21.52
N GLU D 117 2.65 -28.51 -22.64
CA GLU D 117 3.21 -27.16 -22.64
C GLU D 117 2.08 -26.16 -22.38
N GLN D 118 2.36 -24.88 -22.58
CA GLN D 118 1.33 -23.87 -22.38
C GLN D 118 0.48 -23.69 -23.63
N LYS D 119 1.12 -23.62 -24.81
CA LYS D 119 0.36 -23.49 -26.05
C LYS D 119 -0.38 -24.78 -26.39
N THR D 120 0.12 -25.92 -25.91
CA THR D 120 -0.62 -27.16 -26.07
C THR D 120 -1.87 -27.18 -25.20
N MET D 121 -1.79 -26.62 -23.99
CA MET D 121 -2.99 -26.48 -23.17
C MET D 121 -3.98 -25.49 -23.78
N ILE D 122 -3.47 -24.44 -24.42
CA ILE D 122 -4.33 -23.48 -25.09
C ILE D 122 -5.04 -24.14 -26.28
N LYS D 123 -4.32 -24.93 -27.06
CA LYS D 123 -4.93 -25.63 -28.19
C LYS D 123 -5.87 -26.75 -27.74
N LEU D 124 -5.62 -27.33 -26.57
CA LEU D 124 -6.53 -28.34 -26.05
C LEU D 124 -7.82 -27.74 -25.52
N ALA D 125 -7.75 -26.55 -24.91
CA ALA D 125 -8.99 -25.85 -24.60
C ALA D 125 -9.66 -25.29 -25.84
N ASP D 126 -8.87 -25.05 -26.89
CA ASP D 126 -9.42 -24.60 -28.15
C ASP D 126 -10.20 -25.70 -28.86
N ALA D 127 -9.74 -26.94 -28.76
CA ALA D 127 -10.35 -28.04 -29.48
C ALA D 127 -11.23 -28.92 -28.59
N SER D 128 -11.58 -28.44 -27.40
CA SER D 128 -12.52 -29.16 -26.53
C SER D 128 -13.85 -28.45 -26.44
N ILE D 129 -14.14 -27.52 -27.34
CA ILE D 129 -15.44 -26.88 -27.43
C ILE D 129 -16.04 -27.00 -28.82
N VAL D 130 -15.26 -27.37 -29.82
CA VAL D 130 -15.78 -27.53 -31.18
C VAL D 130 -16.63 -28.79 -31.21
N HIS D 131 -17.93 -28.63 -31.36
CA HIS D 131 -18.87 -29.72 -31.30
C HIS D 131 -19.14 -30.26 -32.71
N VAL D 132 -19.32 -31.57 -32.79
CA VAL D 132 -19.56 -32.25 -34.06
C VAL D 132 -21.01 -32.73 -34.08
N THR D 133 -21.68 -32.53 -35.21
CA THR D 133 -23.04 -32.99 -35.42
C THR D 133 -23.09 -33.87 -36.68
N LYS D 134 -24.25 -34.49 -36.89
CA LYS D 134 -24.43 -35.43 -37.99
C LYS D 134 -24.65 -34.75 -39.33
N GLU D 135 -24.72 -33.42 -39.37
CA GLU D 135 -24.96 -32.67 -40.60
C GLU D 135 -23.68 -32.10 -41.19
N ASN D 136 -22.57 -32.86 -41.06
CA ASN D 136 -21.21 -32.61 -41.57
C ASN D 136 -20.70 -31.18 -41.44
N ILE D 137 -21.05 -30.52 -40.34
CA ILE D 137 -20.63 -29.16 -40.06
C ILE D 137 -20.18 -29.11 -38.61
N GLU D 138 -19.29 -28.18 -38.28
CA GLU D 138 -18.77 -28.03 -36.94
C GLU D 138 -19.31 -26.74 -36.32
N GLN D 139 -19.96 -26.87 -35.17
CA GLN D 139 -20.48 -25.74 -34.42
C GLN D 139 -19.71 -25.60 -33.11
N ILE D 140 -19.77 -24.41 -32.53
CA ILE D 140 -19.00 -24.07 -31.34
C ILE D 140 -19.96 -23.73 -30.21
N THR D 141 -19.86 -24.45 -29.10
CA THR D 141 -20.54 -24.08 -27.89
C THR D 141 -19.62 -23.21 -27.05
N TRP D 142 -20.11 -22.74 -25.89
CA TRP D 142 -19.33 -21.80 -25.10
C TRP D 142 -19.43 -22.15 -23.62
N PHE D 143 -18.32 -21.96 -22.92
CA PHE D 143 -18.25 -22.18 -21.48
C PHE D 143 -17.48 -21.03 -20.85
N SER D 144 -17.87 -20.69 -19.62
CA SER D 144 -17.24 -19.59 -18.89
C SER D 144 -15.90 -20.07 -18.38
N SER D 145 -14.86 -19.86 -19.18
CA SER D 145 -13.55 -20.42 -18.88
C SER D 145 -12.89 -19.70 -17.71
N LYS D 146 -11.80 -20.29 -17.23
CA LYS D 146 -11.03 -19.71 -16.14
C LYS D 146 -9.61 -20.23 -16.27
N LEU D 147 -8.69 -19.37 -16.68
CA LEU D 147 -7.29 -19.75 -16.70
C LEU D 147 -6.76 -19.76 -15.27
N TYR D 148 -5.62 -20.41 -15.07
CA TYR D 148 -5.07 -20.53 -13.72
C TYR D 148 -3.56 -20.60 -13.81
N PHE D 149 -2.89 -19.67 -13.16
CA PHE D 149 -1.45 -19.59 -13.14
C PHE D 149 -0.94 -19.83 -11.73
N GLU D 150 0.35 -20.17 -11.64
CA GLU D 150 0.99 -20.43 -10.36
C GLU D 150 2.50 -20.27 -10.52
N PRO D 151 3.01 -19.04 -10.50
CA PRO D 151 4.43 -18.83 -10.81
C PRO D 151 5.32 -19.07 -9.61
N GLU D 152 6.63 -19.01 -9.86
CA GLU D 152 7.65 -19.23 -8.84
C GLU D 152 8.45 -17.93 -8.72
N THR D 153 8.12 -17.13 -7.72
CA THR D 153 8.71 -15.81 -7.52
C THR D 153 9.61 -15.81 -6.30
N GLN D 154 10.27 -14.68 -6.09
CA GLN D 154 11.11 -14.53 -4.91
C GLN D 154 10.25 -14.36 -3.66
N ASP D 155 10.62 -15.08 -2.60
CA ASP D 155 10.04 -14.98 -1.25
C ASP D 155 8.55 -15.39 -1.25
N LYS D 156 8.11 -16.10 -2.30
CA LYS D 156 6.70 -16.38 -2.61
C LYS D 156 5.86 -15.11 -2.55
N ASN D 157 6.32 -14.09 -3.29
CA ASN D 157 5.61 -12.82 -3.38
C ASN D 157 4.25 -13.01 -4.03
N LEU D 158 4.23 -13.44 -5.28
CA LEU D 158 3.00 -13.72 -6.02
C LEU D 158 2.86 -15.23 -6.10
N ARG D 159 1.85 -15.77 -5.43
CA ARG D 159 1.72 -17.23 -5.31
C ARG D 159 0.91 -17.81 -6.46
N GLN D 160 -0.33 -17.38 -6.64
CA GLN D 160 -1.16 -17.90 -7.71
C GLN D 160 -2.19 -16.85 -8.11
N PHE D 161 -2.41 -16.72 -9.41
CA PHE D 161 -3.40 -15.79 -9.93
C PHE D 161 -4.12 -16.42 -11.11
N SER D 162 -5.29 -15.89 -11.43
CA SER D 162 -6.22 -16.61 -12.31
C SER D 162 -7.10 -15.63 -13.07
N ILE D 163 -6.83 -15.47 -14.36
CA ILE D 163 -7.77 -14.77 -15.24
C ILE D 163 -9.03 -15.61 -15.41
N GLU D 164 -10.18 -14.95 -15.41
CA GLU D 164 -11.46 -15.63 -15.53
C GLU D 164 -12.35 -14.88 -16.50
N ILE D 165 -12.87 -15.60 -17.49
CA ILE D 165 -13.63 -15.01 -18.59
C ILE D 165 -15.00 -15.66 -18.64
N PRO D 166 -16.10 -14.91 -18.51
CA PRO D 166 -17.44 -15.50 -18.61
C PRO D 166 -17.80 -15.98 -20.01
N ARG D 167 -19.00 -16.56 -20.13
CA ARG D 167 -19.41 -17.16 -21.40
C ARG D 167 -19.75 -16.10 -22.45
N GLU D 168 -20.53 -15.09 -22.06
CA GLU D 168 -21.01 -14.10 -23.01
C GLU D 168 -19.88 -13.22 -23.51
N SER D 169 -18.93 -12.88 -22.66
CA SER D 169 -17.76 -12.11 -23.11
C SER D 169 -16.87 -12.94 -24.02
N CYS D 170 -16.79 -14.25 -23.78
CA CYS D 170 -16.07 -15.16 -24.68
C CYS D 170 -16.71 -15.20 -26.06
N GLU D 171 -18.05 -15.31 -26.10
CA GLU D 171 -18.77 -15.30 -27.36
C GLU D 171 -18.63 -13.96 -28.07
N GLY D 172 -18.63 -12.87 -27.31
CA GLY D 172 -18.47 -11.54 -27.90
C GLY D 172 -17.08 -11.33 -28.48
N LEU D 173 -16.05 -11.86 -27.82
CA LEU D 173 -14.71 -11.77 -28.37
C LEU D 173 -14.56 -12.62 -29.63
N ALA D 174 -15.20 -13.79 -29.64
CA ALA D 174 -15.11 -14.66 -30.81
C ALA D 174 -15.84 -14.08 -32.00
N LEU D 175 -16.99 -13.44 -31.78
CA LEU D 175 -17.66 -12.74 -32.87
C LEU D 175 -16.93 -11.47 -33.26
N GLY D 176 -16.21 -10.85 -32.31
CA GLY D 176 -15.43 -9.67 -32.64
C GLY D 176 -14.22 -9.97 -33.51
N TYR D 177 -13.63 -11.15 -33.36
CA TYR D 177 -12.53 -11.51 -34.25
C TYR D 177 -13.05 -11.89 -35.64
N GLY D 178 -14.13 -12.68 -35.69
CA GLY D 178 -14.72 -13.12 -36.93
C GLY D 178 -15.07 -14.59 -36.88
N ASN D 179 -15.37 -15.15 -38.05
CA ASN D 179 -15.77 -16.54 -38.15
C ASN D 179 -14.51 -17.39 -38.16
N THR D 180 -14.28 -18.14 -37.08
CA THR D 180 -13.13 -19.02 -37.00
C THR D 180 -13.46 -20.21 -36.10
N MET D 181 -12.68 -21.27 -36.28
CA MET D 181 -12.77 -22.46 -35.45
C MET D 181 -11.73 -22.47 -34.34
N HIS D 182 -11.14 -21.33 -34.03
CA HIS D 182 -10.12 -21.22 -32.98
C HIS D 182 -10.33 -19.94 -32.19
N PRO D 183 -11.26 -19.94 -31.23
CA PRO D 183 -11.44 -18.72 -30.43
C PRO D 183 -10.33 -18.44 -29.45
N TYR D 184 -9.83 -19.46 -28.74
CA TYR D 184 -8.90 -19.24 -27.64
C TYR D 184 -7.49 -18.91 -28.09
N ASN D 185 -7.19 -18.96 -29.38
CA ASN D 185 -5.86 -18.66 -29.85
C ASN D 185 -5.81 -17.48 -30.80
N ASP D 186 -6.96 -16.96 -31.23
CA ASP D 186 -7.01 -15.78 -32.08
C ASP D 186 -7.89 -14.67 -31.52
N ALA D 187 -8.72 -14.95 -30.54
CA ALA D 187 -9.64 -13.96 -29.97
C ALA D 187 -9.33 -13.62 -28.52
N ILE D 188 -9.03 -14.61 -27.69
CA ILE D 188 -8.94 -14.39 -26.25
C ILE D 188 -7.52 -14.02 -25.83
N VAL D 189 -6.53 -14.78 -26.27
CA VAL D 189 -5.14 -14.58 -25.85
C VAL D 189 -4.54 -13.29 -26.41
N PRO D 190 -4.77 -12.89 -27.68
CA PRO D 190 -4.37 -11.52 -28.05
C PRO D 190 -5.15 -10.43 -27.33
N TYR D 191 -6.39 -10.69 -26.93
CA TYR D 191 -7.13 -9.69 -26.16
C TYR D 191 -6.54 -9.54 -24.76
N ILE D 192 -6.17 -10.66 -24.13
CA ILE D 192 -5.57 -10.61 -22.81
C ILE D 192 -4.21 -9.93 -22.86
N TYR D 193 -3.43 -10.21 -23.92
CA TYR D 193 -2.15 -9.54 -24.09
C TYR D 193 -2.32 -8.05 -24.40
N ASN D 194 -3.38 -7.67 -25.10
CA ASN D 194 -3.54 -6.27 -25.46
C ASN D 194 -4.09 -5.44 -24.31
N GLU D 195 -4.92 -6.03 -23.45
CA GLU D 195 -5.50 -5.26 -22.36
C GLU D 195 -4.79 -5.45 -21.02
N THR D 196 -3.85 -6.37 -20.92
CA THR D 196 -3.17 -6.60 -19.66
C THR D 196 -1.65 -6.64 -19.82
N GLY D 197 -1.15 -7.08 -20.96
CA GLY D 197 0.27 -7.20 -21.18
C GLY D 197 0.86 -8.53 -20.80
N MET D 198 0.07 -9.45 -20.25
CA MET D 198 0.57 -10.75 -19.83
C MET D 198 0.57 -11.69 -21.02
N ALA D 199 1.75 -12.03 -21.52
CA ALA D 199 1.89 -13.03 -22.58
C ALA D 199 1.58 -14.40 -22.01
N VAL D 200 0.46 -14.98 -22.43
CA VAL D 200 -0.02 -16.21 -21.81
C VAL D 200 0.77 -17.43 -22.27
N GLU D 201 1.34 -17.41 -23.47
CA GLU D 201 2.19 -18.51 -23.91
C GLU D 201 3.49 -18.61 -23.13
N ARG D 202 3.95 -17.52 -22.53
CA ARG D 202 5.17 -17.52 -21.74
C ARG D 202 4.94 -17.64 -20.25
N LEU D 203 3.76 -17.29 -19.77
CA LEU D 203 3.47 -17.39 -18.35
C LEU D 203 3.27 -18.85 -17.95
N PRO D 204 3.57 -19.21 -16.71
CA PRO D 204 3.33 -20.59 -16.28
C PRO D 204 1.86 -20.88 -16.02
N LEU D 205 1.23 -21.61 -16.93
CA LEU D 205 -0.13 -22.09 -16.68
C LEU D 205 -0.10 -23.29 -15.75
N THR D 206 -1.20 -23.49 -15.05
CA THR D 206 -1.40 -24.70 -14.27
C THR D 206 -2.60 -25.50 -14.77
N SER D 207 -3.77 -24.87 -14.90
CA SER D 207 -4.98 -25.62 -15.23
C SER D 207 -5.96 -24.69 -15.94
N VAL D 208 -6.00 -24.78 -17.27
CA VAL D 208 -7.01 -24.06 -18.04
C VAL D 208 -8.35 -24.73 -17.80
N ILE D 209 -9.25 -24.06 -17.08
CA ILE D 209 -10.49 -24.65 -16.60
C ILE D 209 -11.65 -24.09 -17.40
N LEU D 210 -12.38 -24.98 -18.09
CA LEU D 210 -13.70 -24.64 -18.58
C LEU D 210 -14.73 -25.04 -17.52
N ALA D 211 -15.76 -24.21 -17.38
CA ALA D 211 -16.73 -24.40 -16.30
C ALA D 211 -17.61 -25.60 -16.61
N GLY D 212 -17.52 -26.63 -15.77
CA GLY D 212 -18.38 -27.78 -15.88
C GLY D 212 -17.93 -28.83 -16.88
N HIS D 213 -17.43 -28.41 -18.04
CA HIS D 213 -17.17 -29.36 -19.12
C HIS D 213 -15.89 -30.15 -18.88
N THR D 214 -14.73 -29.49 -18.90
CA THR D 214 -13.48 -30.18 -18.66
C THR D 214 -12.66 -29.48 -17.58
N LYS D 215 -11.44 -29.97 -17.34
CA LYS D 215 -10.44 -29.25 -16.56
C LYS D 215 -9.08 -29.79 -17.00
N ILE D 216 -8.40 -29.03 -17.84
CA ILE D 216 -7.07 -29.43 -18.31
C ILE D 216 -6.07 -29.20 -17.19
N MET D 217 -4.95 -29.92 -17.23
CA MET D 217 -3.81 -29.66 -16.35
C MET D 217 -2.55 -29.78 -17.18
N ARG D 218 -1.39 -29.77 -16.51
CA ARG D 218 -0.13 -29.94 -17.23
C ARG D 218 0.18 -31.39 -17.53
N GLU D 219 -0.38 -32.32 -16.76
CA GLU D 219 -0.17 -33.74 -17.00
C GLU D 219 -1.44 -34.54 -17.22
N SER D 220 -2.61 -33.98 -16.91
CA SER D 220 -3.84 -34.74 -16.95
C SER D 220 -4.97 -33.86 -17.47
N ILE D 221 -6.11 -34.48 -17.75
CA ILE D 221 -7.33 -33.80 -18.17
C ILE D 221 -8.49 -34.39 -17.38
N VAL D 222 -9.17 -33.57 -16.62
CA VAL D 222 -10.42 -33.99 -15.99
C VAL D 222 -11.55 -33.62 -16.93
N THR D 223 -12.57 -34.48 -17.02
CA THR D 223 -13.72 -34.22 -17.87
C THR D 223 -15.03 -34.49 -17.14
N SER D 224 -16.13 -34.53 -17.89
CA SER D 224 -17.44 -34.87 -17.33
C SER D 224 -18.01 -36.14 -17.92
N THR D 225 -17.90 -36.34 -19.22
CA THR D 225 -18.27 -37.62 -19.82
C THR D 225 -17.11 -38.60 -19.72
N ARG D 226 -17.36 -39.85 -20.10
CA ARG D 226 -16.31 -40.86 -20.11
C ARG D 226 -15.59 -40.94 -21.44
N SER D 227 -15.87 -40.04 -22.37
CA SER D 227 -15.27 -40.07 -23.69
C SER D 227 -14.60 -38.74 -24.00
N LEU D 228 -13.62 -38.78 -24.90
CA LEU D 228 -12.94 -37.59 -25.37
C LEU D 228 -13.26 -37.39 -26.84
N ARG D 229 -13.35 -36.11 -27.23
CA ARG D 229 -13.68 -35.78 -28.61
C ARG D 229 -12.51 -36.09 -29.53
N ASN D 230 -12.79 -36.10 -30.84
CA ASN D 230 -11.76 -36.43 -31.81
C ASN D 230 -10.74 -35.33 -31.95
N ARG D 231 -11.15 -34.07 -31.77
CA ARG D 231 -10.23 -32.96 -31.92
C ARG D 231 -9.24 -32.89 -30.77
N VAL D 232 -9.66 -33.27 -29.56
CA VAL D 232 -8.77 -33.28 -28.40
C VAL D 232 -7.66 -34.31 -28.59
N LEU D 233 -8.02 -35.52 -29.01
CA LEU D 233 -7.04 -36.55 -29.24
C LEU D 233 -6.16 -36.24 -30.45
N ALA D 234 -6.71 -35.59 -31.47
CA ALA D 234 -5.91 -35.19 -32.62
C ALA D 234 -4.88 -34.13 -32.23
N VAL D 235 -5.26 -33.19 -31.36
CA VAL D 235 -4.33 -32.16 -30.91
C VAL D 235 -3.25 -32.77 -30.02
N VAL D 236 -3.63 -33.73 -29.16
CA VAL D 236 -2.66 -34.39 -28.28
C VAL D 236 -1.66 -35.20 -29.10
N LEU D 237 -2.13 -35.92 -30.13
CA LEU D 237 -1.21 -36.70 -30.96
C LEU D 237 -0.36 -35.79 -31.84
N GLN D 238 -0.90 -34.66 -32.29
CA GLN D 238 -0.14 -33.74 -33.13
C GLN D 238 0.91 -33.00 -32.34
N SER D 239 0.68 -32.76 -31.05
CA SER D 239 1.56 -31.90 -30.27
C SER D 239 2.85 -32.60 -29.85
N ILE D 240 2.83 -33.92 -29.70
CA ILE D 240 3.94 -34.63 -29.09
C ILE D 240 4.97 -35.06 -30.12
N GLN D 241 4.87 -34.57 -31.35
CA GLN D 241 5.78 -34.95 -32.40
C GLN D 241 7.15 -34.28 -32.23
N PHE D 242 8.03 -34.51 -33.19
CA PHE D 242 9.38 -33.98 -33.11
C PHE D 242 9.65 -32.96 -34.22
N LEU E 5 -21.57 -0.63 35.80
CA LEU E 5 -20.85 -1.87 36.00
C LEU E 5 -19.53 -1.90 35.22
N ARG E 6 -19.02 -0.72 34.90
CA ARG E 6 -17.71 -0.60 34.27
C ARG E 6 -16.61 -0.99 35.25
N LEU E 7 -15.61 -1.69 34.74
CA LEU E 7 -14.56 -2.24 35.59
C LEU E 7 -13.45 -1.21 35.80
N GLU E 8 -13.04 -1.05 37.05
CA GLU E 8 -11.92 -0.20 37.39
C GLU E 8 -10.61 -0.94 37.13
N ASP E 9 -9.50 -0.22 37.34
CA ASP E 9 -8.19 -0.75 36.96
C ASP E 9 -7.69 -1.82 37.92
N ASN E 10 -8.07 -1.77 39.18
CA ASN E 10 -7.58 -2.71 40.19
C ASN E 10 -8.34 -4.03 40.20
N TYR E 11 -9.24 -4.24 39.26
CA TYR E 11 -9.98 -5.50 39.18
C TYR E 11 -9.05 -6.62 38.71
N VAL E 12 -9.32 -7.83 39.19
CA VAL E 12 -8.55 -9.02 38.85
C VAL E 12 -9.46 -9.98 38.10
N PRO E 13 -9.19 -10.28 36.83
CA PRO E 13 -9.99 -11.28 36.13
C PRO E 13 -9.47 -12.68 36.35
N THR E 14 -10.10 -13.68 35.71
CA THR E 14 -9.67 -15.07 35.83
C THR E 14 -8.99 -15.49 34.52
N SER E 15 -7.70 -15.19 34.45
CA SER E 15 -6.86 -15.60 33.33
C SER E 15 -5.95 -16.74 33.75
N ASP E 16 -5.61 -17.59 32.79
CA ASP E 16 -4.71 -18.72 33.06
C ASP E 16 -3.29 -18.22 33.30
N THR E 17 -2.53 -18.99 34.07
CA THR E 17 -1.18 -18.59 34.42
C THR E 17 -0.18 -18.95 33.33
N LEU E 18 -0.44 -20.04 32.59
CA LEU E 18 0.49 -20.45 31.55
C LEU E 18 0.44 -19.54 30.32
N VAL E 19 -0.74 -19.01 29.98
CA VAL E 19 -0.83 -18.18 28.78
C VAL E 19 -0.29 -16.78 29.04
N VAL E 20 -0.42 -16.27 30.28
CA VAL E 20 0.22 -15.00 30.65
C VAL E 20 1.73 -15.17 30.67
N PHE E 21 2.20 -16.36 31.07
CA PHE E 21 3.63 -16.65 31.04
C PHE E 21 4.15 -16.72 29.61
N LYS E 22 3.39 -17.35 28.71
CA LYS E 22 3.80 -17.42 27.31
C LYS E 22 3.76 -16.06 26.64
N GLN E 23 2.82 -15.20 27.04
CA GLN E 23 2.80 -13.82 26.55
C GLN E 23 4.02 -13.04 27.05
N LEU E 24 4.35 -13.20 28.33
CA LEU E 24 5.46 -12.45 28.91
C LEU E 24 6.82 -12.96 28.46
N MET E 25 6.91 -14.19 27.95
CA MET E 25 8.16 -14.68 27.40
C MET E 25 8.50 -14.08 26.04
N LYS E 26 7.61 -13.29 25.44
CA LYS E 26 7.85 -12.67 24.13
C LYS E 26 8.30 -11.22 24.26
N LEU E 27 8.85 -10.83 25.40
CA LEU E 27 9.28 -9.45 25.60
C LEU E 27 10.73 -9.38 26.04
N PRO E 28 11.43 -8.28 25.73
CA PRO E 28 12.77 -8.07 26.28
C PRO E 28 12.76 -7.72 27.76
N VAL E 29 13.95 -7.52 28.33
CA VAL E 29 14.06 -7.36 29.77
C VAL E 29 13.84 -5.91 30.23
N THR E 30 14.22 -4.93 29.40
CA THR E 30 14.12 -3.53 29.82
C THR E 30 12.67 -3.06 29.85
N VAL E 31 11.83 -3.55 28.94
CA VAL E 31 10.41 -3.21 29.00
C VAL E 31 9.75 -3.94 30.17
N LEU E 32 10.26 -5.11 30.54
CA LEU E 32 9.78 -5.80 31.73
C LEU E 32 10.14 -5.02 33.00
N TYR E 33 11.32 -4.42 33.01
CA TYR E 33 11.75 -3.60 34.15
C TYR E 33 10.92 -2.33 34.27
N ASP E 34 10.65 -1.67 33.14
CA ASP E 34 9.82 -0.47 33.16
C ASP E 34 8.37 -0.80 33.53
N LEU E 35 7.88 -1.96 33.07
CA LEU E 35 6.55 -2.41 33.46
C LEU E 35 6.47 -2.72 34.94
N THR E 36 7.53 -3.33 35.49
CA THR E 36 7.61 -3.60 36.92
C THR E 36 7.53 -2.32 37.73
N LEU E 37 8.33 -1.32 37.34
CA LEU E 37 8.32 -0.01 38.00
C LEU E 37 6.96 0.67 37.91
N SER E 38 6.34 0.66 36.73
CA SER E 38 5.07 1.36 36.56
C SER E 38 3.93 0.66 37.29
N TRP E 39 3.93 -0.68 37.30
CA TRP E 39 2.87 -1.40 38.00
C TRP E 39 3.01 -1.29 39.50
N PHE E 40 4.25 -1.32 40.03
CA PHE E 40 4.38 -1.18 41.47
C PHE E 40 4.20 0.26 41.92
N ALA E 41 4.42 1.23 41.01
CA ALA E 41 4.07 2.60 41.35
C ALA E 41 2.56 2.81 41.33
N LYS E 42 1.86 2.14 40.41
CA LYS E 42 0.41 2.34 40.30
C LYS E 42 -0.34 1.61 41.41
N PHE E 43 -0.17 0.29 41.50
CA PHE E 43 -0.94 -0.53 42.42
C PHE E 43 -0.10 -1.09 43.56
N GLY E 44 0.95 -1.83 43.24
CA GLY E 44 1.80 -2.42 44.28
C GLY E 44 1.35 -3.80 44.68
N GLY E 45 1.95 -4.30 45.76
CA GLY E 45 1.63 -5.61 46.27
C GLY E 45 2.85 -6.51 46.40
N SER E 46 3.10 -7.00 47.62
CA SER E 46 4.22 -7.86 47.98
C SER E 46 5.59 -7.26 47.59
N ILE E 51 9.22 1.04 48.33
CA ILE E 51 9.36 1.75 47.06
C ILE E 51 10.76 1.56 46.50
N TYR E 52 11.73 2.29 47.08
CA TYR E 52 13.10 2.23 46.63
C TYR E 52 13.81 0.94 47.05
N LEU E 53 13.34 0.27 48.10
CA LEU E 53 14.00 -0.95 48.57
C LEU E 53 13.74 -2.14 47.67
N LEU E 54 12.51 -2.29 47.18
CA LEU E 54 12.17 -3.39 46.29
C LEU E 54 12.67 -3.18 44.86
N THR E 55 13.15 -2.00 44.51
CA THR E 55 13.80 -1.78 43.24
C THR E 55 15.23 -2.30 43.21
N GLU E 56 15.81 -2.59 44.38
CA GLU E 56 17.21 -2.98 44.45
C GLU E 56 17.46 -4.40 43.95
N THR E 57 16.44 -5.26 43.99
CA THR E 57 16.59 -6.63 43.47
C THR E 57 16.42 -6.70 41.96
N LEU E 58 16.12 -5.58 41.31
CA LEU E 58 15.98 -5.51 39.86
C LEU E 58 17.07 -4.67 39.21
N ASP E 59 17.54 -3.62 39.89
CA ASP E 59 18.60 -2.78 39.35
C ASP E 59 19.92 -3.54 39.26
N LEU E 60 20.13 -4.52 40.14
CA LEU E 60 21.33 -5.34 40.13
C LEU E 60 21.16 -6.64 39.35
N LEU E 61 19.93 -7.09 39.13
CA LEU E 61 19.70 -8.33 38.40
C LEU E 61 19.95 -8.17 36.91
N ILE E 62 19.44 -7.07 36.33
CA ILE E 62 19.63 -6.84 34.91
C ILE E 62 21.04 -6.33 34.62
N GLU E 63 21.68 -5.68 35.60
CA GLU E 63 23.08 -5.31 35.45
C GLU E 63 23.98 -6.53 35.46
N LYS E 64 23.57 -7.61 36.12
CA LYS E 64 24.29 -8.87 36.04
C LYS E 64 24.01 -9.62 34.74
N GLY E 65 22.91 -9.32 34.08
CA GLY E 65 22.55 -10.01 32.85
C GLY E 65 21.88 -11.35 33.06
N VAL E 66 20.87 -11.41 33.93
CA VAL E 66 20.18 -12.65 34.24
C VAL E 66 19.19 -12.99 33.14
N ARG E 67 18.70 -14.23 33.16
CA ARG E 67 17.72 -14.67 32.17
C ARG E 67 16.35 -14.04 32.44
N ARG E 68 15.50 -14.08 31.42
CA ARG E 68 14.18 -13.48 31.50
C ARG E 68 13.21 -14.28 32.37
N ASN E 69 13.45 -15.59 32.53
CA ASN E 69 12.54 -16.45 33.28
C ASN E 69 12.50 -16.07 34.75
N VAL E 70 13.64 -15.65 35.31
CA VAL E 70 13.69 -15.22 36.70
C VAL E 70 12.88 -13.95 36.91
N ILE E 71 13.00 -12.99 35.98
CA ILE E 71 12.29 -11.73 36.16
C ILE E 71 10.80 -11.87 35.86
N VAL E 72 10.40 -12.81 35.00
CA VAL E 72 8.96 -12.98 34.81
C VAL E 72 8.36 -13.82 35.94
N ASN E 73 9.15 -14.70 36.57
CA ASN E 73 8.66 -15.37 37.78
C ASN E 73 8.54 -14.39 38.94
N ARG E 74 9.44 -13.40 39.00
CA ARG E 74 9.33 -12.37 40.01
C ARG E 74 8.13 -11.47 39.77
N ILE E 75 7.88 -11.09 38.51
CA ILE E 75 6.77 -10.19 38.23
C ILE E 75 5.43 -10.92 38.20
N LEU E 76 5.42 -12.24 38.12
CA LEU E 76 4.17 -12.98 38.16
C LEU E 76 3.85 -13.56 39.52
N TYR E 77 4.86 -13.80 40.36
CA TYR E 77 4.64 -14.44 41.65
C TYR E 77 4.91 -13.50 42.83
N VAL E 78 4.80 -12.18 42.62
CA VAL E 78 4.52 -11.23 43.68
C VAL E 78 3.20 -10.51 43.44
N TYR E 79 2.60 -10.68 42.26
CA TYR E 79 1.22 -10.27 42.00
C TYR E 79 0.29 -11.47 41.99
N TRP E 80 0.65 -12.53 42.71
CA TRP E 80 -0.12 -13.76 42.72
C TRP E 80 -1.40 -13.60 43.54
N GLY E 83 -3.33 -14.58 36.80
CA GLY E 83 -3.81 -13.26 36.46
C GLY E 83 -3.21 -12.16 37.30
N LEU E 84 -2.81 -11.06 36.65
CA LEU E 84 -2.18 -9.95 37.37
C LEU E 84 -3.25 -8.93 37.77
N ASN E 85 -3.85 -8.29 36.78
CA ASN E 85 -5.07 -7.50 36.87
C ASN E 85 -5.56 -7.32 35.45
N VAL E 86 -6.52 -6.40 35.24
CA VAL E 86 -6.96 -6.15 33.88
C VAL E 86 -6.05 -5.11 33.19
N PHE E 87 -5.56 -4.12 33.92
CA PHE E 87 -4.73 -3.08 33.34
C PHE E 87 -3.35 -3.62 32.97
N GLN E 88 -2.80 -4.53 33.78
CA GLN E 88 -1.50 -5.09 33.48
C GLN E 88 -1.55 -6.04 32.30
N LEU E 89 -2.65 -6.79 32.17
CA LEU E 89 -2.83 -7.64 31.00
C LEU E 89 -3.00 -6.81 29.73
N ALA E 90 -3.72 -5.68 29.85
CA ALA E 90 -3.86 -4.77 28.72
C ALA E 90 -2.51 -4.19 28.31
N GLU E 91 -1.68 -3.83 29.28
CA GLU E 91 -0.36 -3.28 28.96
C GLU E 91 0.57 -4.34 28.37
N ILE E 92 0.45 -5.58 28.82
CA ILE E 92 1.24 -6.68 28.25
C ILE E 92 0.88 -6.92 26.80
N ASP E 93 -0.42 -6.99 26.50
CA ASP E 93 -0.85 -7.26 25.13
C ASP E 93 -0.58 -6.06 24.22
N CYS E 94 -0.65 -4.85 24.75
CA CYS E 94 -0.34 -3.68 23.94
C CYS E 94 1.16 -3.57 23.65
N HIS E 95 2.01 -3.94 24.61
CA HIS E 95 3.44 -3.96 24.34
C HIS E 95 3.82 -5.09 23.39
N LEU E 96 3.07 -6.20 23.40
CA LEU E 96 3.23 -7.21 22.37
C LEU E 96 2.83 -6.69 21.00
N MET E 97 1.79 -5.84 20.93
CA MET E 97 1.42 -5.23 19.66
C MET E 97 2.51 -4.29 19.15
N ILE E 98 3.10 -3.50 20.04
CA ILE E 98 4.19 -2.61 19.64
C ILE E 98 5.42 -3.40 19.21
N SER E 99 5.67 -4.54 19.87
CA SER E 99 6.91 -5.28 19.64
C SER E 99 6.89 -6.02 18.30
N LYS E 100 5.83 -6.78 18.02
CA LYS E 100 5.72 -7.57 16.81
C LYS E 100 4.45 -7.17 16.05
N PRO E 101 4.53 -6.16 15.18
CA PRO E 101 3.33 -5.65 14.52
C PRO E 101 2.85 -6.49 13.36
N GLU E 102 3.63 -7.47 12.89
CA GLU E 102 3.27 -8.26 11.72
C GLU E 102 2.29 -9.39 12.03
N LYS E 103 1.81 -9.50 13.28
CA LYS E 103 0.92 -10.60 13.65
C LYS E 103 -0.56 -10.22 13.61
N PHE E 104 -0.89 -8.94 13.70
CA PHE E 104 -2.28 -8.51 13.77
C PHE E 104 -2.84 -8.31 12.37
N LYS E 105 -4.11 -7.89 12.29
CA LYS E 105 -4.78 -7.68 11.02
C LYS E 105 -5.79 -6.56 11.18
N TRP E 106 -5.61 -5.48 10.41
CA TRP E 106 -6.47 -4.31 10.51
C TRP E 106 -7.40 -4.23 9.31
N LEU E 107 -8.48 -3.48 9.47
CA LEU E 107 -9.53 -3.40 8.46
C LEU E 107 -10.16 -2.02 8.49
N PRO E 108 -9.99 -1.21 7.46
CA PRO E 108 -10.33 0.22 7.55
C PRO E 108 -11.81 0.48 7.39
N SER E 109 -12.21 1.68 7.84
CA SER E 109 -13.60 2.13 7.76
C SER E 109 -13.63 3.64 7.84
N LYS E 110 -14.12 4.29 6.79
CA LYS E 110 -14.23 5.74 6.73
C LYS E 110 -15.36 6.21 7.65
N ALA E 111 -15.34 7.50 8.02
CA ALA E 111 -16.31 8.08 8.95
C ALA E 111 -17.02 9.24 8.26
N LEU E 112 -18.09 8.94 7.54
CA LEU E 112 -18.88 9.97 6.90
C LEU E 112 -19.84 10.61 7.90
N ARG E 113 -20.55 11.63 7.43
CA ARG E 113 -21.57 12.30 8.23
C ARG E 113 -22.54 12.97 7.28
N GLY E 114 -23.73 13.27 7.80
CA GLY E 114 -24.66 14.26 7.27
C GLY E 114 -24.98 14.20 5.79
N ASP E 115 -24.47 15.21 5.06
CA ASP E 115 -24.63 15.27 3.62
C ASP E 115 -23.91 14.12 2.93
N GLY E 116 -22.73 13.75 3.42
CA GLY E 116 -21.94 12.73 2.78
C GLY E 116 -20.46 13.06 2.79
N LYS E 117 -20.12 14.23 3.30
CA LYS E 117 -18.74 14.66 3.39
C LYS E 117 -18.05 13.94 4.55
N PRO E 118 -16.79 13.54 4.41
CA PRO E 118 -16.09 12.87 5.50
C PRO E 118 -15.80 13.81 6.66
N TYR E 119 -15.60 13.21 7.82
CA TYR E 119 -15.49 13.94 9.08
C TYR E 119 -14.17 13.59 9.73
N VAL E 120 -13.30 14.59 9.89
CA VAL E 120 -12.06 14.40 10.63
C VAL E 120 -12.39 14.21 12.10
N VAL E 121 -11.71 13.28 12.76
CA VAL E 121 -12.12 12.84 14.09
C VAL E 121 -11.76 13.88 15.15
N LYS E 122 -10.46 14.18 15.30
CA LYS E 122 -9.92 15.18 16.23
C LYS E 122 -10.36 14.93 17.67
N LEU E 123 -9.97 13.78 18.19
CA LEU E 123 -10.41 13.37 19.53
C LEU E 123 -9.29 13.58 20.53
N GLN E 124 -9.68 13.78 21.78
CA GLN E 124 -8.75 13.88 22.90
C GLN E 124 -8.72 12.57 23.67
N PRO E 125 -7.53 12.05 23.98
CA PRO E 125 -7.45 10.72 24.59
C PRO E 125 -7.94 10.65 26.03
N ALA E 126 -8.11 11.79 26.71
CA ALA E 126 -8.60 11.75 28.08
C ALA E 126 -10.11 11.55 28.11
N LYS E 127 -10.87 12.53 27.61
CA LYS E 127 -12.32 12.54 27.74
C LYS E 127 -13.03 11.54 26.82
N PHE E 128 -12.31 10.94 25.87
CA PHE E 128 -12.93 9.92 25.02
C PHE E 128 -13.15 8.62 25.78
N ILE E 129 -12.29 8.32 26.76
CA ILE E 129 -12.32 7.02 27.41
C ILE E 129 -13.52 6.88 28.34
N GLU E 130 -13.83 7.91 29.13
CA GLU E 130 -14.95 7.81 30.07
C GLU E 130 -16.29 7.74 29.35
N ASN E 131 -16.46 8.51 28.27
CA ASN E 131 -17.73 8.50 27.56
C ASN E 131 -17.95 7.18 26.82
N LEU E 132 -16.89 6.64 26.20
CA LEU E 132 -17.02 5.36 25.51
C LEU E 132 -17.23 4.22 26.51
N GLN E 133 -16.53 4.27 27.65
CA GLN E 133 -16.69 3.23 28.66
C GLN E 133 -18.05 3.30 29.34
N THR E 134 -18.62 4.51 29.47
CA THR E 134 -19.96 4.64 30.02
C THR E 134 -21.02 4.20 29.01
N ASP E 135 -20.79 4.42 27.71
CA ASP E 135 -21.74 3.96 26.71
C ASP E 135 -21.70 2.44 26.59
N LEU E 136 -20.50 1.85 26.62
CA LEU E 136 -20.39 0.40 26.56
C LEU E 136 -20.76 -0.27 27.87
N ALA E 137 -20.69 0.43 29.00
CA ALA E 137 -20.94 -0.16 30.30
C ALA E 137 -22.39 -0.52 30.55
N LYS E 138 -23.33 0.01 29.76
CA LYS E 138 -24.73 -0.31 29.95
C LYS E 138 -25.12 -1.66 29.38
N ILE E 139 -24.23 -2.32 28.64
CA ILE E 139 -24.56 -3.57 27.95
C ILE E 139 -23.69 -4.73 28.43
N TYR E 140 -22.37 -4.55 28.43
CA TYR E 140 -21.45 -5.59 28.87
C TYR E 140 -20.47 -5.03 29.89
N HIS E 141 -19.71 -5.93 30.50
CA HIS E 141 -18.63 -5.57 31.41
C HIS E 141 -17.39 -5.29 30.56
N CYS E 142 -17.07 -4.02 30.38
CA CYS E 142 -16.02 -3.62 29.46
C CYS E 142 -14.89 -2.93 30.19
N HIS E 143 -13.73 -2.90 29.54
CA HIS E 143 -12.59 -2.13 30.00
C HIS E 143 -11.86 -1.56 28.79
N VAL E 144 -11.60 -0.27 28.80
CA VAL E 144 -11.05 0.45 27.67
C VAL E 144 -9.69 1.01 28.07
N TYR E 145 -8.67 0.73 27.25
CA TYR E 145 -7.31 1.19 27.49
C TYR E 145 -6.78 1.82 26.22
N MET E 146 -6.17 3.00 26.35
CA MET E 146 -5.76 3.80 25.20
C MET E 146 -4.32 4.24 25.38
N PHE E 147 -3.53 4.12 24.31
CA PHE E 147 -2.15 4.57 24.31
C PHE E 147 -1.81 5.12 22.94
N LYS E 148 -0.80 5.97 22.89
CA LYS E 148 -0.27 6.48 21.63
C LYS E 148 0.92 5.64 21.21
N HIS E 149 0.95 5.28 19.93
CA HIS E 149 2.04 4.48 19.40
C HIS E 149 3.33 5.31 19.42
N PRO E 150 4.47 4.70 19.77
CA PRO E 150 5.71 5.49 19.91
C PRO E 150 6.31 5.96 18.60
N SER E 151 6.03 5.27 17.48
CA SER E 151 6.58 5.68 16.18
C SER E 151 5.55 6.41 15.33
N LEU E 152 4.42 5.76 15.04
CA LEU E 152 3.41 6.35 14.20
C LEU E 152 2.54 7.30 15.00
N PRO E 153 1.86 8.26 14.33
CA PRO E 153 0.95 9.17 15.04
C PRO E 153 -0.48 8.64 15.15
N VAL E 154 -0.64 7.45 15.73
CA VAL E 154 -1.97 6.89 15.95
C VAL E 154 -2.23 6.80 17.45
N LEU E 155 -3.48 6.51 17.80
CA LEU E 155 -3.91 6.31 19.18
C LEU E 155 -4.65 4.97 19.22
N ILE E 156 -3.90 3.89 19.45
CA ILE E 156 -4.48 2.56 19.44
C ILE E 156 -5.28 2.35 20.72
N THR E 157 -6.58 2.13 20.57
CA THR E 157 -7.44 1.78 21.69
C THR E 157 -7.50 0.27 21.82
N ARG E 158 -7.86 -0.22 23.01
CA ARG E 158 -8.03 -1.64 23.25
C ARG E 158 -9.28 -1.84 24.10
N ILE E 159 -10.30 -2.44 23.51
CA ILE E 159 -11.57 -2.69 24.19
C ILE E 159 -11.67 -4.18 24.43
N GLN E 160 -11.84 -4.57 25.69
CA GLN E 160 -11.94 -5.98 26.08
C GLN E 160 -13.25 -6.17 26.83
N LEU E 161 -14.13 -7.00 26.30
CA LEU E 161 -15.43 -7.26 26.89
C LEU E 161 -15.37 -8.55 27.70
N PHE E 162 -16.03 -8.55 28.84
CA PHE E 162 -16.06 -9.69 29.73
C PHE E 162 -17.44 -10.33 29.74
N ASP E 163 -17.51 -11.51 30.35
CA ASP E 163 -18.76 -12.23 30.52
C ASP E 163 -18.62 -13.10 31.76
N SER E 164 -19.74 -13.70 32.18
CA SER E 164 -19.78 -14.49 33.40
C SER E 164 -20.48 -15.82 33.11
N ASN E 165 -19.68 -16.85 32.83
CA ASN E 165 -20.10 -18.25 32.75
C ASN E 165 -21.26 -18.54 31.79
N PRO E 193 -15.24 -16.12 38.44
CA PRO E 193 -15.32 -14.66 38.36
C PRO E 193 -15.88 -14.19 37.02
N LEU E 194 -15.12 -13.38 36.29
CA LEU E 194 -15.55 -12.81 35.01
C LEU E 194 -14.65 -13.34 33.92
N ILE E 195 -15.21 -14.16 33.03
CA ILE E 195 -14.43 -14.71 31.91
C ILE E 195 -14.18 -13.60 30.89
N SER E 196 -13.14 -13.76 30.10
CA SER E 196 -12.72 -12.74 29.14
C SER E 196 -12.95 -13.22 27.72
N ARG E 197 -13.27 -12.26 26.84
CA ARG E 197 -13.44 -12.54 25.43
C ARG E 197 -12.19 -12.15 24.67
N ARG E 198 -12.24 -12.22 23.35
CA ARG E 198 -11.14 -11.77 22.53
C ARG E 198 -11.13 -10.24 22.50
N PRO E 199 -9.97 -9.61 22.73
CA PRO E 199 -9.93 -8.15 22.73
C PRO E 199 -10.07 -7.60 21.32
N TYR E 200 -10.56 -6.37 21.24
CA TYR E 200 -10.93 -5.74 19.98
C TYR E 200 -10.23 -4.39 19.90
N TYR E 201 -9.30 -4.25 18.96
CA TYR E 201 -8.49 -3.05 18.82
C TYR E 201 -9.10 -2.12 17.80
N VAL E 202 -9.12 -0.83 18.12
CA VAL E 202 -9.54 0.22 17.21
C VAL E 202 -8.46 1.28 17.23
N ALA E 203 -7.86 1.55 16.07
CA ALA E 203 -6.76 2.50 15.97
C ALA E 203 -7.26 3.77 15.29
N PHE E 204 -7.14 4.89 15.99
CA PHE E 204 -7.49 6.18 15.42
C PHE E 204 -6.22 6.86 14.94
N PRO E 205 -6.15 7.31 13.69
CA PRO E 205 -5.07 8.23 13.30
C PRO E 205 -5.31 9.62 13.85
N LEU E 206 -4.40 10.56 13.59
CA LEU E 206 -4.52 11.85 14.25
C LEU E 206 -5.51 12.77 13.54
N ASN E 207 -5.47 12.84 12.22
CA ASN E 207 -6.35 13.76 11.50
C ASN E 207 -6.93 13.11 10.24
N SER E 208 -7.44 11.90 10.36
CA SER E 208 -8.07 11.28 9.21
C SER E 208 -9.51 10.93 9.49
N PRO E 209 -10.35 10.90 8.45
CA PRO E 209 -11.68 10.29 8.59
C PRO E 209 -11.67 8.78 8.55
N ILE E 210 -10.53 8.15 8.31
CA ILE E 210 -10.45 6.70 8.17
C ILE E 210 -9.94 6.11 9.48
N ILE E 211 -10.69 5.17 10.03
CA ILE E 211 -10.41 4.56 11.32
C ILE E 211 -10.19 3.08 11.12
N PHE E 212 -9.04 2.57 11.55
CA PHE E 212 -8.72 1.16 11.40
C PHE E 212 -9.18 0.40 12.65
N HIS E 213 -9.69 -0.80 12.43
CA HIS E 213 -10.11 -1.65 13.53
C HIS E 213 -9.79 -3.10 13.21
N SER E 214 -9.74 -3.92 14.25
CA SER E 214 -9.40 -5.32 14.09
C SER E 214 -10.53 -6.07 13.43
N VAL E 215 -10.18 -7.08 12.64
CA VAL E 215 -11.17 -7.83 11.86
C VAL E 215 -11.89 -8.83 12.76
N ASP E 216 -13.20 -8.63 12.93
CA ASP E 216 -14.10 -9.50 13.66
C ASP E 216 -15.52 -9.23 13.14
N LYS E 217 -16.29 -10.30 13.02
CA LYS E 217 -17.66 -10.20 12.52
C LYS E 217 -18.68 -10.74 13.52
N ASP E 218 -18.34 -10.72 14.81
CA ASP E 218 -19.25 -11.15 15.86
C ASP E 218 -20.22 -10.02 16.18
N ILE E 219 -21.00 -10.18 17.25
CA ILE E 219 -21.93 -9.13 17.60
C ILE E 219 -21.28 -8.11 18.53
N TYR E 220 -20.20 -8.49 19.21
CA TYR E 220 -19.52 -7.56 20.10
C TYR E 220 -18.66 -6.58 19.31
N ALA E 221 -18.14 -7.01 18.17
CA ALA E 221 -17.42 -6.08 17.29
C ALA E 221 -18.35 -5.01 16.74
N ARG E 222 -19.57 -5.41 16.35
CA ARG E 222 -20.55 -4.43 15.89
C ARG E 222 -20.99 -3.51 17.01
N LEU E 223 -21.10 -4.04 18.23
CA LEU E 223 -21.47 -3.22 19.37
C LEU E 223 -20.39 -2.20 19.71
N VAL E 224 -19.13 -2.60 19.65
CA VAL E 224 -18.04 -1.68 19.99
C VAL E 224 -17.87 -0.63 18.90
N LEU E 225 -17.98 -1.02 17.63
CA LEU E 225 -17.86 -0.04 16.55
C LEU E 225 -19.03 0.93 16.54
N GLN E 226 -20.23 0.45 16.88
CA GLN E 226 -21.39 1.35 16.95
C GLN E 226 -21.30 2.28 18.15
N SER E 227 -20.79 1.79 19.28
CA SER E 227 -20.65 2.65 20.45
C SER E 227 -19.56 3.69 20.24
N ILE E 228 -18.49 3.33 19.52
CA ILE E 228 -17.47 4.30 19.15
C ILE E 228 -18.03 5.36 18.22
N SER E 229 -18.83 4.96 17.23
CA SER E 229 -19.43 5.93 16.32
C SER E 229 -20.54 6.75 16.99
N ARG E 230 -21.02 6.31 18.15
CA ARG E 230 -21.95 7.15 18.91
C ARG E 230 -21.24 8.11 19.85
N THR E 231 -20.08 7.74 20.40
CA THR E 231 -19.45 8.56 21.41
C THR E 231 -18.39 9.51 20.88
N ILE E 232 -17.98 9.37 19.61
CA ILE E 232 -16.95 10.24 19.05
C ILE E 232 -17.53 11.54 18.53
N SER E 233 -18.84 11.63 18.38
CA SER E 233 -19.45 12.72 17.62
C SER E 233 -19.62 13.98 18.47
N GLU E 234 -20.51 13.91 19.46
CA GLU E 234 -20.87 14.92 20.46
C GLU E 234 -21.57 16.15 19.87
N ARG E 235 -21.56 16.32 18.54
CA ARG E 235 -22.21 17.45 17.91
C ARG E 235 -23.23 17.04 16.85
N GLU E 236 -22.84 16.13 15.94
CA GLU E 236 -23.72 15.69 14.87
C GLU E 236 -23.35 14.26 14.51
N THR E 237 -24.34 13.50 14.03
CA THR E 237 -24.23 12.05 13.98
C THR E 237 -23.25 11.57 12.92
N ILE E 238 -22.48 10.54 13.27
CA ILE E 238 -21.42 9.99 12.45
C ILE E 238 -21.76 8.52 12.17
N ILE E 239 -21.53 8.08 10.93
CA ILE E 239 -21.64 6.67 10.59
C ILE E 239 -20.30 6.17 10.08
N PHE E 240 -20.05 4.89 10.30
CA PHE E 240 -18.81 4.23 9.88
C PHE E 240 -19.14 3.33 8.70
N LYS E 241 -19.04 3.85 7.50
CA LYS E 241 -19.21 3.01 6.34
C LYS E 241 -17.86 2.39 5.96
N PRO E 242 -17.77 1.07 5.84
CA PRO E 242 -16.47 0.44 5.57
C PRO E 242 -16.00 0.69 4.15
N VAL E 243 -14.69 0.86 4.00
CA VAL E 243 -14.10 1.24 2.72
C VAL E 243 -13.42 0.07 2.02
N GLN E 244 -13.19 -1.05 2.71
CA GLN E 244 -12.47 -2.16 2.13
C GLN E 244 -12.94 -3.44 2.81
N LYS E 245 -12.76 -4.57 2.10
CA LYS E 245 -13.23 -5.86 2.56
C LYS E 245 -12.10 -6.82 2.93
N ILE E 246 -10.90 -6.60 2.43
CA ILE E 246 -9.76 -7.51 2.63
C ILE E 246 -8.83 -6.87 3.66
N PRO E 247 -8.52 -7.55 4.76
CA PRO E 247 -7.68 -6.94 5.79
C PRO E 247 -6.21 -6.84 5.40
N VAL E 248 -5.57 -5.79 5.90
CA VAL E 248 -4.18 -5.47 5.62
C VAL E 248 -3.35 -5.87 6.85
N LYS E 249 -2.12 -6.31 6.62
CA LYS E 249 -1.35 -7.03 7.63
C LYS E 249 -0.84 -6.16 8.77
N SER E 250 0.06 -5.24 8.50
CA SER E 250 0.73 -4.52 9.58
C SER E 250 -0.07 -3.27 9.93
N ILE E 251 0.50 -2.40 10.77
CA ILE E 251 -0.09 -1.08 10.99
C ILE E 251 0.72 0.01 10.29
N HIS E 252 1.99 -0.23 9.98
CA HIS E 252 2.72 0.69 9.12
C HIS E 252 2.22 0.62 7.69
N ASN E 253 1.79 -0.56 7.25
CA ASN E 253 1.23 -0.70 5.90
C ASN E 253 -0.12 0.00 5.79
N ILE E 254 -1.02 -0.24 6.74
CA ILE E 254 -2.33 0.39 6.70
C ILE E 254 -2.24 1.87 7.07
N MET E 255 -1.13 2.30 7.66
CA MET E 255 -0.91 3.71 7.93
C MET E 255 -0.36 4.43 6.72
N THR E 256 0.47 3.75 5.92
CA THR E 256 0.94 4.33 4.66
C THR E 256 -0.19 4.39 3.65
N LEU E 257 -1.03 3.35 3.59
CA LEU E 257 -2.03 3.24 2.54
C LEU E 257 -3.16 4.24 2.73
N LEU E 258 -3.71 4.34 3.94
CA LEU E 258 -4.93 5.09 4.16
C LEU E 258 -4.86 6.16 5.24
N GLY E 259 -3.77 6.23 5.99
CA GLY E 259 -3.62 7.30 6.95
C GLY E 259 -3.28 8.61 6.27
N PRO E 260 -3.12 9.66 7.08
CA PRO E 260 -2.80 10.96 6.51
C PRO E 260 -1.35 11.03 6.07
N SER E 261 -1.11 10.91 4.77
CA SER E 261 0.24 10.82 4.25
C SER E 261 0.20 11.11 2.76
N ARG E 262 1.39 11.34 2.19
CA ARG E 262 1.49 11.64 0.78
C ARG E 262 1.25 10.40 -0.10
N PHE E 263 1.47 9.20 0.44
CA PHE E 263 1.31 7.97 -0.31
C PHE E 263 -0.12 7.45 -0.31
N ALA E 264 -1.06 8.23 0.22
CA ALA E 264 -2.43 7.74 0.40
C ALA E 264 -3.18 7.58 -0.92
N GLU E 265 -2.73 8.24 -1.98
CA GLU E 265 -3.49 8.20 -3.22
C GLU E 265 -2.63 7.81 -4.41
N SER E 266 -1.34 8.15 -4.39
CA SER E 266 -0.51 7.88 -5.57
C SER E 266 -0.09 6.42 -5.65
N MET E 267 0.78 6.00 -4.74
CA MET E 267 0.99 4.61 -4.31
C MET E 267 1.56 3.66 -5.38
N GLY E 268 1.65 4.08 -6.64
CA GLY E 268 2.05 3.16 -7.68
C GLY E 268 3.22 3.65 -8.50
N PRO E 269 3.00 3.81 -9.81
CA PRO E 269 3.98 4.52 -10.65
C PRO E 269 4.00 6.02 -10.42
N TRP E 270 3.04 6.55 -9.67
CA TRP E 270 2.99 7.95 -9.27
C TRP E 270 3.69 8.18 -7.93
N GLU E 271 4.57 7.27 -7.53
CA GLU E 271 5.25 7.39 -6.25
C GLU E 271 6.41 8.37 -6.30
N CYS E 272 6.74 8.90 -7.48
CA CYS E 272 7.67 10.00 -7.56
C CYS E 272 7.05 11.32 -7.15
N TYR E 273 5.72 11.43 -7.21
CA TYR E 273 5.03 12.63 -6.76
C TYR E 273 4.82 12.64 -5.26
N ALA E 274 4.79 11.50 -4.61
CA ALA E 274 4.54 11.42 -3.19
C ALA E 274 5.81 11.50 -2.36
N SER E 275 6.98 11.51 -3.00
CA SER E 275 8.22 11.69 -2.29
C SER E 275 9.07 12.83 -2.84
N ALA E 276 8.72 13.40 -4.00
CA ALA E 276 9.33 14.57 -4.62
C ALA E 276 10.83 14.35 -4.88
N ASN E 277 11.10 13.36 -5.72
CA ASN E 277 12.46 13.03 -6.09
C ASN E 277 13.02 13.92 -7.19
N PHE E 278 12.16 14.51 -8.02
CA PHE E 278 12.59 15.06 -9.30
C PHE E 278 12.71 16.58 -9.31
N GLU E 279 12.02 17.28 -8.42
CA GLU E 279 12.02 18.73 -8.40
C GLU E 279 12.50 19.25 -7.07
N ARG E 280 13.36 20.27 -7.11
CA ARG E 280 13.86 20.91 -5.91
C ARG E 280 13.05 22.16 -5.60
N SER E 281 13.50 22.92 -4.61
CA SER E 281 12.93 24.22 -4.32
C SER E 281 13.17 25.18 -5.48
N PRO E 282 12.29 26.16 -5.69
CA PRO E 282 12.54 27.14 -6.76
C PRO E 282 13.71 28.07 -6.50
N LEU E 283 14.14 28.20 -5.24
CA LEU E 283 15.32 28.99 -4.91
C LEU E 283 16.61 28.20 -5.03
N HIS E 284 16.54 26.92 -5.40
CA HIS E 284 17.72 26.08 -5.48
C HIS E 284 18.54 26.44 -6.73
N ASP E 285 19.67 25.76 -6.87
CA ASP E 285 20.58 26.00 -7.98
C ASP E 285 19.92 25.61 -9.31
N TYR E 286 20.18 26.42 -10.33
CA TYR E 286 19.72 26.15 -11.68
C TYR E 286 20.81 25.55 -12.56
N LYS E 287 22.04 25.46 -12.07
CA LYS E 287 23.07 24.75 -12.82
C LYS E 287 22.83 23.24 -12.77
N LYS E 288 22.23 22.74 -11.70
CA LYS E 288 21.83 21.34 -11.59
C LYS E 288 20.31 21.28 -11.62
N HIS E 289 19.77 21.27 -12.83
CA HIS E 289 18.35 21.08 -13.08
C HIS E 289 18.17 19.82 -13.91
N GLN E 290 16.96 19.25 -13.86
CA GLN E 290 16.67 18.11 -14.70
C GLN E 290 16.59 18.52 -16.17
N GLY E 291 16.13 19.74 -16.45
CA GLY E 291 16.10 20.21 -17.82
C GLY E 291 17.44 20.63 -18.38
N LEU E 292 18.44 20.81 -17.53
CA LEU E 292 19.76 21.23 -17.98
C LEU E 292 20.76 20.10 -18.02
N THR E 293 20.70 19.17 -17.06
CA THR E 293 21.56 18.01 -17.09
C THR E 293 20.97 16.89 -17.93
N GLY E 294 19.66 16.82 -18.04
CA GLY E 294 19.01 15.79 -18.81
C GLY E 294 18.97 14.47 -18.07
N LYS E 295 18.46 13.46 -18.76
CA LYS E 295 18.48 12.10 -18.24
C LYS E 295 18.64 11.13 -19.39
N LYS E 296 19.02 9.90 -19.05
CA LYS E 296 19.28 8.88 -20.05
C LYS E 296 18.06 7.98 -20.17
N VAL E 297 17.46 7.94 -21.36
CA VAL E 297 16.23 7.21 -21.60
C VAL E 297 16.42 6.28 -22.79
N MET E 298 15.61 5.22 -22.80
CA MET E 298 15.64 4.22 -23.85
C MET E 298 14.46 4.44 -24.78
N VAL E 299 14.71 4.39 -26.09
CA VAL E 299 13.67 4.60 -27.09
C VAL E 299 12.69 3.44 -27.04
N ARG E 300 11.40 3.75 -26.82
CA ARG E 300 10.38 2.73 -26.75
C ARG E 300 10.11 2.12 -28.13
N GLU E 301 9.66 0.88 -28.12
CA GLU E 301 9.18 0.21 -29.32
C GLU E 301 7.66 0.30 -29.34
N PHE E 302 7.12 0.78 -30.46
CA PHE E 302 5.68 0.91 -30.61
C PHE E 302 5.09 -0.09 -31.60
N ASP E 303 5.93 -0.76 -32.38
CA ASP E 303 5.48 -1.93 -33.13
C ASP E 303 5.50 -3.14 -32.21
N ASP E 304 4.44 -3.94 -32.27
CA ASP E 304 4.28 -5.09 -31.38
C ASP E 304 5.23 -6.19 -31.83
N SER E 305 6.45 -6.14 -31.29
CA SER E 305 7.49 -7.11 -31.58
C SER E 305 7.98 -7.75 -30.28
N PHE E 306 7.07 -7.96 -29.35
CA PHE E 306 7.39 -8.59 -28.07
C PHE E 306 7.21 -10.11 -28.12
N LEU E 307 6.26 -10.60 -28.91
CA LEU E 307 5.99 -12.03 -29.00
C LEU E 307 6.93 -12.78 -29.92
N ASN E 308 7.97 -12.14 -30.45
CA ASN E 308 8.90 -12.76 -31.38
C ASN E 308 10.31 -12.59 -30.85
N ASP E 309 10.74 -13.52 -30.01
CA ASP E 309 12.09 -13.47 -29.43
C ASP E 309 12.55 -14.88 -29.04
N GLU E 317 23.21 -9.61 -23.23
CA GLU E 317 23.02 -8.98 -24.53
C GLU E 317 22.91 -7.47 -24.39
N GLU E 318 24.05 -6.77 -24.62
CA GLU E 318 24.19 -5.32 -24.55
C GLU E 318 23.79 -4.82 -23.17
N PRO E 319 24.63 -5.03 -22.14
CA PRO E 319 24.19 -4.85 -20.75
C PRO E 319 23.83 -3.43 -20.35
N GLU E 320 24.15 -2.42 -21.17
CA GLU E 320 23.59 -1.09 -20.94
C GLU E 320 22.09 -1.10 -21.19
N ILE E 321 21.65 -1.80 -22.25
CA ILE E 321 20.22 -1.94 -22.50
C ILE E 321 19.57 -2.81 -21.44
N ARG E 322 20.31 -3.77 -20.88
CA ARG E 322 19.78 -4.56 -19.77
C ARG E 322 19.59 -3.72 -18.52
N ARG E 323 20.56 -2.86 -18.22
CA ARG E 323 20.44 -1.95 -17.08
C ARG E 323 19.29 -0.97 -17.27
N LEU E 324 19.12 -0.45 -18.48
CA LEU E 324 18.02 0.49 -18.72
C LEU E 324 16.67 -0.21 -18.73
N ARG E 325 16.61 -1.47 -19.14
CA ARG E 325 15.34 -2.20 -19.09
C ARG E 325 14.95 -2.54 -17.65
N LEU E 326 15.95 -2.89 -16.84
CA LEU E 326 15.69 -3.14 -15.43
C LEU E 326 15.26 -1.86 -14.71
N GLU E 327 15.89 -0.74 -15.08
CA GLU E 327 15.47 0.55 -14.55
C GLU E 327 14.09 0.94 -15.05
N LYS E 328 13.72 0.51 -16.27
CA LYS E 328 12.38 0.81 -16.80
C LYS E 328 11.31 0.05 -16.03
N ASN E 329 11.57 -1.22 -15.70
CA ASN E 329 10.64 -1.97 -14.87
C ASN E 329 10.56 -1.39 -13.46
N MET E 330 11.70 -0.92 -12.93
CA MET E 330 11.71 -0.29 -11.62
C MET E 330 10.92 1.02 -11.62
N ILE E 331 10.99 1.77 -12.71
CA ILE E 331 10.22 3.02 -12.81
C ILE E 331 8.73 2.73 -12.95
N LYS E 332 8.38 1.70 -13.74
CA LYS E 332 6.97 1.40 -13.96
C LYS E 332 6.30 0.84 -12.72
N PHE E 333 7.02 0.09 -11.90
CA PHE E 333 6.38 -0.51 -10.73
C PHE E 333 6.65 0.21 -9.43
N LYS E 334 7.51 1.23 -9.43
CA LYS E 334 7.96 1.91 -8.22
C LYS E 334 8.27 3.36 -8.56
N GLY E 335 9.17 3.98 -7.81
CA GLY E 335 9.48 5.37 -8.06
C GLY E 335 10.55 5.47 -9.13
N SER E 336 11.79 5.70 -8.78
CA SER E 336 12.86 5.73 -9.78
C SER E 336 14.08 4.89 -9.44
N ALA E 337 14.22 4.43 -8.20
CA ALA E 337 15.37 3.60 -7.82
C ALA E 337 15.01 2.67 -6.67
N SER E 374 14.31 -8.31 -0.81
CA SER E 374 14.68 -6.97 -1.23
C SER E 374 14.76 -6.88 -2.74
N ARG E 375 14.76 -5.64 -3.24
CA ARG E 375 14.89 -5.18 -4.63
C ARG E 375 13.61 -5.44 -5.45
N TYR E 376 12.69 -6.22 -4.90
CA TYR E 376 11.36 -6.42 -5.47
C TYR E 376 10.24 -6.09 -4.50
N SER E 377 10.50 -6.08 -3.20
CA SER E 377 9.47 -5.83 -2.21
C SER E 377 9.05 -4.37 -2.27
N SER E 378 7.76 -4.14 -2.46
CA SER E 378 7.21 -2.80 -2.67
C SER E 378 7.20 -2.02 -1.36
N LEU E 379 6.68 -0.79 -1.43
CA LEU E 379 6.58 0.05 -0.25
C LEU E 379 5.57 -0.51 0.75
N VAL E 380 4.50 -1.11 0.25
CA VAL E 380 3.52 -1.79 1.08
C VAL E 380 3.21 -3.13 0.43
N PRO E 381 3.36 -4.25 1.12
CA PRO E 381 2.88 -5.53 0.57
C PRO E 381 1.37 -5.64 0.65
N ILE E 382 0.77 -6.20 -0.40
CA ILE E 382 -0.68 -6.40 -0.48
C ILE E 382 -0.94 -7.89 -0.63
N GLU E 383 -1.88 -8.42 0.16
CA GLU E 383 -2.18 -9.85 0.17
C GLU E 383 -3.05 -10.26 -1.01
N LYS E 384 -4.26 -9.70 -1.12
CA LYS E 384 -5.24 -10.14 -2.10
C LYS E 384 -5.79 -8.96 -2.88
N VAL E 385 -5.88 -9.12 -4.20
CA VAL E 385 -6.38 -8.10 -5.13
C VAL E 385 -7.13 -8.82 -6.24
N GLY E 386 -8.36 -8.37 -6.52
CA GLY E 386 -9.06 -8.87 -7.69
C GLY E 386 -9.79 -7.81 -8.49
N PHE E 387 -9.40 -7.62 -9.74
CA PHE E 387 -9.98 -6.59 -10.58
C PHE E 387 -11.17 -7.13 -11.37
N THR E 388 -11.77 -6.26 -12.18
CA THR E 388 -12.83 -6.65 -13.12
C THR E 388 -12.79 -5.65 -14.26
N LEU E 389 -12.18 -6.04 -15.38
CA LEU E 389 -11.97 -5.13 -16.50
C LEU E 389 -13.16 -5.23 -17.46
N LYS E 390 -13.98 -4.19 -17.51
CA LYS E 390 -15.16 -4.14 -18.38
C LYS E 390 -14.85 -3.21 -19.56
N ASN E 391 -14.31 -3.78 -20.63
CA ASN E 391 -14.11 -3.02 -21.85
C ASN E 391 -15.39 -3.08 -22.69
N GLU E 392 -15.35 -2.51 -23.90
CA GLU E 392 -16.53 -2.48 -24.75
C GLU E 392 -16.08 -2.37 -26.20
N ILE E 393 -16.30 -3.44 -26.97
CA ILE E 393 -15.89 -3.53 -28.36
C ILE E 393 -17.11 -3.82 -29.20
N ASN E 394 -17.38 -2.94 -30.18
CA ASN E 394 -18.59 -2.87 -31.04
C ASN E 394 -19.87 -3.22 -30.28
N SER E 395 -20.13 -2.41 -29.23
CA SER E 395 -21.36 -2.46 -28.42
C SER E 395 -21.59 -3.82 -27.78
N ARG E 396 -20.52 -4.43 -27.29
CA ARG E 396 -20.61 -5.64 -26.47
C ARG E 396 -19.79 -5.43 -25.21
N ILE E 397 -20.36 -5.75 -24.06
CA ILE E 397 -19.67 -5.59 -22.78
C ILE E 397 -18.86 -6.85 -22.54
N ILE E 398 -17.53 -6.71 -22.57
CA ILE E 398 -16.61 -7.84 -22.49
C ILE E 398 -15.87 -7.73 -21.17
N THR E 399 -16.38 -8.42 -20.15
CA THR E 399 -15.76 -8.41 -18.83
C THR E 399 -14.79 -9.58 -18.68
N ILE E 400 -13.64 -9.30 -18.08
CA ILE E 400 -12.74 -10.34 -17.57
C ILE E 400 -12.50 -10.02 -16.11
N LYS E 401 -12.16 -11.04 -15.32
CA LYS E 401 -12.03 -10.90 -13.88
C LYS E 401 -10.67 -11.46 -13.44
N LEU E 402 -9.66 -10.61 -13.41
CA LEU E 402 -8.38 -11.00 -12.85
C LEU E 402 -8.50 -11.12 -11.33
N LYS E 403 -7.72 -12.03 -10.75
CA LYS E 403 -7.81 -12.27 -9.32
C LYS E 403 -6.47 -12.80 -8.83
N PHE E 404 -5.70 -11.94 -8.17
CA PHE E 404 -4.36 -12.26 -7.74
C PHE E 404 -4.35 -12.73 -6.29
N ASN E 405 -3.18 -13.17 -5.84
CA ASN E 405 -2.97 -13.65 -4.48
C ASN E 405 -1.48 -13.69 -4.21
N GLY E 406 -1.12 -13.87 -2.95
CA GLY E 406 0.25 -14.05 -2.57
C GLY E 406 0.62 -13.18 -1.39
N ASN E 407 1.92 -13.10 -1.12
CA ASN E 407 2.43 -12.30 0.00
C ASN E 407 2.71 -10.87 -0.40
N ASP E 408 3.06 -10.63 -1.66
CA ASP E 408 3.30 -9.29 -2.18
C ASP E 408 3.01 -9.38 -3.68
N ILE E 409 1.86 -8.88 -4.10
CA ILE E 409 1.39 -9.13 -5.45
C ILE E 409 2.23 -8.35 -6.47
N PHE E 410 2.40 -7.05 -6.24
CA PHE E 410 2.99 -6.21 -7.26
C PHE E 410 4.50 -6.36 -7.34
N GLY E 411 5.14 -6.83 -6.26
CA GLY E 411 6.53 -7.24 -6.39
C GLY E 411 6.69 -8.51 -7.19
N GLY E 412 5.71 -9.41 -7.09
CA GLY E 412 5.73 -10.60 -7.93
C GLY E 412 5.49 -10.28 -9.39
N LEU E 413 4.59 -9.33 -9.67
CA LEU E 413 4.42 -8.88 -11.05
C LEU E 413 5.66 -8.14 -11.55
N HIS E 414 6.36 -7.44 -10.66
CA HIS E 414 7.64 -6.82 -11.02
C HIS E 414 8.66 -7.88 -11.40
N GLU E 415 8.70 -8.99 -10.66
CA GLU E 415 9.62 -10.06 -10.99
C GLU E 415 9.26 -10.75 -12.31
N LEU E 416 7.96 -10.96 -12.56
CA LEU E 416 7.53 -11.52 -13.84
C LEU E 416 7.85 -10.59 -15.01
N CYS E 417 7.71 -9.28 -14.82
CA CYS E 417 8.16 -8.34 -15.84
C CYS E 417 9.68 -8.30 -15.96
N ASP E 418 10.40 -8.70 -14.91
CA ASP E 418 11.85 -8.68 -14.96
C ASP E 418 12.43 -9.88 -15.69
N LYS E 419 11.70 -11.00 -15.75
CA LYS E 419 12.13 -12.17 -16.51
C LYS E 419 11.67 -12.13 -17.96
N ASN E 420 11.17 -10.97 -18.42
CA ASN E 420 10.65 -10.75 -19.78
C ASN E 420 9.49 -11.69 -20.07
N LEU E 421 8.56 -11.79 -19.12
CA LEU E 421 7.36 -12.60 -19.27
C LEU E 421 6.10 -11.76 -19.45
N ILE E 422 6.14 -10.49 -19.08
CA ILE E 422 5.00 -9.58 -19.21
C ILE E 422 5.51 -8.32 -19.89
N ASN E 423 4.84 -7.91 -20.96
CA ASN E 423 5.28 -6.75 -21.75
C ASN E 423 5.03 -5.47 -20.97
N ILE E 424 6.10 -4.80 -20.55
CA ILE E 424 5.99 -3.59 -19.74
C ILE E 424 5.49 -2.39 -20.51
N ASP E 425 5.49 -2.44 -21.84
CA ASP E 425 4.93 -1.35 -22.62
C ASP E 425 3.41 -1.38 -22.66
N LYS E 426 2.80 -2.51 -22.32
CA LYS E 426 1.35 -2.65 -22.33
C LYS E 426 0.77 -2.89 -20.94
N VAL E 427 1.58 -2.86 -19.90
CA VAL E 427 1.08 -2.97 -18.54
C VAL E 427 0.31 -1.70 -18.21
N PRO E 428 -0.98 -1.81 -17.90
CA PRO E 428 -1.77 -0.62 -17.59
C PRO E 428 -1.43 -0.09 -16.20
N GLY E 429 -2.05 1.04 -15.86
CA GLY E 429 -1.74 1.68 -14.60
C GLY E 429 -2.23 0.87 -13.41
N TRP E 430 -3.44 0.32 -13.50
CA TRP E 430 -4.04 -0.37 -12.35
C TRP E 430 -3.37 -1.70 -12.05
N LEU E 431 -2.69 -2.30 -13.01
CA LEU E 431 -1.92 -3.51 -12.77
C LEU E 431 -0.52 -3.22 -12.26
N ALA E 432 0.01 -2.04 -12.54
CA ALA E 432 1.35 -1.70 -12.10
C ALA E 432 1.42 -1.48 -10.60
N GLY E 433 0.32 -1.03 -10.00
CA GLY E 433 0.30 -0.91 -8.56
C GLY E 433 -0.34 0.35 -8.03
N GLU E 434 -0.86 1.20 -8.92
CA GLU E 434 -1.57 2.39 -8.46
C GLU E 434 -2.89 1.99 -7.82
N ASN E 435 -3.43 2.91 -7.04
CA ASN E 435 -4.56 2.76 -6.09
C ASN E 435 -4.54 1.40 -5.38
N GLY E 436 -3.39 1.15 -4.74
CA GLY E 436 -3.09 -0.17 -4.22
C GLY E 436 -3.97 -0.57 -3.06
N SER E 437 -4.06 -1.90 -2.86
CA SER E 437 -4.93 -2.56 -1.88
C SER E 437 -6.41 -2.25 -2.10
N PHE E 438 -6.76 -1.89 -3.32
CA PHE E 438 -8.15 -1.69 -3.70
C PHE E 438 -8.45 -2.60 -4.88
N SER E 439 -9.73 -2.89 -5.07
CA SER E 439 -10.14 -3.87 -6.07
C SER E 439 -11.54 -3.53 -6.53
N GLY E 440 -11.72 -3.37 -7.84
CA GLY E 440 -13.04 -3.02 -8.31
C GLY E 440 -13.10 -2.94 -9.82
N THR E 441 -14.27 -2.53 -10.29
CA THR E 441 -14.55 -2.50 -11.72
C THR E 441 -13.77 -1.39 -12.41
N ILE E 442 -13.42 -1.62 -13.66
CA ILE E 442 -12.68 -0.66 -14.48
C ILE E 442 -13.51 -0.41 -15.72
N MET E 443 -14.33 0.63 -15.69
CA MET E 443 -15.18 1.02 -16.82
C MET E 443 -14.61 2.27 -17.46
N ASN E 444 -14.63 2.29 -18.80
CA ASN E 444 -14.23 3.41 -19.66
C ASN E 444 -12.76 3.81 -19.49
N GLY E 445 -11.94 2.97 -18.86
CA GLY E 445 -10.57 3.33 -18.56
C GLY E 445 -10.37 3.97 -17.20
N ASP E 446 -11.41 4.08 -16.39
CA ASP E 446 -11.36 4.73 -15.09
C ASP E 446 -11.64 3.71 -14.01
N PHE E 447 -10.72 3.58 -13.06
CA PHE E 447 -10.92 2.67 -11.94
C PHE E 447 -12.02 3.20 -11.04
N GLN E 448 -12.79 2.27 -10.46
CA GLN E 448 -13.80 2.63 -9.46
C GLN E 448 -13.92 1.46 -8.49
N ARG E 449 -13.55 1.72 -7.24
CA ARG E 449 -13.40 0.66 -6.24
C ARG E 449 -14.74 0.08 -5.85
N GLU E 450 -14.69 -1.13 -5.27
CA GLU E 450 -15.90 -1.85 -4.92
C GLU E 450 -16.47 -1.33 -3.60
N GLN E 451 -17.78 -1.43 -3.46
CA GLN E 451 -18.46 -0.99 -2.25
C GLN E 451 -18.77 -2.16 -1.33
N SER F 153 26.32 23.91 -28.67
CA SER F 153 25.23 24.22 -27.76
C SER F 153 25.73 25.02 -26.56
N THR F 154 26.04 26.29 -26.80
CA THR F 154 26.47 27.21 -25.74
C THR F 154 25.51 28.36 -25.56
N SER F 155 25.12 29.04 -26.64
CA SER F 155 24.07 30.05 -26.54
C SER F 155 22.72 29.40 -26.29
N ASP F 156 22.50 28.19 -26.79
CA ASP F 156 21.30 27.44 -26.46
C ASP F 156 21.27 27.06 -24.99
N ARG F 157 22.44 26.82 -24.39
CA ARG F 157 22.51 26.60 -22.94
C ARG F 157 22.14 27.88 -22.19
N SER F 158 22.50 29.04 -22.73
CA SER F 158 22.11 30.31 -22.10
C SER F 158 20.61 30.53 -22.21
N GLU F 159 20.03 30.22 -23.38
CA GLU F 159 18.57 30.35 -23.54
C GLU F 159 17.82 29.40 -22.63
N LEU F 160 18.33 28.17 -22.47
CA LEU F 160 17.75 27.24 -21.52
C LEU F 160 17.92 27.71 -20.09
N GLU F 161 19.02 28.40 -19.79
CA GLU F 161 19.24 28.96 -18.46
C GLU F 161 18.23 30.06 -18.15
N ASP F 162 17.95 30.93 -19.14
CA ASP F 162 16.92 31.95 -18.94
C ASP F 162 15.54 31.34 -18.82
N TYR F 163 15.26 30.29 -19.59
CA TYR F 163 13.97 29.59 -19.47
C TYR F 163 13.81 28.94 -18.09
N ILE F 164 14.89 28.37 -17.55
CA ILE F 164 14.83 27.72 -16.25
C ILE F 164 14.63 28.74 -15.14
N VAL F 165 15.34 29.88 -15.21
CA VAL F 165 15.18 30.86 -14.15
C VAL F 165 13.84 31.58 -14.26
N LEU F 166 13.29 31.69 -15.48
CA LEU F 166 11.94 32.24 -15.62
C LEU F 166 10.89 31.26 -15.11
N GLU F 167 11.12 29.97 -15.28
CA GLU F 167 10.25 28.96 -14.71
C GLU F 167 10.28 29.01 -13.19
N ASN F 168 11.45 29.27 -12.60
CA ASN F 168 11.52 29.38 -11.15
C ASN F 168 10.83 30.64 -10.64
N VAL F 169 10.94 31.75 -11.39
CA VAL F 169 10.23 32.98 -11.02
C VAL F 169 8.72 32.78 -11.09
N TYR F 170 8.24 32.05 -12.09
CA TYR F 170 6.82 31.72 -12.15
C TYR F 170 6.42 30.75 -11.04
N ARG F 171 7.31 29.84 -10.64
CA ARG F 171 7.02 28.91 -9.56
C ARG F 171 7.02 29.56 -8.20
N MET F 172 7.60 30.77 -8.07
CA MET F 172 7.52 31.50 -6.80
C MET F 172 6.10 31.95 -6.44
N PHE F 173 5.18 31.95 -7.40
CA PHE F 173 3.80 32.38 -7.12
C PHE F 173 3.08 31.39 -6.21
N GLY F 174 3.38 30.11 -6.34
CA GLY F 174 2.80 29.11 -5.47
C GLY F 174 1.91 28.10 -6.17
N ILE F 175 1.11 28.55 -7.13
CA ILE F 175 0.16 27.70 -7.84
C ILE F 175 0.57 27.69 -9.31
N THR F 176 1.03 26.54 -9.78
CA THR F 176 1.56 26.40 -11.14
C THR F 176 0.98 25.18 -11.82
N PHE F 177 0.89 25.25 -13.14
CA PHE F 177 0.47 24.13 -13.97
C PHE F 177 1.67 23.60 -14.74
N PHE F 178 1.78 22.29 -14.85
CA PHE F 178 2.90 21.70 -15.56
C PHE F 178 2.39 20.59 -16.45
N PRO F 179 2.97 20.41 -17.64
CA PRO F 179 2.44 19.40 -18.56
C PRO F 179 2.86 18.01 -18.15
N LEU F 180 2.08 17.04 -18.59
CA LEU F 180 2.19 15.68 -18.09
C LEU F 180 1.54 14.76 -19.11
N VAL F 181 2.04 13.53 -19.18
CA VAL F 181 1.42 12.52 -20.03
C VAL F 181 1.59 11.15 -19.39
N ASP F 182 0.48 10.45 -19.23
CA ASP F 182 0.49 9.07 -18.79
C ASP F 182 1.05 8.20 -19.91
N PRO F 183 2.01 7.31 -19.64
CA PRO F 183 2.59 6.51 -20.72
C PRO F 183 1.83 5.23 -21.03
N ILE F 184 0.68 4.98 -20.39
CA ILE F 184 -0.15 3.86 -20.78
C ILE F 184 -0.88 4.19 -22.08
N ASP F 185 -1.44 5.39 -22.17
CA ASP F 185 -2.28 5.78 -23.30
C ASP F 185 -1.55 6.68 -24.29
N LEU F 186 -0.26 6.44 -24.52
CA LEU F 186 0.46 7.02 -25.65
C LEU F 186 0.26 6.11 -26.85
N LYS F 187 -0.64 6.50 -27.75
CA LYS F 187 -0.94 5.71 -28.93
C LYS F 187 -0.19 6.23 -30.14
N ILE F 188 -0.03 5.36 -31.13
CA ILE F 188 0.51 5.73 -32.42
C ILE F 188 -0.64 5.64 -33.44
N LYS F 189 -0.54 6.43 -34.49
CA LYS F 189 -1.61 6.51 -35.48
C LYS F 189 -1.43 5.53 -36.64
N ASP F 190 -0.19 5.21 -36.99
CA ASP F 190 0.27 4.25 -38.00
C ASP F 190 -0.04 4.67 -39.44
N ALA F 191 -0.73 5.79 -39.65
CA ALA F 191 -0.87 6.36 -40.99
C ALA F 191 0.23 7.35 -41.31
N SER F 192 0.90 7.88 -40.29
CA SER F 192 2.02 8.81 -40.48
C SER F 192 3.23 8.50 -39.62
N GLY F 193 3.12 7.61 -38.64
CA GLY F 193 4.25 7.30 -37.79
C GLY F 193 4.48 8.27 -36.65
N GLU F 194 3.48 9.07 -36.30
CA GLU F 194 3.60 10.06 -35.24
C GLU F 194 2.79 9.62 -34.03
N ILE F 195 3.09 10.24 -32.89
CA ILE F 195 2.50 9.87 -31.60
C ILE F 195 1.59 10.99 -31.13
N PHE F 196 0.37 10.64 -30.76
CA PHE F 196 -0.57 11.59 -30.19
C PHE F 196 -1.07 11.06 -28.84
N VAL F 197 -1.31 11.98 -27.92
CA VAL F 197 -1.79 11.60 -26.59
C VAL F 197 -3.28 11.32 -26.66
N ASP F 198 -3.69 10.16 -26.12
CA ASP F 198 -5.10 9.79 -26.16
C ASP F 198 -5.91 10.61 -25.17
N ARG F 199 -5.54 10.55 -23.90
CA ARG F 199 -6.21 11.32 -22.86
C ARG F 199 -5.25 12.37 -22.32
N GLU F 200 -5.65 13.63 -22.40
CA GLU F 200 -4.81 14.72 -21.93
C GLU F 200 -4.79 14.75 -20.42
N MET F 201 -3.63 15.08 -19.85
CA MET F 201 -3.48 15.23 -18.43
C MET F 201 -3.01 16.63 -18.09
N LEU F 202 -3.39 17.09 -16.90
CA LEU F 202 -3.01 18.40 -16.38
C LEU F 202 -2.58 18.23 -14.95
N GLY F 203 -1.38 18.69 -14.63
CA GLY F 203 -0.84 18.59 -13.28
C GLY F 203 -0.75 19.96 -12.65
N ILE F 204 -1.15 20.05 -11.38
CA ILE F 204 -1.05 21.26 -10.60
C ILE F 204 0.05 21.06 -9.57
N ARG F 205 0.80 22.12 -9.28
CA ARG F 205 1.95 22.04 -8.38
C ARG F 205 1.78 23.09 -7.29
N LEU F 206 1.11 22.72 -6.21
CA LEU F 206 0.91 23.59 -5.07
C LEU F 206 2.19 23.64 -4.25
N GLU F 207 2.63 24.84 -3.88
CA GLU F 207 3.92 25.00 -3.24
C GLU F 207 3.85 26.18 -2.26
N VAL F 208 3.68 25.87 -0.99
CA VAL F 208 3.54 26.91 0.03
C VAL F 208 4.92 27.37 0.50
N PHE F 209 5.12 28.68 0.52
CA PHE F 209 6.38 29.28 0.94
C PHE F 209 6.35 29.52 2.44
N SER F 210 7.32 28.99 3.16
CA SER F 210 7.36 29.15 4.60
C SER F 210 8.07 30.46 4.97
N GLU F 211 7.99 30.81 6.26
CA GLU F 211 8.55 32.06 6.74
C GLU F 211 9.46 31.90 7.95
N ARG F 212 9.23 30.89 8.79
CA ARG F 212 10.13 30.65 9.91
C ARG F 212 11.51 30.20 9.43
N THR F 213 11.54 29.27 8.48
CA THR F 213 12.79 28.84 7.88
C THR F 213 13.15 29.60 6.62
N SER F 214 12.22 30.44 6.12
CA SER F 214 12.42 31.33 4.96
C SER F 214 12.78 30.57 3.69
N GLN F 215 12.33 29.33 3.57
CA GLN F 215 12.54 28.54 2.36
C GLN F 215 11.24 27.84 1.99
N PHE F 216 11.13 27.47 0.72
CA PHE F 216 9.95 26.79 0.22
C PHE F 216 9.83 25.41 0.86
N GLU F 217 8.60 24.94 1.00
CA GLU F 217 8.36 23.66 1.62
C GLU F 217 8.30 22.56 0.56
N LYS F 218 7.89 21.37 0.98
CA LYS F 218 7.71 20.27 0.05
C LYS F 218 6.49 20.55 -0.82
N PRO F 219 6.62 20.43 -2.15
CA PRO F 219 5.47 20.75 -3.01
C PRO F 219 4.42 19.66 -2.95
N HIS F 220 3.17 20.06 -3.15
CA HIS F 220 2.05 19.15 -3.23
C HIS F 220 1.53 19.16 -4.67
N TYR F 221 1.12 17.99 -5.15
CA TYR F 221 0.74 17.81 -6.54
C TYR F 221 -0.71 17.37 -6.63
N VAL F 222 -1.43 17.93 -7.60
CA VAL F 222 -2.75 17.48 -7.98
C VAL F 222 -2.70 17.18 -9.46
N LEU F 223 -3.08 15.96 -9.84
CA LEU F 223 -3.01 15.54 -11.23
C LEU F 223 -4.43 15.30 -11.73
N LEU F 224 -4.81 16.00 -12.78
CA LEU F 224 -6.12 15.85 -13.38
C LEU F 224 -6.00 15.13 -14.71
N LYS F 225 -6.97 14.27 -15.00
CA LYS F 225 -7.03 13.54 -16.25
C LYS F 225 -8.34 13.87 -16.94
N LYS F 226 -8.31 13.90 -18.26
CA LYS F 226 -9.49 14.24 -19.04
C LYS F 226 -10.32 12.99 -19.27
N ARG F 227 -11.61 13.07 -19.01
CA ARG F 227 -12.50 11.93 -19.19
C ARG F 227 -12.70 11.65 -20.67
N ILE F 228 -13.05 10.40 -20.97
CA ILE F 228 -13.06 9.92 -22.35
C ILE F 228 -14.40 10.13 -23.05
N LYS F 229 -15.47 10.42 -22.31
CA LYS F 229 -16.80 10.55 -22.91
C LYS F 229 -17.52 11.83 -22.51
N SER F 230 -16.86 12.76 -21.80
CA SER F 230 -17.56 13.95 -21.34
C SER F 230 -16.80 15.26 -21.55
N ASN F 231 -15.49 15.21 -21.84
CA ASN F 231 -14.62 16.39 -22.00
C ASN F 231 -14.65 17.28 -20.76
N SER F 232 -14.21 16.69 -19.64
CA SER F 232 -14.18 17.38 -18.36
C SER F 232 -13.21 16.63 -17.46
N TRP F 233 -12.35 17.37 -16.76
CA TRP F 233 -11.33 16.76 -15.93
C TRP F 233 -11.95 16.09 -14.71
N PHE F 234 -11.31 15.00 -14.29
CA PHE F 234 -11.64 14.37 -13.02
C PHE F 234 -10.33 14.13 -12.28
N LEU F 235 -10.42 14.18 -10.95
CA LEU F 235 -9.22 14.22 -10.12
C LEU F 235 -8.60 12.83 -10.06
N PHE F 236 -7.45 12.68 -10.71
CA PHE F 236 -6.83 11.37 -10.85
C PHE F 236 -6.03 11.00 -9.60
N LYS F 237 -4.97 11.77 -9.32
CA LYS F 237 -4.07 11.51 -8.20
C LYS F 237 -3.80 12.82 -7.47
N HIS F 238 -3.59 12.74 -6.17
CA HIS F 238 -3.27 13.92 -5.39
C HIS F 238 -2.38 13.52 -4.23
N THR F 239 -1.37 14.33 -3.95
CA THR F 239 -0.42 14.07 -2.87
C THR F 239 -0.73 14.91 -1.64
N ILE F 240 -2.02 15.12 -1.38
CA ILE F 240 -2.47 15.97 -0.28
C ILE F 240 -2.94 15.07 0.86
N PRO F 241 -2.59 15.37 2.11
CA PRO F 241 -3.09 14.58 3.25
C PRO F 241 -4.60 14.66 3.37
N SER F 242 -5.12 13.72 4.16
CA SER F 242 -6.53 13.38 4.10
C SER F 242 -7.42 14.23 5.00
N PHE F 243 -6.86 15.22 5.70
CA PHE F 243 -7.72 16.13 6.45
C PHE F 243 -8.25 17.27 5.60
N ILE F 244 -7.85 17.32 4.33
CA ILE F 244 -8.39 18.26 3.35
C ILE F 244 -9.20 17.46 2.35
N ASP F 245 -10.49 17.73 2.25
CA ASP F 245 -11.37 17.01 1.34
C ASP F 245 -11.10 17.54 -0.07
N VAL F 246 -10.11 16.94 -0.74
CA VAL F 246 -9.72 17.42 -2.06
C VAL F 246 -10.70 16.94 -3.11
N GLN F 247 -11.28 15.75 -2.92
CA GLN F 247 -12.35 15.31 -3.81
C GLN F 247 -13.62 16.12 -3.59
N GLY F 248 -13.87 16.54 -2.35
CA GLY F 248 -15.05 17.34 -2.07
C GLY F 248 -14.97 18.75 -2.64
N ILE F 249 -13.77 19.34 -2.63
CA ILE F 249 -13.58 20.65 -3.24
C ILE F 249 -13.72 20.54 -4.76
N PHE F 250 -13.25 19.44 -5.34
CA PHE F 250 -13.38 19.24 -6.78
C PHE F 250 -14.81 18.95 -7.19
N ASP F 251 -15.61 18.36 -6.29
CA ASP F 251 -17.04 18.25 -6.57
C ASP F 251 -17.78 19.55 -6.30
N ASP F 252 -17.25 20.41 -5.45
CA ASP F 252 -17.90 21.67 -5.14
C ASP F 252 -17.66 22.72 -6.21
N THR F 253 -16.51 22.70 -6.87
CA THR F 253 -16.22 23.73 -7.87
C THR F 253 -17.06 23.54 -9.13
N ASN F 254 -17.75 24.61 -9.53
CA ASN F 254 -18.56 24.71 -10.75
C ASN F 254 -19.66 23.65 -10.81
N GLY F 255 -20.14 23.20 -9.67
CA GLY F 255 -21.16 22.17 -9.63
C GLY F 255 -20.63 20.75 -9.74
N GLY F 256 -19.37 20.57 -10.10
CA GLY F 256 -18.81 19.25 -10.23
C GLY F 256 -18.01 19.07 -11.51
N LEU F 257 -18.43 19.74 -12.57
CA LEU F 257 -17.78 19.65 -13.87
C LEU F 257 -16.80 20.80 -14.04
N VAL F 258 -15.54 20.47 -14.34
CA VAL F 258 -14.48 21.45 -14.56
C VAL F 258 -14.04 21.34 -16.00
N ILE F 259 -14.19 22.41 -16.76
CA ILE F 259 -13.89 22.42 -18.19
C ILE F 259 -12.68 23.29 -18.51
N SER F 260 -12.77 24.59 -18.22
CA SER F 260 -11.71 25.50 -18.61
C SER F 260 -10.62 25.53 -17.54
N HIS F 261 -9.49 26.15 -17.90
CA HIS F 261 -8.32 26.15 -17.01
C HIS F 261 -8.51 27.05 -15.80
N ASP F 262 -9.31 28.12 -15.91
CA ASP F 262 -9.55 28.95 -14.73
C ASP F 262 -10.48 28.25 -13.75
N ASP F 263 -11.33 27.36 -14.26
CA ASP F 263 -12.16 26.54 -13.38
C ASP F 263 -11.33 25.56 -12.57
N ALA F 264 -10.22 25.08 -13.13
CA ALA F 264 -9.27 24.32 -12.35
C ALA F 264 -8.43 25.21 -11.44
N TYR F 265 -8.19 26.46 -11.87
CA TYR F 265 -7.42 27.40 -11.06
C TYR F 265 -8.14 27.77 -9.78
N LEU F 266 -9.47 27.88 -9.82
CA LEU F 266 -10.22 28.18 -8.59
C LEU F 266 -10.11 27.05 -7.59
N PHE F 267 -10.16 25.80 -8.07
CA PHE F 267 -10.00 24.64 -7.20
C PHE F 267 -8.60 24.58 -6.61
N ALA F 268 -7.58 24.83 -7.44
CA ALA F 268 -6.21 24.88 -6.95
C ALA F 268 -6.01 26.02 -5.95
N LYS F 269 -6.72 27.13 -6.13
CA LYS F 269 -6.62 28.25 -5.21
C LYS F 269 -7.24 27.90 -3.85
N ARG F 270 -8.37 27.19 -3.86
CA ARG F 270 -8.99 26.81 -2.59
C ARG F 270 -8.12 25.83 -1.82
N VAL F 271 -7.53 24.86 -2.51
CA VAL F 271 -6.64 23.91 -1.83
C VAL F 271 -5.37 24.61 -1.35
N PHE F 272 -4.86 25.57 -2.12
CA PHE F 272 -3.67 26.29 -1.68
C PHE F 272 -3.97 27.20 -0.49
N LEU F 273 -5.18 27.74 -0.40
CA LEU F 273 -5.55 28.52 0.78
C LEU F 273 -5.63 27.63 2.02
N GLN F 274 -6.11 26.39 1.87
CA GLN F 274 -6.11 25.49 3.02
C GLN F 274 -4.69 25.07 3.43
N LEU F 275 -3.80 24.90 2.45
CA LEU F 275 -2.41 24.56 2.78
C LEU F 275 -1.69 25.71 3.47
N VAL F 276 -1.91 26.94 3.02
CA VAL F 276 -1.31 28.10 3.67
C VAL F 276 -1.91 28.29 5.06
N GLU F 277 -3.19 27.96 5.24
CA GLU F 277 -3.82 28.01 6.56
C GLU F 277 -3.15 27.05 7.54
N VAL F 278 -2.89 25.82 7.11
CA VAL F 278 -2.20 24.85 7.96
C VAL F 278 -0.77 25.30 8.27
N GLN F 279 -0.08 25.83 7.24
CA GLN F 279 1.29 26.30 7.42
C GLN F 279 1.38 27.47 8.41
N LYS F 280 0.44 28.42 8.32
CA LYS F 280 0.45 29.57 9.21
C LYS F 280 0.07 29.18 10.63
N ARG F 281 -0.87 28.24 10.78
CA ARG F 281 -1.23 27.76 12.12
C ARG F 281 -0.10 27.00 12.78
N ARG F 282 0.76 26.35 12.00
CA ARG F 282 1.94 25.73 12.62
C ARG F 282 3.02 26.77 12.92
N GLN F 283 3.21 27.72 12.00
CA GLN F 283 4.26 28.73 12.12
C GLN F 283 4.05 29.64 13.32
N ILE F 284 2.80 29.96 13.65
CA ILE F 284 2.53 30.86 14.78
C ILE F 284 2.95 30.22 16.11
N PHE F 285 2.60 28.94 16.30
CA PHE F 285 2.97 28.26 17.54
C PHE F 285 4.45 27.92 17.58
N LYS F 286 5.08 27.67 16.42
CA LYS F 286 6.52 27.44 16.45
C LYS F 286 7.29 28.72 16.75
N ASP F 287 6.82 29.87 16.25
CA ASP F 287 7.43 31.14 16.60
C ASP F 287 7.15 31.52 18.05
N LEU F 288 6.03 31.04 18.59
CA LEU F 288 5.77 31.23 20.01
C LEU F 288 6.71 30.41 20.88
N GLU F 289 6.95 29.14 20.52
CA GLU F 289 7.84 28.33 21.35
C GLU F 289 9.31 28.68 21.09
N ALA F 290 9.60 29.39 20.00
CA ALA F 290 10.96 29.88 19.78
C ALA F 290 11.32 30.97 20.79
N LYS F 291 10.40 31.90 21.05
CA LYS F 291 10.62 32.96 22.02
C LYS F 291 10.38 32.52 23.46
N LYS F 292 9.96 31.27 23.66
CA LYS F 292 9.73 30.65 24.98
C LYS F 292 8.69 31.41 25.80
N ILE F 293 7.68 31.98 25.13
CA ILE F 293 6.49 32.42 25.86
C ILE F 293 5.69 31.21 26.31
N ILE F 294 5.76 30.13 25.54
CA ILE F 294 5.16 28.85 25.91
C ILE F 294 6.27 27.81 26.02
N HIS F 295 6.02 26.79 26.83
CA HIS F 295 6.98 25.71 27.05
C HIS F 295 6.72 24.60 26.03
N ASP F 296 7.23 23.41 26.31
CA ASP F 296 7.19 22.29 25.36
C ASP F 296 5.74 21.88 25.06
N LEU F 297 5.41 21.89 23.77
CA LEU F 297 4.06 21.74 23.26
C LEU F 297 3.97 20.52 22.36
N ASP F 298 2.73 20.15 22.03
CA ASP F 298 2.47 19.14 21.01
C ASP F 298 1.40 19.65 20.05
N LEU F 299 1.53 19.25 18.79
CA LEU F 299 0.60 19.68 17.76
C LEU F 299 0.04 18.46 17.05
N ASP F 300 -1.07 18.68 16.35
CA ASP F 300 -1.63 17.68 15.45
C ASP F 300 -0.91 17.77 14.10
N LEU F 301 -1.42 17.06 13.10
CA LEU F 301 -0.83 17.15 11.77
C LEU F 301 -1.20 18.47 11.10
N GLU F 302 -2.45 18.89 11.24
CA GLU F 302 -2.89 20.14 10.62
C GLU F 302 -2.82 21.32 11.56
N SER F 303 -2.24 21.13 12.76
CA SER F 303 -2.04 22.16 13.78
C SER F 303 -3.35 22.82 14.19
N SER F 304 -4.40 22.02 14.33
CA SER F 304 -5.71 22.51 14.70
C SER F 304 -6.14 22.06 16.09
N MET F 305 -5.24 21.45 16.85
CA MET F 305 -5.53 21.08 18.24
C MET F 305 -4.19 21.04 18.97
N VAL F 306 -3.89 22.07 19.73
CA VAL F 306 -2.60 22.21 20.38
C VAL F 306 -2.78 22.20 21.89
N SER F 307 -1.69 21.89 22.58
CA SER F 307 -1.68 21.92 24.04
C SER F 307 -0.27 22.31 24.48
N PHE F 308 -0.07 23.60 24.70
CA PHE F 308 1.22 24.09 25.16
C PHE F 308 1.19 24.23 26.68
N PHE F 309 2.27 24.75 27.24
CA PHE F 309 2.35 25.00 28.67
C PHE F 309 2.59 26.48 28.93
N VAL F 310 2.20 26.90 30.12
CA VAL F 310 2.44 28.24 30.65
C VAL F 310 3.36 27.92 31.83
N LYS F 311 3.73 28.93 32.64
CA LYS F 311 4.62 28.74 33.78
C LYS F 311 4.16 27.65 34.74
N ASP F 312 2.86 27.50 34.94
CA ASP F 312 2.35 26.38 35.72
C ASP F 312 1.20 25.69 34.98
N ILE F 313 0.44 26.45 34.21
CA ILE F 313 -0.89 26.05 33.74
C ILE F 313 -0.76 25.36 32.39
N LYS F 314 -1.54 24.31 32.18
CA LYS F 314 -1.70 23.68 30.87
C LYS F 314 -2.91 24.28 30.17
N VAL F 315 -2.72 24.71 28.92
CA VAL F 315 -3.76 25.33 28.12
C VAL F 315 -3.96 24.49 26.85
N GLU F 316 -5.20 24.12 26.58
CA GLU F 316 -5.56 23.36 25.39
C GLU F 316 -6.47 24.19 24.50
N LEU F 317 -6.15 24.25 23.21
CA LEU F 317 -6.90 25.02 22.24
C LEU F 317 -7.34 24.15 21.09
N PHE F 318 -8.56 24.35 20.62
CA PHE F 318 -9.05 23.79 19.37
C PHE F 318 -9.22 24.98 18.43
N VAL F 319 -8.27 25.16 17.52
CA VAL F 319 -8.19 26.37 16.71
C VAL F 319 -8.70 26.09 15.30
N LYS F 320 -9.60 26.94 14.82
CA LYS F 320 -10.15 26.88 13.48
C LYS F 320 -9.30 27.77 12.57
N GLN F 321 -9.84 28.17 11.41
CA GLN F 321 -9.08 28.85 10.37
C GLN F 321 -8.66 30.25 10.83
N ASN F 322 -7.44 30.32 11.38
CA ASN F 322 -6.80 31.50 11.95
C ASN F 322 -7.66 32.18 13.01
N GLU F 323 -8.41 31.41 13.80
CA GLU F 323 -9.16 31.94 14.92
C GLU F 323 -9.39 30.83 15.93
N ILE F 324 -9.32 31.17 17.20
CA ILE F 324 -9.53 30.23 18.28
C ILE F 324 -11.02 30.15 18.58
N VAL F 325 -11.58 28.96 18.55
CA VAL F 325 -13.00 28.76 18.82
C VAL F 325 -13.23 28.07 20.15
N SER F 326 -12.22 27.42 20.73
CA SER F 326 -12.37 26.72 22.00
C SER F 326 -11.12 26.90 22.84
N CYS F 327 -11.31 27.04 24.14
CA CYS F 327 -10.22 27.20 25.10
C CYS F 327 -10.46 26.30 26.29
N SER F 328 -9.37 25.79 26.88
CA SER F 328 -9.48 24.86 27.99
C SER F 328 -8.29 25.08 28.92
N ILE F 329 -8.56 25.71 30.07
CA ILE F 329 -7.56 25.91 31.11
C ILE F 329 -7.88 24.96 32.25
N LEU F 330 -6.92 24.14 32.64
CA LEU F 330 -7.11 23.20 33.75
C LEU F 330 -5.77 23.03 34.46
N ASP F 331 -5.83 22.96 35.79
CA ASP F 331 -4.63 22.82 36.61
C ASP F 331 -4.82 21.80 37.71
N ASN F 339 -14.18 30.06 39.04
CA ASN F 339 -14.89 31.13 38.35
C ASN F 339 -13.87 32.02 37.64
N ASN F 340 -12.70 32.20 38.27
CA ASN F 340 -11.64 33.01 37.69
C ASN F 340 -10.94 32.33 36.51
N LYS F 341 -11.19 31.04 36.29
CA LYS F 341 -10.64 30.37 35.12
C LYS F 341 -11.37 30.78 33.84
N SER F 342 -12.70 31.01 33.95
CA SER F 342 -13.50 31.30 32.76
C SER F 342 -13.18 32.66 32.17
N LYS F 343 -12.81 33.64 32.98
CA LYS F 343 -12.33 34.91 32.45
C LYS F 343 -11.03 34.73 31.69
N TRP F 344 -10.13 33.90 32.22
CA TRP F 344 -8.89 33.57 31.53
C TRP F 344 -9.09 32.58 30.40
N GLU F 345 -10.28 32.02 30.25
CA GLU F 345 -10.59 31.14 29.13
C GLU F 345 -11.20 31.88 27.95
N ILE F 346 -12.14 32.81 28.23
CA ILE F 346 -12.66 33.67 27.18
C ILE F 346 -11.75 34.88 26.93
N ALA F 347 -10.67 35.00 27.71
CA ALA F 347 -9.61 35.95 27.35
C ALA F 347 -8.99 35.57 26.02
N LEU F 348 -8.44 34.36 25.93
CA LEU F 348 -7.75 33.90 24.73
C LEU F 348 -8.69 33.55 23.58
N LEU F 349 -10.01 33.46 23.82
CA LEU F 349 -10.96 33.03 22.81
C LEU F 349 -11.18 34.19 21.83
N GLY F 350 -10.25 34.32 20.90
CA GLY F 350 -10.28 35.39 19.93
C GLY F 350 -9.61 35.01 18.62
N SER F 351 -8.75 35.89 18.11
CA SER F 351 -7.94 35.58 16.94
C SER F 351 -6.69 34.81 17.37
N LEU F 352 -5.74 34.66 16.46
CA LEU F 352 -4.54 33.89 16.77
C LEU F 352 -3.30 34.75 16.99
N ASP F 353 -3.26 35.96 16.41
CA ASP F 353 -2.19 36.89 16.74
C ASP F 353 -2.44 37.57 18.08
N ASP F 354 -3.70 37.80 18.42
CA ASP F 354 -4.04 38.30 19.74
C ASP F 354 -3.72 37.29 20.83
N LEU F 355 -3.64 35.99 20.50
CA LEU F 355 -3.12 35.00 21.43
C LEU F 355 -1.67 35.28 21.78
N GLU F 356 -0.87 35.67 20.79
CA GLU F 356 0.49 36.13 21.08
C GLU F 356 0.47 37.45 21.85
N LEU F 357 -0.56 38.28 21.63
CA LEU F 357 -0.69 39.51 22.40
C LEU F 357 -1.15 39.23 23.83
N LYS F 358 -2.13 38.35 24.01
CA LYS F 358 -2.73 38.13 25.32
C LYS F 358 -1.86 37.31 26.25
N LEU F 359 -0.89 36.55 25.73
CA LEU F 359 -0.08 35.72 26.61
C LEU F 359 1.02 36.52 27.31
N ASN F 360 1.28 37.74 26.86
CA ASN F 360 2.14 38.67 27.58
C ASN F 360 1.35 39.61 28.46
N HIS F 361 0.02 39.55 28.40
CA HIS F 361 -0.84 40.41 29.21
C HIS F 361 -1.03 39.88 30.62
N SER F 362 -0.67 38.62 30.87
CA SER F 362 -0.80 38.03 32.20
C SER F 362 0.53 37.74 32.87
N PHE F 363 1.61 37.60 32.11
CA PHE F 363 2.93 37.29 32.66
C PHE F 363 3.78 38.54 32.87
N ALA F 364 3.15 39.72 32.93
CA ALA F 364 3.87 40.97 33.14
C ALA F 364 4.30 41.11 34.59
N GLN G 97 41.46 -30.99 -51.92
CA GLN G 97 41.12 -30.23 -53.12
C GLN G 97 39.81 -29.48 -52.95
N ASN G 98 38.69 -30.20 -52.92
CA ASN G 98 37.40 -29.57 -52.78
C ASN G 98 37.09 -29.20 -51.34
N ASP G 99 37.43 -30.09 -50.40
CA ASP G 99 37.15 -29.83 -48.99
C ASP G 99 38.03 -28.71 -48.45
N ILE G 100 39.29 -28.67 -48.89
CA ILE G 100 40.16 -27.56 -48.52
C ILE G 100 39.70 -26.25 -49.14
N THR G 101 39.12 -26.30 -50.34
CA THR G 101 38.57 -25.10 -50.95
C THR G 101 37.33 -24.62 -50.20
N GLN G 102 36.50 -25.55 -49.73
CA GLN G 102 35.33 -25.18 -48.95
C GLN G 102 35.72 -24.61 -47.59
N ASP G 103 36.76 -25.17 -46.97
CA ASP G 103 37.26 -24.63 -45.72
C ASP G 103 37.91 -23.26 -45.92
N PHE G 104 38.58 -23.05 -47.05
CA PHE G 104 39.14 -21.73 -47.34
C PHE G 104 38.05 -20.71 -47.62
N LEU G 105 36.95 -21.14 -48.25
CA LEU G 105 35.83 -20.23 -48.47
C LEU G 105 35.12 -19.90 -47.17
N ASN G 106 35.00 -20.88 -46.27
CA ASN G 106 34.41 -20.63 -44.96
C ASN G 106 35.32 -19.76 -44.10
N LEU G 107 36.63 -19.83 -44.31
CA LEU G 107 37.55 -18.99 -43.57
C LEU G 107 37.55 -17.56 -44.08
N ILE G 108 37.65 -17.38 -45.41
CA ILE G 108 37.67 -16.04 -45.98
C ILE G 108 36.31 -15.37 -45.94
N SER G 109 35.22 -16.14 -45.88
CA SER G 109 33.88 -15.57 -45.75
C SER G 109 33.51 -15.28 -44.31
N ILE G 110 34.30 -15.74 -43.35
CA ILE G 110 34.04 -15.48 -41.95
C ILE G 110 34.42 -14.04 -41.60
N ARG G 124 17.78 1.89 -29.60
CA ARG G 124 18.77 2.93 -29.36
C ARG G 124 18.57 3.55 -28.00
N VAL G 125 19.51 4.41 -27.59
CA VAL G 125 19.45 5.11 -26.32
C VAL G 125 19.69 6.59 -26.59
N GLU G 126 18.71 7.42 -26.25
CA GLU G 126 18.81 8.86 -26.41
C GLU G 126 19.01 9.52 -25.06
N ARG G 127 19.33 10.81 -25.10
CA ARG G 127 19.48 11.61 -23.89
C ARG G 127 18.72 12.92 -24.10
N ILE G 128 17.58 13.05 -23.44
CA ILE G 128 16.74 14.22 -23.63
C ILE G 128 17.34 15.42 -22.90
N ASN G 129 16.83 16.60 -23.22
CA ASN G 129 17.34 17.85 -22.68
C ASN G 129 16.15 18.78 -22.45
N GLY G 130 16.44 20.04 -22.21
CA GLY G 130 15.39 21.02 -22.00
C GLY G 130 14.76 21.52 -23.28
N LEU G 131 15.58 21.73 -24.30
CA LEU G 131 15.11 22.17 -25.61
C LEU G 131 15.17 20.98 -26.56
N THR G 132 14.01 20.36 -26.79
CA THR G 132 13.88 19.23 -27.68
C THR G 132 12.44 19.17 -28.15
N ASN G 133 12.24 18.61 -29.34
CA ASN G 133 10.90 18.55 -29.92
C ASN G 133 10.04 17.56 -29.15
N LEU G 134 8.72 17.70 -29.34
CA LEU G 134 7.78 16.90 -28.57
C LEU G 134 7.69 15.45 -29.04
N GLN G 135 8.01 15.18 -30.31
CA GLN G 135 7.93 13.82 -30.80
C GLN G 135 9.03 12.94 -30.22
N LYS G 136 10.27 13.47 -30.17
CA LYS G 136 11.35 12.71 -29.56
C LYS G 136 11.18 12.59 -28.05
N GLU G 137 10.44 13.52 -27.44
CA GLU G 137 10.15 13.41 -26.01
C GLU G 137 9.07 12.37 -25.76
N LEU G 138 8.07 12.29 -26.64
CA LEU G 138 6.98 11.34 -26.45
C LEU G 138 7.32 9.93 -26.92
N VAL G 139 8.34 9.76 -27.76
CA VAL G 139 8.82 8.43 -28.09
C VAL G 139 9.39 7.75 -26.85
N THR G 140 10.25 8.46 -26.12
CA THR G 140 10.98 7.90 -25.00
C THR G 140 10.32 8.20 -23.66
N LYS G 141 8.99 8.27 -23.63
CA LYS G 141 8.26 8.58 -22.41
C LYS G 141 7.71 7.29 -21.83
N TYR G 142 8.29 6.84 -20.72
CA TYR G 142 7.76 5.71 -19.98
C TYR G 142 7.61 5.99 -18.50
N ASP G 143 8.10 7.12 -18.01
CA ASP G 143 7.97 7.51 -16.62
C ASP G 143 6.82 8.50 -16.46
N THR G 144 6.33 8.60 -15.23
CA THR G 144 5.26 9.52 -14.91
C THR G 144 5.84 10.80 -14.30
N LEU G 145 6.60 11.50 -15.12
CA LEU G 145 7.28 12.73 -14.75
C LEU G 145 6.76 13.88 -15.60
N PRO G 146 6.95 15.13 -15.15
CA PRO G 146 6.66 16.27 -16.03
C PRO G 146 7.54 16.27 -17.27
N LEU G 147 6.98 16.79 -18.36
CA LEU G 147 7.73 16.87 -19.60
C LEU G 147 8.85 17.89 -19.49
N LEU G 148 10.00 17.55 -20.07
CA LEU G 148 11.18 18.38 -19.98
C LEU G 148 11.31 19.38 -21.11
N ASN G 149 10.33 19.47 -22.00
CA ASN G 149 10.34 20.50 -23.04
C ASN G 149 10.04 21.84 -22.39
N MET G 150 11.07 22.69 -22.28
CA MET G 150 10.96 23.90 -21.47
C MET G 150 10.07 24.95 -22.11
N ASN G 151 9.96 24.94 -23.44
CA ASN G 151 9.09 25.91 -24.10
C ASN G 151 7.62 25.56 -23.90
N LEU G 152 7.30 24.27 -23.91
CA LEU G 152 5.92 23.84 -23.64
C LEU G 152 5.56 24.06 -22.17
N ARG G 153 6.50 23.81 -21.27
CA ARG G 153 6.27 24.07 -19.85
C ARG G 153 6.11 25.56 -19.60
N LEU G 154 6.86 26.40 -20.32
CA LEU G 154 6.68 27.84 -20.17
C LEU G 154 5.37 28.31 -20.79
N SER G 155 4.91 27.62 -21.84
CA SER G 155 3.62 27.95 -22.42
C SER G 155 2.48 27.61 -21.47
N TYR G 156 2.58 26.48 -20.77
CA TYR G 156 1.62 26.19 -19.70
C TYR G 156 1.73 27.17 -18.54
N LEU G 157 2.94 27.62 -18.20
CA LEU G 157 3.10 28.54 -17.08
C LEU G 157 2.70 29.97 -17.42
N ARG G 158 2.63 30.33 -18.68
CA ARG G 158 2.34 31.72 -19.04
C ARG G 158 0.99 31.90 -19.70
N ASP G 159 0.66 31.08 -20.71
CA ASP G 159 -0.57 31.27 -21.44
C ASP G 159 -1.79 30.73 -20.70
N HIS G 160 -1.62 29.74 -19.84
CA HIS G 160 -2.76 29.04 -19.25
C HIS G 160 -3.01 29.39 -17.79
N THR G 161 -2.01 29.31 -16.93
CA THR G 161 -2.27 29.53 -15.51
C THR G 161 -2.21 30.99 -15.10
N TYR G 162 -1.33 31.80 -15.67
CA TYR G 162 -1.25 33.23 -15.36
C TYR G 162 -1.36 34.05 -16.64
N PRO G 163 -2.55 34.13 -17.22
CA PRO G 163 -2.71 34.94 -18.43
C PRO G 163 -2.78 36.42 -18.09
N HIS G 164 -2.48 37.24 -19.11
CA HIS G 164 -2.42 38.70 -19.01
C HIS G 164 -1.46 39.15 -17.91
N LEU G 165 -0.23 38.64 -17.97
CA LEU G 165 0.81 39.01 -17.05
C LEU G 165 2.15 38.84 -17.76
N GLN G 166 2.98 39.87 -17.70
CA GLN G 166 4.24 39.89 -18.44
C GLN G 166 5.40 39.89 -17.46
N VAL G 167 5.92 38.70 -17.17
CA VAL G 167 7.10 38.54 -16.32
C VAL G 167 8.33 38.47 -17.21
N SER G 168 9.35 39.23 -16.86
CA SER G 168 10.60 39.20 -17.59
C SER G 168 11.75 39.38 -16.62
N VAL G 169 12.70 38.46 -16.63
CA VAL G 169 13.88 38.57 -15.78
C VAL G 169 14.80 39.62 -16.37
N GLN G 170 15.28 40.54 -15.55
CA GLN G 170 16.07 41.66 -16.06
C GLN G 170 17.56 41.45 -15.87
N SER G 171 17.99 41.01 -14.69
CA SER G 171 19.40 40.80 -14.42
C SER G 171 19.56 39.75 -13.33
N ARG G 172 20.70 39.06 -13.35
CA ARG G 172 21.05 38.13 -12.28
C ARG G 172 22.57 38.07 -12.17
N ASP G 173 23.06 38.20 -10.94
CA ASP G 173 24.48 38.12 -10.64
C ASP G 173 24.73 37.06 -9.57
N ARG G 174 25.95 37.01 -9.06
CA ARG G 174 26.32 36.06 -8.01
C ARG G 174 27.56 36.57 -7.30
N VAL G 175 27.63 36.33 -5.98
CA VAL G 175 28.74 36.80 -5.15
C VAL G 175 29.38 35.58 -4.50
N HIS G 176 30.69 35.42 -4.74
CA HIS G 176 31.53 34.34 -4.20
C HIS G 176 30.99 32.94 -4.52
N GLY G 179 28.47 32.91 -2.34
CA GLY G 179 27.63 31.82 -2.78
C GLY G 179 26.15 32.14 -2.77
N ILE G 180 25.80 33.37 -3.16
CA ILE G 180 24.41 33.80 -3.27
C ILE G 180 24.13 34.15 -4.72
N GLU G 181 22.87 34.51 -5.02
CA GLU G 181 22.49 34.94 -6.36
C GLU G 181 21.43 36.03 -6.23
N VAL G 182 21.75 37.22 -6.70
CA VAL G 182 20.79 38.31 -6.72
C VAL G 182 19.97 38.18 -8.01
N LEU G 183 18.74 38.68 -7.96
CA LEU G 183 17.81 38.49 -9.09
C LEU G 183 16.83 39.65 -9.09
N VAL G 184 16.92 40.52 -10.09
CA VAL G 184 15.99 41.63 -10.26
C VAL G 184 15.00 41.25 -11.34
N VAL G 185 13.73 41.19 -10.98
CA VAL G 185 12.67 40.83 -11.91
C VAL G 185 11.55 41.86 -11.77
N ASN G 186 10.81 42.07 -12.86
CA ASN G 186 9.70 43.00 -12.84
C ASN G 186 8.45 42.36 -13.42
N TYR G 187 7.30 42.79 -12.91
CA TYR G 187 6.00 42.27 -13.32
C TYR G 187 5.18 43.41 -13.88
N LYS G 188 4.34 43.11 -14.85
CA LYS G 188 3.44 44.09 -15.44
C LYS G 188 2.07 43.46 -15.55
N PHE G 189 1.23 43.71 -14.56
CA PHE G 189 -0.12 43.13 -14.50
C PHE G 189 -1.01 43.81 -15.51
N CYS G 190 -1.04 43.29 -16.74
CA CYS G 190 -1.64 43.95 -17.89
C CYS G 190 -3.05 43.44 -18.20
N ARG G 191 -3.82 43.10 -17.17
CA ARG G 191 -5.21 42.72 -17.37
C ARG G 191 -6.04 43.90 -17.85
N ASN G 192 -5.79 45.09 -17.30
CA ASN G 192 -6.34 46.33 -17.83
C ASN G 192 -5.34 46.88 -18.83
N THR G 193 -5.70 46.86 -20.11
CA THR G 193 -4.80 47.27 -21.17
C THR G 193 -4.57 48.78 -21.22
N MET G 194 -5.43 49.58 -20.59
CA MET G 194 -5.30 51.02 -20.65
C MET G 194 -4.15 51.52 -19.78
N ASN G 195 -4.16 51.17 -18.50
CA ASN G 195 -3.15 51.62 -17.55
C ASN G 195 -2.84 50.51 -16.55
N PRO G 196 -1.96 49.58 -16.92
CA PRO G 196 -1.56 48.54 -15.97
C PRO G 196 -0.61 49.09 -14.91
N PHE G 197 -0.59 48.41 -13.77
CA PHE G 197 0.30 48.76 -12.68
C PHE G 197 1.44 47.75 -12.62
N GLU G 198 2.67 48.25 -12.64
CA GLU G 198 3.87 47.43 -12.64
C GLU G 198 4.49 47.42 -11.25
N ILE G 199 5.51 46.57 -11.10
CA ILE G 199 6.29 46.48 -9.87
C ILE G 199 7.63 45.87 -10.24
N GLN G 200 8.63 46.05 -9.38
CA GLN G 200 9.97 45.52 -9.62
C GLN G 200 10.53 45.00 -8.32
N PHE G 201 10.94 43.74 -8.32
CA PHE G 201 11.45 43.07 -7.13
C PHE G 201 12.96 42.94 -7.22
N LYS G 202 13.55 42.50 -6.11
CA LYS G 202 14.99 42.22 -6.07
C LYS G 202 15.19 41.19 -4.95
N MET G 203 15.54 39.96 -5.32
CA MET G 203 15.60 38.86 -4.39
C MET G 203 17.04 38.44 -4.14
N PHE G 204 17.25 37.81 -2.98
CA PHE G 204 18.58 37.35 -2.56
C PHE G 204 18.47 35.89 -2.13
N TYR G 205 19.06 35.00 -2.91
CA TYR G 205 19.01 33.57 -2.63
C TYR G 205 20.01 33.19 -1.53
N LYS G 206 20.14 31.88 -1.33
CA LYS G 206 21.26 31.31 -0.61
C LYS G 206 21.89 30.15 -1.36
N PHE G 207 21.22 29.66 -2.42
CA PHE G 207 21.81 28.93 -3.56
C PHE G 207 22.23 27.51 -3.23
N GLU G 208 22.21 27.14 -1.95
CA GLU G 208 22.46 25.79 -1.45
C GLU G 208 21.99 25.77 0.00
N ASP G 209 21.16 24.79 0.37
CA ASP G 209 20.20 24.89 1.46
C ASP G 209 19.45 26.22 1.32
N SER G 210 18.76 26.33 0.20
CA SER G 210 18.40 27.61 -0.39
C SER G 210 17.27 28.27 0.37
N THR G 211 17.56 29.39 1.01
CA THR G 211 16.58 30.25 1.68
C THR G 211 16.63 31.64 1.04
N LEU G 212 15.72 32.50 1.49
CA LEU G 212 15.76 33.92 1.16
C LEU G 212 16.35 34.69 2.33
N LEU G 213 17.33 35.54 2.03
CA LEU G 213 17.86 36.45 3.04
C LEU G 213 17.13 37.78 3.02
N LYS G 214 17.14 38.45 1.87
CA LYS G 214 16.52 39.76 1.72
C LYS G 214 15.67 39.78 0.46
N TRP G 215 14.61 40.57 0.50
CA TRP G 215 13.91 40.96 -0.71
C TRP G 215 13.34 42.35 -0.50
N GLU G 216 13.47 43.20 -1.52
CA GLU G 216 13.03 44.58 -1.40
C GLU G 216 12.43 45.01 -2.73
N ILE G 217 11.72 46.12 -2.69
CA ILE G 217 11.01 46.65 -3.85
C ILE G 217 11.77 47.86 -4.35
N LEU G 218 12.16 47.83 -5.63
CA LEU G 218 12.87 48.97 -6.20
C LEU G 218 11.91 50.07 -6.63
N ARG G 219 10.77 49.70 -7.20
CA ARG G 219 9.78 50.69 -7.60
C ARG G 219 8.40 50.05 -7.62
N ILE G 220 7.38 50.87 -7.36
CA ILE G 220 5.99 50.53 -7.62
C ILE G 220 5.44 51.61 -8.53
N SER G 221 4.75 51.21 -9.59
CA SER G 221 4.00 52.17 -10.40
C SER G 221 2.90 52.78 -9.55
N THR G 222 2.84 54.11 -9.54
CA THR G 222 2.09 54.85 -8.52
C THR G 222 0.57 54.88 -8.74
N ASN G 223 -0.02 53.70 -8.93
CA ASN G 223 -1.47 53.55 -8.95
C ASN G 223 -1.99 52.68 -7.82
N VAL G 224 -1.14 51.88 -7.19
CA VAL G 224 -1.56 50.90 -6.19
C VAL G 224 -0.62 51.05 -5.00
N ARG G 225 0.12 52.16 -4.97
CA ARG G 225 1.24 52.33 -4.03
C ARG G 225 0.77 52.40 -2.58
N LEU G 226 -0.32 53.10 -2.31
CA LEU G 226 -0.89 53.09 -0.97
C LEU G 226 -1.77 51.87 -0.73
N LYS G 227 -2.50 51.40 -1.75
CA LYS G 227 -3.33 50.20 -1.59
C LYS G 227 -2.49 48.96 -1.32
N ALA G 228 -1.27 48.92 -1.82
CA ALA G 228 -0.32 47.84 -1.55
C ALA G 228 0.81 48.31 -0.66
N LYS G 229 0.51 49.15 0.32
CA LYS G 229 1.50 49.60 1.29
C LYS G 229 1.45 48.77 2.56
N GLN G 230 0.25 48.54 3.10
CA GLN G 230 0.08 47.64 4.23
C GLN G 230 0.30 46.18 3.86
N LEU G 231 0.07 45.83 2.59
CA LEU G 231 0.25 44.45 2.16
C LEU G 231 1.73 44.10 2.04
N LEU G 232 2.53 45.02 1.51
CA LEU G 232 3.95 44.79 1.23
C LEU G 232 4.83 45.03 2.45
N ALA G 233 4.28 44.98 3.66
CA ALA G 233 5.07 45.05 4.88
C ALA G 233 4.88 43.82 5.75
N THR G 234 4.36 42.73 5.18
CA THR G 234 4.31 41.44 5.84
C THR G 234 5.59 40.64 5.65
N ARG G 235 6.45 41.06 4.73
CA ARG G 235 7.72 40.41 4.38
C ARG G 235 7.53 38.98 3.90
N ASN G 236 6.41 38.71 3.24
CA ASN G 236 6.11 37.42 2.63
C ASN G 236 5.78 37.70 1.18
N PHE G 237 6.75 37.51 0.28
CA PHE G 237 6.61 37.99 -1.08
C PHE G 237 5.67 37.14 -1.93
N GLN G 238 5.45 35.88 -1.55
CA GLN G 238 4.51 35.04 -2.28
C GLN G 238 3.08 35.51 -2.08
N LYS G 239 2.74 35.86 -0.84
CA LYS G 239 1.42 36.42 -0.56
C LYS G 239 1.23 37.78 -1.20
N CYS G 240 2.31 38.57 -1.30
CA CYS G 240 2.21 39.87 -1.97
C CYS G 240 1.98 39.70 -3.47
N LEU G 241 2.67 38.75 -4.10
CA LEU G 241 2.49 38.51 -5.53
C LEU G 241 1.10 37.97 -5.83
N LEU G 242 0.63 37.01 -5.03
CA LEU G 242 -0.70 36.46 -5.24
C LEU G 242 -1.78 37.48 -4.95
N SER G 243 -1.59 38.33 -3.93
CA SER G 243 -2.59 39.34 -3.63
C SER G 243 -2.64 40.40 -4.71
N LEU G 244 -1.50 40.74 -5.32
CA LEU G 244 -1.50 41.69 -6.43
C LEU G 244 -2.20 41.11 -7.65
N TYR G 245 -1.94 39.84 -7.97
CA TYR G 245 -2.59 39.22 -9.13
C TYR G 245 -4.10 39.07 -8.92
N GLU G 246 -4.52 38.65 -7.72
CA GLU G 246 -5.95 38.53 -7.47
C GLU G 246 -6.63 39.89 -7.38
N PHE G 247 -5.93 40.93 -6.91
CA PHE G 247 -6.52 42.26 -6.89
C PHE G 247 -6.71 42.79 -8.29
N ASP G 248 -5.78 42.50 -9.20
CA ASP G 248 -5.95 42.88 -10.59
C ASP G 248 -7.14 42.14 -11.22
N LYS G 249 -7.26 40.84 -10.93
CA LYS G 249 -8.38 40.07 -11.48
C LYS G 249 -9.73 40.55 -10.96
N ILE G 250 -9.81 40.85 -9.66
CA ILE G 250 -11.06 41.30 -9.06
C ILE G 250 -11.43 42.70 -9.54
N LYS G 251 -10.44 43.56 -9.75
CA LYS G 251 -10.69 44.89 -10.31
C LYS G 251 -11.19 44.81 -11.75
N SER G 252 -10.64 43.87 -12.53
CA SER G 252 -11.12 43.67 -13.89
C SER G 252 -12.55 43.16 -13.92
N LYS G 253 -12.88 42.21 -13.03
CA LYS G 253 -14.26 41.73 -12.95
C LYS G 253 -15.22 42.83 -12.49
N LYS G 254 -14.76 43.72 -11.60
CA LYS G 254 -15.59 44.81 -11.13
C LYS G 254 -15.92 45.78 -12.24
N THR G 255 -14.90 46.21 -13.00
CA THR G 255 -15.18 47.16 -14.09
C THR G 255 -15.95 46.49 -15.22
N GLY G 256 -15.80 45.18 -15.40
CA GLY G 256 -16.63 44.48 -16.38
C GLY G 256 -18.09 44.42 -16.00
N ILE G 257 -18.37 44.09 -14.73
CA ILE G 257 -19.75 44.02 -14.24
C ILE G 257 -20.41 45.40 -14.28
N PHE G 258 -19.66 46.44 -13.92
CA PHE G 258 -20.26 47.78 -13.91
C PHE G 258 -20.47 48.31 -15.33
N GLN G 259 -19.56 47.99 -16.26
CA GLN G 259 -19.79 48.40 -17.65
C GLN G 259 -20.96 47.63 -18.27
N ASN G 260 -21.15 46.36 -17.89
CA ASN G 260 -22.31 45.63 -18.38
C ASN G 260 -23.61 46.18 -17.82
N LEU G 261 -23.62 46.54 -16.53
CA LEU G 261 -24.81 47.13 -15.92
C LEU G 261 -25.11 48.52 -16.47
N ILE G 262 -24.08 49.26 -16.89
CA ILE G 262 -24.32 50.55 -17.53
C ILE G 262 -24.88 50.35 -18.92
N ASN G 263 -24.30 49.40 -19.69
CA ASN G 263 -24.74 49.16 -21.06
C ASN G 263 -26.16 48.61 -21.11
N LEU G 264 -26.60 47.86 -20.10
CA LEU G 264 -27.97 47.39 -20.07
C LEU G 264 -28.94 48.36 -19.38
N LEU G 265 -28.50 49.58 -19.06
CA LEU G 265 -29.37 50.53 -18.38
C LEU G 265 -29.18 51.97 -18.88
N LYS G 266 -28.38 52.18 -19.92
CA LYS G 266 -28.01 53.53 -20.33
C LYS G 266 -29.15 54.29 -20.99
N ARG G 267 -30.20 53.60 -21.45
CA ARG G 267 -31.30 54.27 -22.13
C ARG G 267 -32.34 54.81 -21.17
N LYS G 268 -32.81 53.98 -20.23
CA LYS G 268 -33.92 54.37 -19.38
C LYS G 268 -33.50 55.30 -18.24
N THR G 269 -32.23 55.27 -17.86
CA THR G 269 -31.81 55.95 -16.64
C THR G 269 -30.65 56.91 -16.89
N ARG G 270 -30.08 57.43 -15.80
CA ARG G 270 -28.81 58.14 -15.83
C ARG G 270 -27.78 57.33 -15.04
N CYS G 271 -26.59 57.19 -15.61
CA CYS G 271 -25.58 56.25 -15.11
C CYS G 271 -24.25 56.97 -14.95
N TYR G 272 -24.02 57.56 -13.79
CA TYR G 272 -22.75 58.18 -13.47
C TYR G 272 -22.11 57.47 -12.28
N LEU G 273 -20.80 57.33 -12.31
CA LEU G 273 -20.08 56.62 -11.28
C LEU G 273 -19.81 57.52 -10.07
N MET G 274 -18.93 57.07 -9.20
CA MET G 274 -18.54 57.77 -7.98
C MET G 274 -17.08 57.46 -7.70
N ASN G 275 -16.70 57.55 -6.41
CA ASN G 275 -15.41 58.01 -5.88
C ASN G 275 -14.18 57.68 -6.72
N ASN G 276 -13.91 56.40 -6.95
CA ASN G 276 -13.07 56.03 -8.08
C ASN G 276 -13.82 55.12 -9.05
N SER G 277 -14.19 53.92 -8.60
CA SER G 277 -15.18 53.11 -9.31
C SER G 277 -15.98 52.28 -8.31
N ASP G 278 -15.85 52.55 -7.00
CA ASP G 278 -16.29 51.62 -5.98
C ASP G 278 -17.80 51.61 -5.78
N SER G 279 -18.53 52.55 -6.37
CA SER G 279 -19.97 52.60 -6.19
C SER G 279 -20.62 53.24 -7.40
N LEU G 280 -21.47 52.47 -8.07
CA LEU G 280 -22.23 52.94 -9.23
C LEU G 280 -23.57 53.46 -8.76
N ILE G 281 -24.04 54.54 -9.38
CA ILE G 281 -25.29 55.18 -9.00
C ILE G 281 -26.19 55.26 -10.22
N VAL G 282 -27.41 54.73 -10.11
CA VAL G 282 -28.45 54.86 -11.12
C VAL G 282 -29.58 55.69 -10.53
N GLU G 283 -30.27 56.43 -11.41
CA GLU G 283 -31.40 57.24 -10.99
C GLU G 283 -32.41 57.30 -12.12
N ARG G 284 -33.70 57.34 -11.75
CA ARG G 284 -34.78 57.31 -12.72
C ARG G 284 -35.93 58.17 -12.23
N VAL G 285 -36.70 58.67 -13.21
CA VAL G 285 -37.94 59.45 -13.01
C VAL G 285 -37.73 60.69 -12.14
N THR G 293 -38.06 61.53 -7.86
CA THR G 293 -37.20 60.54 -8.50
C THR G 293 -36.79 59.45 -7.51
N ILE G 294 -35.93 58.54 -7.96
CA ILE G 294 -35.48 57.43 -7.15
C ILE G 294 -34.06 57.07 -7.55
N LYS G 295 -33.16 57.04 -6.57
CA LYS G 295 -31.76 56.73 -6.81
C LYS G 295 -31.39 55.41 -6.14
N LEU G 296 -30.41 54.73 -6.72
CA LEU G 296 -29.91 53.47 -6.20
C LEU G 296 -28.41 53.43 -6.37
N GLN G 297 -27.69 53.14 -5.29
CA GLN G 297 -26.24 53.11 -5.28
C GLN G 297 -25.77 51.71 -4.97
N ILE G 298 -24.86 51.19 -5.81
CA ILE G 298 -24.39 49.81 -5.71
C ILE G 298 -22.92 49.85 -5.37
N ASN G 299 -22.58 49.63 -4.09
CA ASN G 299 -21.19 49.64 -3.66
C ASN G 299 -20.48 48.35 -4.05
N PHE G 300 -19.20 48.47 -4.39
CA PHE G 300 -18.36 47.32 -4.70
C PHE G 300 -16.94 47.68 -4.28
N ILE G 301 -16.52 47.21 -3.12
CA ILE G 301 -15.27 47.63 -2.49
C ILE G 301 -14.32 46.45 -2.47
N ILE G 302 -13.09 46.66 -2.94
CA ILE G 302 -12.03 45.67 -2.84
C ILE G 302 -11.10 46.11 -1.73
N THR G 303 -10.98 45.30 -0.69
CA THR G 303 -10.18 45.63 0.49
C THR G 303 -8.94 44.75 0.49
N MET G 304 -7.77 45.38 0.36
CA MET G 304 -6.51 44.66 0.47
C MET G 304 -6.28 44.23 1.91
N PRO G 305 -5.57 43.13 2.14
CA PRO G 305 -5.35 42.66 3.51
C PRO G 305 -4.33 43.52 4.24
N GLY G 306 -4.18 43.22 5.53
CA GLY G 306 -3.25 43.98 6.37
C GLY G 306 -3.46 43.67 7.83
N GLU G 307 -3.24 44.69 8.65
CA GLU G 307 -3.39 44.55 10.10
C GLU G 307 -4.86 44.69 10.52
N CYS G 314 -7.33 36.07 6.21
CA CYS G 314 -6.84 35.64 4.90
C CYS G 314 -5.83 36.64 4.35
N PHE G 315 -5.25 36.31 3.20
CA PHE G 315 -4.26 37.16 2.55
C PHE G 315 -4.61 37.51 1.12
N LEU G 316 -5.76 37.11 0.65
CA LEU G 316 -6.19 37.57 -0.66
C LEU G 316 -7.14 38.75 -0.51
N PRO G 317 -7.21 39.64 -1.50
CA PRO G 317 -8.20 40.73 -1.44
C PRO G 317 -9.62 40.18 -1.57
N MET G 318 -10.51 40.74 -0.76
CA MET G 318 -11.89 40.31 -0.73
C MET G 318 -12.80 41.46 -1.17
N SER G 319 -13.97 41.10 -1.67
CA SER G 319 -14.92 42.09 -2.17
C SER G 319 -16.09 42.24 -1.22
N LYS G 320 -16.80 43.36 -1.36
CA LYS G 320 -17.98 43.63 -0.54
C LYS G 320 -19.01 44.30 -1.41
N ILE G 321 -20.20 43.72 -1.51
CA ILE G 321 -21.30 44.28 -2.27
C ILE G 321 -22.37 44.71 -1.29
N SER G 322 -22.81 45.96 -1.42
CA SER G 322 -23.91 46.48 -0.62
C SER G 322 -24.64 47.53 -1.44
N ILE G 323 -25.93 47.67 -1.17
CA ILE G 323 -26.76 48.60 -1.91
C ILE G 323 -27.43 49.56 -0.92
N ALA G 324 -28.01 50.62 -1.48
CA ALA G 324 -28.76 51.59 -0.68
C ALA G 324 -29.75 52.28 -1.59
N LEU G 325 -31.04 52.20 -1.26
CA LEU G 325 -32.09 52.81 -2.06
C LEU G 325 -32.45 54.18 -1.50
N TRP G 326 -32.90 55.06 -2.38
CA TRP G 326 -33.45 56.35 -2.00
C TRP G 326 -34.71 56.57 -2.81
N LYS G 327 -35.83 56.78 -2.13
CA LYS G 327 -37.11 56.95 -2.79
C LYS G 327 -37.46 58.42 -3.01
N GLY G 328 -36.46 59.25 -3.23
CA GLY G 328 -36.68 60.69 -3.32
C GLY G 328 -36.61 61.38 -1.98
N GLY G 329 -37.42 60.94 -1.02
CA GLY G 329 -37.40 61.54 0.30
C GLY G 329 -36.20 61.17 1.15
N GLU G 330 -36.09 59.91 1.53
CA GLU G 330 -35.07 59.50 2.49
C GLU G 330 -34.59 58.09 2.15
N ARG G 331 -33.64 57.59 2.94
CA ARG G 331 -33.10 56.25 2.83
C ARG G 331 -34.16 55.23 3.29
N PHE G 332 -33.95 53.97 2.92
CA PHE G 332 -34.78 52.87 3.37
C PHE G 332 -34.08 52.13 4.50
N ASN G 333 -34.70 51.06 4.97
CA ASN G 333 -34.14 50.26 6.04
C ASN G 333 -32.95 49.47 5.51
N GLN G 334 -31.77 49.73 6.07
CA GLN G 334 -30.55 49.10 5.58
C GLN G 334 -30.51 47.61 5.89
N ILE G 335 -31.19 47.19 6.96
CA ILE G 335 -31.25 45.76 7.31
C ILE G 335 -32.06 45.00 6.26
N ASP G 336 -33.21 45.55 5.87
CA ASP G 336 -34.07 44.88 4.90
C ASP G 336 -33.45 44.87 3.51
N LEU G 337 -32.80 45.97 3.11
CA LEU G 337 -32.10 45.97 1.84
C LEU G 337 -30.89 45.06 1.85
N ASP G 338 -30.23 44.92 3.01
CA ASP G 338 -29.12 43.99 3.11
C ASP G 338 -29.59 42.55 2.99
N GLU G 339 -30.74 42.24 3.58
CA GLU G 339 -31.28 40.88 3.46
C GLU G 339 -31.78 40.60 2.06
N ILE G 340 -32.36 41.61 1.40
CA ILE G 340 -32.83 41.46 0.02
C ILE G 340 -31.65 41.25 -0.93
N CYS G 341 -30.59 42.04 -0.76
CA CYS G 341 -29.39 41.89 -1.58
C CYS G 341 -28.71 40.54 -1.33
N TYR G 342 -28.63 40.12 -0.07
CA TYR G 342 -28.01 38.84 0.26
C TYR G 342 -28.78 37.68 -0.34
N GLY G 343 -30.11 37.69 -0.21
CA GLY G 343 -30.91 36.61 -0.78
C GLY G 343 -30.90 36.61 -2.29
N LEU G 344 -31.03 37.77 -2.91
CA LEU G 344 -31.13 37.86 -4.36
C LEU G 344 -29.78 37.75 -5.05
N ILE G 345 -28.68 37.74 -4.31
CA ILE G 345 -27.38 37.42 -4.87
C ILE G 345 -26.98 35.98 -4.56
N LYS G 346 -27.33 35.49 -3.36
CA LYS G 346 -27.12 34.09 -3.01
C LYS G 346 -27.97 33.16 -3.88
N GLU G 347 -29.11 33.63 -4.35
CA GLU G 347 -29.99 32.79 -5.17
C GLU G 347 -29.63 32.85 -6.65
N TYR G 348 -29.62 34.05 -7.24
CA TYR G 348 -29.44 34.15 -8.69
C TYR G 348 -27.97 34.08 -9.09
N GLY G 349 -27.17 35.02 -8.63
CA GLY G 349 -25.78 35.10 -9.04
C GLY G 349 -25.20 36.45 -8.64
N VAL G 350 -24.29 36.95 -9.47
CA VAL G 350 -23.71 38.28 -9.30
C VAL G 350 -23.92 39.13 -10.55
N LYS G 351 -23.53 38.61 -11.71
CA LYS G 351 -23.74 39.35 -12.97
C LYS G 351 -25.23 39.44 -13.30
N THR G 352 -26.00 38.40 -12.98
CA THR G 352 -27.44 38.41 -13.16
C THR G 352 -28.18 38.58 -11.85
N GLY G 353 -27.50 38.91 -10.77
CA GLY G 353 -28.15 39.16 -9.50
C GLY G 353 -28.45 40.63 -9.31
N LEU G 354 -27.56 41.49 -9.80
CA LEU G 354 -27.76 42.92 -9.66
C LEU G 354 -28.79 43.45 -10.65
N LYS G 355 -28.94 42.78 -11.80
CA LYS G 355 -29.96 43.16 -12.78
C LYS G 355 -31.36 42.96 -12.21
N GLU G 356 -31.54 41.93 -11.37
CA GLU G 356 -32.80 41.77 -10.66
C GLU G 356 -33.03 42.88 -9.65
N ILE G 357 -31.97 43.41 -9.06
CA ILE G 357 -32.12 44.50 -8.10
C ILE G 357 -32.50 45.79 -8.82
N CYS G 358 -31.94 46.02 -10.01
CA CYS G 358 -32.38 47.16 -10.80
C CYS G 358 -33.80 46.98 -11.33
N ASN G 359 -34.20 45.75 -11.62
CA ASN G 359 -35.58 45.50 -12.02
C ASN G 359 -36.56 45.72 -10.87
N VAL G 360 -36.14 45.41 -9.65
CA VAL G 360 -37.00 45.67 -8.49
C VAL G 360 -37.06 47.17 -8.19
N CYS G 361 -35.93 47.87 -8.33
CA CYS G 361 -35.97 49.31 -8.05
C CYS G 361 -36.65 50.10 -9.15
N LEU G 362 -36.78 49.54 -10.35
CA LEU G 362 -37.67 50.12 -11.36
C LEU G 362 -39.12 50.10 -10.86
N PHE G 363 -39.65 48.89 -10.68
CA PHE G 363 -41.00 48.57 -10.23
C PHE G 363 -42.08 49.34 -10.99
N PRO G 364 -41.95 49.48 -12.31
CA PRO G 364 -43.06 50.05 -13.08
C PRO G 364 -44.10 48.99 -13.39
N ASP G 365 -43.62 47.77 -13.65
CA ASP G 365 -44.48 46.62 -13.88
C ASP G 365 -44.32 45.58 -12.78
N MET G 366 -43.10 45.13 -12.55
CA MET G 366 -42.83 44.11 -11.53
C MET G 366 -41.37 44.15 -11.10
N UNK H 1 -32.69 -38.83 85.96
CA UNK H 1 -31.89 -39.39 84.88
C UNK H 1 -32.28 -40.84 84.62
N UNK H 2 -33.18 -41.05 83.65
CA UNK H 2 -33.65 -42.40 83.35
C UNK H 2 -33.78 -42.67 81.85
N UNK H 3 -33.15 -41.85 81.00
CA UNK H 3 -33.16 -42.13 79.56
C UNK H 3 -32.27 -43.30 79.18
N UNK H 4 -31.37 -43.71 80.07
CA UNK H 4 -30.53 -44.88 79.81
C UNK H 4 -31.36 -46.16 79.77
N UNK H 5 -32.48 -46.21 80.49
CA UNK H 5 -33.36 -47.37 80.42
C UNK H 5 -34.05 -47.46 79.06
N UNK H 6 -34.47 -46.32 78.52
CA UNK H 6 -35.02 -46.29 77.16
C UNK H 6 -33.95 -46.63 76.13
N UNK H 7 -32.71 -46.17 76.34
CA UNK H 7 -31.63 -46.52 75.43
C UNK H 7 -31.28 -48.00 75.53
N UNK H 8 -31.44 -48.60 76.71
CA UNK H 8 -31.21 -50.04 76.85
C UNK H 8 -32.33 -50.85 76.21
N UNK H 9 -33.57 -50.36 76.27
CA UNK H 9 -34.65 -50.98 75.51
C UNK H 9 -34.41 -50.87 74.02
N UNK H 10 -33.85 -49.74 73.57
CA UNK H 10 -33.51 -49.58 72.16
C UNK H 10 -32.36 -50.51 71.76
N UNK H 11 -31.41 -50.73 72.66
CA UNK H 11 -30.31 -51.64 72.38
C UNK H 11 -30.77 -53.09 72.40
N UNK H 12 -31.81 -53.40 73.18
CA UNK H 12 -32.41 -54.72 73.13
C UNK H 12 -33.22 -54.92 71.85
N UNK H 13 -33.84 -53.85 71.35
CA UNK H 13 -34.55 -53.89 70.08
C UNK H 13 -33.67 -53.53 68.89
N UNK H 14 -32.36 -53.45 69.09
CA UNK H 14 -31.45 -53.02 68.02
C UNK H 14 -31.31 -54.09 66.94
N UNK H 15 -30.84 -55.27 67.32
CA UNK H 15 -30.65 -56.35 66.35
C UNK H 15 -31.71 -57.43 66.50
N SER H 16 -22.77 -53.28 55.80
CA SER H 16 -23.38 -52.20 55.02
C SER H 16 -24.64 -51.68 55.68
N ILE H 17 -25.17 -52.45 56.63
CA ILE H 17 -26.37 -52.07 57.37
C ILE H 17 -26.20 -52.14 58.88
N LEU H 18 -25.43 -53.12 59.38
CA LEU H 18 -25.26 -53.27 60.82
C LEU H 18 -24.30 -52.26 61.40
N ARG H 19 -23.38 -51.74 60.59
CA ARG H 19 -22.50 -50.66 61.03
C ARG H 19 -23.30 -49.39 61.30
N LEU H 20 -24.32 -49.12 60.48
CA LEU H 20 -25.23 -48.02 60.75
C LEU H 20 -26.04 -48.25 62.03
N LEU H 21 -26.36 -49.50 62.33
CA LEU H 21 -27.07 -49.81 63.57
C LEU H 21 -26.17 -49.58 64.79
N GLU H 22 -24.89 -49.96 64.69
CA GLU H 22 -23.94 -49.70 65.77
C GLU H 22 -23.70 -48.21 65.96
N THR H 23 -23.57 -47.48 64.85
CA THR H 23 -23.41 -46.02 64.92
C THR H 23 -24.67 -45.35 65.47
N ASN H 24 -25.85 -45.91 65.19
CA ASN H 24 -27.08 -45.34 65.75
C ASN H 24 -27.21 -45.66 67.23
N THR H 25 -26.70 -46.81 67.68
CA THR H 25 -26.67 -47.12 69.10
C THR H 25 -25.73 -46.17 69.85
N VAL H 26 -24.55 -45.92 69.27
CA VAL H 26 -23.63 -44.95 69.87
C VAL H 26 -24.18 -43.54 69.80
N SER H 27 -24.96 -43.22 68.76
CA SER H 27 -25.58 -41.91 68.65
C SER H 27 -26.69 -41.73 69.67
N ALA H 28 -27.46 -42.79 69.95
CA ALA H 28 -28.45 -42.73 71.02
C ALA H 28 -27.79 -42.61 72.39
N LEU H 29 -26.63 -43.25 72.56
CA LEU H 29 -25.86 -43.09 73.79
C LEU H 29 -25.39 -41.65 73.97
N ASP H 30 -24.87 -41.05 72.90
CA ASP H 30 -24.48 -39.64 72.94
C ASP H 30 -25.68 -38.73 73.12
N SER H 31 -26.84 -39.14 72.61
CA SER H 31 -28.06 -38.35 72.76
C SER H 31 -28.53 -38.32 74.20
N VAL H 32 -28.55 -39.48 74.87
CA VAL H 32 -28.96 -39.48 76.28
C VAL H 32 -27.89 -38.87 77.16
N PHE H 33 -26.61 -38.90 76.74
CA PHE H 33 -25.58 -38.21 77.50
C PHE H 33 -25.72 -36.70 77.35
N GLU H 34 -26.08 -36.22 76.16
CA GLU H 34 -26.33 -34.80 75.97
C GLU H 34 -27.59 -34.35 76.71
N LYS H 35 -28.60 -35.23 76.79
CA LYS H 35 -29.79 -34.93 77.58
C LYS H 35 -29.45 -34.82 79.06
N TYR H 36 -28.60 -35.71 79.56
CA TYR H 36 -28.16 -35.63 80.96
C TYR H 36 -27.34 -34.37 81.21
N GLU H 37 -26.44 -34.02 80.29
CA GLU H 37 -25.59 -32.85 80.46
C GLU H 37 -26.39 -31.56 80.37
N LYS H 38 -27.43 -31.52 79.54
CA LYS H 38 -28.26 -30.33 79.45
C LYS H 38 -29.30 -30.24 80.56
N GLU H 39 -29.68 -31.38 81.14
CA GLU H 39 -30.48 -31.33 82.36
C GLU H 39 -29.64 -30.87 83.55
N MET H 40 -28.35 -31.22 83.56
CA MET H 40 -27.46 -30.75 84.61
C MET H 40 -27.14 -29.28 84.43
N ASN H 41 -26.93 -28.83 83.19
CA ASN H 41 -26.58 -27.46 82.90
C ASN H 41 -27.74 -26.49 83.09
N GLN H 42 -28.97 -26.98 83.17
CA GLN H 42 -30.13 -26.15 83.49
C GLN H 42 -30.53 -26.28 84.96
N MET H 43 -30.89 -27.49 85.38
CA MET H 43 -31.13 -27.88 86.78
C MET H 43 -32.23 -27.06 87.45
N THR H 44 -33.20 -26.56 86.70
CA THR H 44 -34.23 -25.68 87.23
C THR H 44 -35.60 -26.24 86.91
N HIS H 45 -36.51 -26.14 87.88
CA HIS H 45 -37.89 -26.57 87.72
C HIS H 45 -38.82 -25.38 87.93
N GLY H 46 -40.01 -25.47 87.36
CA GLY H 46 -41.01 -24.42 87.48
C GLY H 46 -42.39 -24.98 87.24
N ASP H 47 -43.32 -24.10 86.88
CA ASP H 47 -44.70 -24.49 86.62
C ASP H 47 -45.09 -24.31 85.16
N ASN H 48 -44.97 -23.09 84.63
CA ASN H 48 -45.38 -22.82 83.25
C ASN H 48 -44.24 -22.29 82.38
N ASN H 49 -43.51 -21.28 82.86
CA ASN H 49 -42.51 -20.63 82.02
C ASN H 49 -41.22 -21.44 81.94
N GLU H 50 -40.82 -22.09 83.04
CA GLU H 50 -39.58 -22.85 83.05
C GLU H 50 -39.69 -24.10 82.20
N VAL H 51 -40.85 -24.76 82.21
CA VAL H 51 -41.04 -25.92 81.36
C VAL H 51 -41.16 -25.51 79.91
N LYS H 52 -41.62 -24.28 79.64
CA LYS H 52 -41.61 -23.77 78.28
C LYS H 52 -40.18 -23.46 77.82
N ARG H 53 -39.33 -23.03 78.74
CA ARG H 53 -37.92 -22.83 78.40
C ARG H 53 -37.22 -24.17 78.18
N ILE H 54 -37.64 -25.20 78.92
CA ILE H 54 -37.14 -26.56 78.67
C ILE H 54 -37.60 -27.05 77.29
N TYR H 55 -38.83 -26.69 76.89
CA TYR H 55 -39.30 -27.05 75.56
C TYR H 55 -38.52 -26.31 74.46
N SER H 56 -38.21 -25.03 74.68
CA SER H 56 -37.46 -24.25 73.70
C SER H 56 -36.02 -24.73 73.58
N LYS H 57 -35.37 -25.02 74.71
CA LYS H 57 -34.03 -25.58 74.65
C LYS H 57 -34.03 -27.02 74.14
N LYS H 58 -35.14 -27.75 74.29
CA LYS H 58 -35.24 -29.07 73.71
C LYS H 58 -35.32 -28.99 72.20
N GLU H 59 -36.07 -28.01 71.67
CA GLU H 59 -36.09 -27.76 70.23
C GLU H 59 -34.71 -27.35 69.71
N ARG H 60 -34.01 -26.50 70.46
CA ARG H 60 -32.67 -26.07 70.06
C ARG H 60 -31.68 -27.24 70.06
N LEU H 61 -31.69 -28.05 71.12
CA LEU H 61 -30.76 -29.18 71.17
C LEU H 61 -31.13 -30.26 70.17
N LEU H 62 -32.43 -30.39 69.85
CA LEU H 62 -32.86 -31.29 68.80
C LEU H 62 -32.37 -30.82 67.44
N GLU H 63 -32.33 -29.50 67.22
CA GLU H 63 -31.78 -28.98 65.96
C GLU H 63 -30.28 -29.25 65.86
N ILE H 64 -29.54 -29.03 66.96
CA ILE H 64 -28.09 -29.22 66.84
C ILE H 64 -27.74 -30.72 66.78
N ILE H 65 -28.53 -31.59 67.41
CA ILE H 65 -28.24 -33.01 67.27
C ILE H 65 -28.80 -33.55 65.95
N LEU H 66 -29.76 -32.84 65.33
CA LEU H 66 -30.13 -33.11 63.94
C LEU H 66 -28.94 -32.90 63.02
N THR H 67 -28.27 -31.74 63.17
CA THR H 67 -27.06 -31.50 62.37
C THR H 67 -25.97 -32.51 62.68
N LYS H 68 -25.85 -32.94 63.94
CA LYS H 68 -24.87 -33.95 64.32
C LYS H 68 -25.18 -35.31 63.71
N ILE H 69 -26.46 -35.70 63.70
CA ILE H 69 -26.87 -36.98 63.11
C ILE H 69 -26.65 -36.98 61.60
N LYS H 70 -27.01 -35.88 60.95
CA LYS H 70 -26.85 -35.83 59.48
C LYS H 70 -25.38 -35.75 59.09
N LYS H 71 -24.54 -35.07 59.88
CA LYS H 71 -23.11 -35.11 59.63
C LYS H 71 -22.52 -36.47 59.95
N LYS H 72 -23.16 -37.24 60.84
CA LYS H 72 -22.68 -38.58 61.19
C LYS H 72 -23.08 -39.65 60.19
N LEU H 73 -23.79 -39.30 59.12
CA LEU H 73 -24.21 -40.27 58.11
C LEU H 73 -23.50 -40.08 56.77
N ARG H 74 -22.45 -39.25 56.73
CA ARG H 74 -21.63 -39.16 55.53
C ARG H 74 -20.65 -40.32 55.40
N GLN H 75 -20.38 -41.02 56.51
CA GLN H 75 -19.41 -42.11 56.51
C GLN H 75 -20.03 -43.41 56.03
N ALA H 76 -19.19 -44.25 55.41
CA ALA H 76 -19.46 -45.67 55.14
C ALA H 76 -20.69 -45.90 54.25
N SER H 83 -20.97 -44.93 53.38
CA SER H 83 -22.08 -45.03 52.45
C SER H 83 -21.71 -44.29 51.17
N GLU H 84 -22.59 -44.41 50.17
CA GLU H 84 -22.43 -43.68 48.91
C GLU H 84 -22.89 -42.24 49.10
N ARG H 85 -22.01 -41.46 49.74
CA ARG H 85 -22.32 -40.08 50.08
C ARG H 85 -21.01 -39.32 50.22
N ASP H 86 -20.91 -38.18 49.53
CA ASP H 86 -19.70 -37.38 49.51
C ASP H 86 -19.87 -36.08 50.27
N LEU H 87 -20.88 -35.28 49.93
CA LEU H 87 -21.12 -34.00 50.58
C LEU H 87 -22.58 -33.93 51.03
N ASP H 88 -22.84 -33.07 52.02
CA ASP H 88 -24.04 -33.11 52.82
C ASP H 88 -25.07 -32.08 52.34
N ILE H 89 -26.13 -31.90 53.13
CA ILE H 89 -27.25 -31.03 52.78
C ILE H 89 -26.85 -29.56 52.71
N GLU H 90 -25.85 -29.15 53.50
CA GLU H 90 -25.45 -27.74 53.53
C GLU H 90 -24.77 -27.33 52.23
N TYR H 91 -23.98 -28.24 51.65
CA TYR H 91 -23.31 -27.95 50.38
C TYR H 91 -24.30 -27.80 49.24
N ILE H 92 -25.29 -28.70 49.17
CA ILE H 92 -26.23 -28.63 48.07
C ILE H 92 -27.22 -27.49 48.28
N TYR H 93 -27.46 -27.09 49.54
CA TYR H 93 -28.27 -25.91 49.81
C TYR H 93 -27.53 -24.64 49.40
N SER H 94 -26.22 -24.59 49.65
CA SER H 94 -25.44 -23.43 49.22
C SER H 94 -25.31 -23.39 47.70
N LYS H 95 -25.29 -24.55 47.04
CA LYS H 95 -25.28 -24.58 45.58
C LYS H 95 -26.61 -24.07 45.02
N ARG H 96 -27.72 -24.44 45.67
CA ARG H 96 -29.02 -23.90 45.28
C ARG H 96 -29.08 -22.40 45.49
N GLN H 97 -28.51 -21.91 46.59
CA GLN H 97 -28.49 -20.47 46.86
C GLN H 97 -27.66 -19.72 45.84
N PHE H 98 -26.51 -20.28 45.44
CA PHE H 98 -25.68 -19.64 44.42
C PHE H 98 -26.36 -19.62 43.06
N ILE H 99 -27.04 -20.73 42.69
CA ILE H 99 -27.77 -20.80 41.43
C ILE H 99 -28.91 -19.79 41.42
N GLN H 100 -29.62 -19.67 42.55
CA GLN H 100 -30.74 -18.73 42.65
C GLN H 100 -30.26 -17.28 42.61
N ASN H 101 -29.10 -17.00 43.21
CA ASN H 101 -28.57 -15.64 43.18
C ASN H 101 -28.10 -15.25 41.79
N ARG H 102 -27.45 -16.16 41.07
CA ARG H 102 -27.06 -15.87 39.69
C ARG H 102 -28.29 -15.75 38.78
N TYR H 103 -29.34 -16.51 39.08
CA TYR H 103 -30.59 -16.39 38.35
C TYR H 103 -31.23 -15.02 38.54
N SER H 104 -31.23 -14.53 39.77
CA SER H 104 -31.79 -13.20 40.05
C SER H 104 -30.94 -12.10 39.42
N GLN H 105 -29.62 -12.28 39.38
CA GLN H 105 -28.74 -11.29 38.76
C GLN H 105 -28.97 -11.20 37.25
N GLU H 106 -29.06 -12.36 36.58
CA GLU H 106 -29.30 -12.33 35.14
C GLU H 106 -30.71 -11.85 34.82
N LEU H 107 -31.67 -12.10 35.72
CA LEU H 107 -33.02 -11.62 35.50
C LEU H 107 -33.10 -10.09 35.64
N GLN H 108 -32.35 -9.54 36.59
CA GLN H 108 -32.29 -8.08 36.73
C GLN H 108 -31.57 -7.43 35.54
N ASN H 109 -30.56 -8.11 35.00
CA ASN H 109 -29.90 -7.64 33.79
C ASN H 109 -30.86 -7.65 32.60
N ASN H 110 -31.73 -8.66 32.52
CA ASN H 110 -32.72 -8.70 31.47
C ASN H 110 -33.75 -7.58 31.62
N GLU H 111 -34.09 -7.23 32.86
CA GLU H 111 -35.03 -6.11 33.06
C GLU H 111 -34.41 -4.78 32.66
N ARG H 112 -33.12 -4.58 32.98
CA ARG H 112 -32.45 -3.34 32.60
C ARG H 112 -32.28 -3.23 31.08
N LEU H 113 -31.98 -4.35 30.42
CA LEU H 113 -31.89 -4.32 28.96
C LEU H 113 -33.24 -4.11 28.31
N GLU H 114 -34.32 -4.60 28.94
CA GLU H 114 -35.66 -4.32 28.44
C GLU H 114 -35.99 -2.84 28.53
N ALA H 115 -35.59 -2.19 29.63
CA ALA H 115 -35.82 -0.75 29.77
C ALA H 115 -35.01 0.04 28.74
N ILE H 116 -33.76 -0.37 28.49
CA ILE H 116 -32.91 0.31 27.50
C ILE H 116 -33.49 0.16 26.09
N LEU H 117 -33.98 -1.04 25.77
CA LEU H 117 -34.59 -1.27 24.46
C LEU H 117 -35.88 -0.48 24.29
N SER H 118 -36.67 -0.34 25.35
CA SER H 118 -37.89 0.46 25.27
C SER H 118 -37.57 1.94 25.07
N ARG H 119 -36.50 2.43 25.71
CA ARG H 119 -36.09 3.82 25.54
C ARG H 119 -35.60 4.09 24.11
N GLU H 120 -34.78 3.19 23.56
CA GLU H 120 -34.32 3.38 22.19
C GLU H 120 -35.45 3.22 21.18
N GLN H 121 -36.46 2.39 21.48
CA GLN H 121 -37.60 2.27 20.59
C GLN H 121 -38.44 3.54 20.59
N ASN H 122 -38.57 4.17 21.77
CA ASN H 122 -39.28 5.45 21.83
C ASN H 122 -38.53 6.55 21.10
N LEU H 123 -37.18 6.51 21.16
CA LEU H 123 -36.38 7.48 20.41
C LEU H 123 -36.50 7.27 18.90
N LEU H 124 -36.54 6.01 18.45
CA LEU H 124 -36.72 5.72 17.04
C LEU H 124 -38.08 6.16 16.54
N GLU H 125 -39.12 5.99 17.37
CA GLU H 125 -40.46 6.43 16.98
C GLU H 125 -40.55 7.95 16.90
N GLU H 126 -39.89 8.65 17.85
CA GLU H 126 -39.85 10.11 17.80
C GLU H 126 -39.14 10.63 16.56
N THR H 127 -38.00 10.01 16.22
CA THR H 127 -37.23 10.47 15.06
C THR H 127 -37.97 10.19 13.75
N ARG H 128 -38.65 9.04 13.66
CA ARG H 128 -39.36 8.71 12.43
C ARG H 128 -40.60 9.57 12.26
N LYS H 129 -41.31 9.89 13.36
CA LYS H 129 -42.46 10.77 13.22
C LYS H 129 -42.03 12.20 12.92
N LEU H 130 -40.86 12.63 13.41
CA LEU H 130 -40.33 13.94 13.06
C LEU H 130 -39.98 14.02 11.59
N CYS H 131 -39.35 12.97 11.04
CA CYS H 131 -39.00 12.95 9.63
C CYS H 131 -40.24 12.96 8.73
N MET H 132 -41.25 12.16 9.08
CA MET H 132 -42.46 12.11 8.26
C MET H 132 -43.26 13.40 8.36
N ASN H 133 -43.32 14.00 9.55
CA ASN H 133 -44.00 15.28 9.73
C ASN H 133 -43.31 16.39 8.96
N LEU H 134 -41.98 16.38 8.93
CA LEU H 134 -41.28 17.43 8.20
C LEU H 134 -41.39 17.23 6.69
N LYS H 135 -41.47 15.98 6.23
CA LYS H 135 -41.72 15.74 4.81
C LYS H 135 -43.11 16.22 4.38
N THR H 136 -44.13 15.94 5.21
CA THR H 136 -45.48 16.38 4.88
C THR H 136 -45.61 17.90 4.97
N ASN H 137 -44.92 18.52 5.94
CA ASN H 137 -44.92 19.97 6.03
C ASN H 137 -44.16 20.61 4.86
N ASN H 138 -43.13 19.95 4.35
CA ASN H 138 -42.45 20.45 3.15
C ASN H 138 -43.34 20.39 1.94
N LYS H 139 -44.11 19.30 1.79
CA LYS H 139 -45.06 19.21 0.67
C LYS H 139 -46.16 20.26 0.79
N LYS H 140 -46.65 20.51 2.01
CA LYS H 140 -47.69 21.52 2.19
C LYS H 140 -47.16 22.93 1.95
N ARG H 141 -45.96 23.23 2.44
CA ARG H 141 -45.38 24.55 2.24
C ARG H 141 -44.97 24.78 0.79
N LEU H 142 -44.65 23.70 0.05
CA LEU H 142 -44.39 23.84 -1.38
C LEU H 142 -45.67 24.08 -2.15
N THR H 143 -46.74 23.36 -1.80
CA THR H 143 -47.99 23.51 -2.53
C THR H 143 -48.70 24.82 -2.22
N GLU H 144 -48.47 25.41 -1.04
CA GLU H 144 -49.04 26.73 -0.77
C GLU H 144 -48.24 27.85 -1.43
N LYS H 145 -46.96 27.62 -1.74
CA LYS H 145 -46.13 28.64 -2.35
C LYS H 145 -46.40 28.80 -3.84
N LEU H 146 -46.97 27.78 -4.50
CA LEU H 146 -47.34 27.89 -5.91
C LEU H 146 -48.51 28.86 -6.11
N ILE H 147 -49.37 29.03 -5.09
CA ILE H 147 -50.47 29.96 -5.19
C ILE H 147 -50.00 31.39 -4.90
N GLN H 148 -49.05 31.55 -3.99
CA GLN H 148 -48.63 32.87 -3.51
C GLN H 148 -47.97 33.70 -4.61
N LYS H 149 -48.15 35.01 -4.51
CA LYS H 149 -47.79 35.93 -5.59
C LYS H 149 -46.29 36.20 -5.58
N ASP H 150 -45.58 35.61 -6.54
CA ASP H 150 -44.24 36.04 -6.91
C ASP H 150 -44.16 35.83 -8.43
N LEU H 151 -44.52 36.87 -9.18
CA LEU H 151 -44.73 36.69 -10.62
C LEU H 151 -43.42 36.79 -11.41
N HIS H 152 -42.79 37.96 -11.42
CA HIS H 152 -41.49 38.14 -12.09
C HIS H 152 -40.26 37.74 -11.26
N PRO H 153 -39.96 38.36 -10.11
CA PRO H 153 -38.57 38.38 -9.65
C PRO H 153 -38.08 37.10 -9.00
N VAL H 154 -38.96 36.27 -8.47
CA VAL H 154 -38.57 35.01 -7.84
C VAL H 154 -38.90 33.81 -8.72
N LEU H 155 -39.92 33.91 -9.57
CA LEU H 155 -40.34 32.79 -10.41
C LEU H 155 -39.51 32.65 -11.68
N ASN H 156 -38.39 33.37 -11.81
CA ASN H 156 -37.46 33.09 -12.89
C ASN H 156 -36.72 31.78 -12.64
N LYS H 157 -36.60 31.38 -11.38
CA LYS H 157 -36.06 30.07 -11.03
C LYS H 157 -37.10 29.21 -10.32
N ALA H 158 -37.83 29.78 -9.36
CA ALA H 158 -38.89 29.05 -8.67
C ALA H 158 -40.12 28.91 -9.56
N ASP H 175 -28.51 25.86 -12.42
CA ASP H 175 -27.50 26.84 -12.81
C ASP H 175 -27.67 28.13 -12.03
N GLY H 176 -28.62 28.15 -11.11
CA GLY H 176 -28.89 29.32 -10.31
C GLY H 176 -28.06 29.44 -9.04
N PRO H 177 -28.17 28.48 -8.11
CA PRO H 177 -27.41 28.60 -6.86
C PRO H 177 -26.00 28.03 -6.91
N VAL H 178 -25.46 27.77 -8.09
CA VAL H 178 -24.08 27.35 -8.21
C VAL H 178 -23.19 28.40 -8.86
N THR H 179 -23.74 29.31 -9.66
CA THR H 179 -22.93 30.40 -10.16
C THR H 179 -22.63 31.43 -9.09
N PHE H 180 -23.45 31.49 -8.03
CA PHE H 180 -23.07 32.31 -6.89
C PHE H 180 -21.88 31.72 -6.16
N ARG H 181 -21.82 30.39 -6.02
CA ARG H 181 -20.67 29.78 -5.37
C ARG H 181 -19.43 29.92 -6.23
N ASN H 182 -19.60 29.86 -7.56
CA ASN H 182 -18.50 30.15 -8.47
C ASN H 182 -18.00 31.59 -8.32
N ASP H 183 -18.91 32.57 -8.25
CA ASP H 183 -18.50 33.96 -8.13
C ASP H 183 -17.99 34.28 -6.73
N SER H 184 -18.44 33.54 -5.71
CA SER H 184 -17.99 33.78 -4.35
C SER H 184 -16.63 33.17 -4.08
N HIS H 185 -16.28 32.08 -4.76
CA HIS H 185 -14.92 31.58 -4.68
C HIS H 185 -14.03 32.15 -5.78
N GLU H 186 -14.58 32.99 -6.66
CA GLU H 186 -13.77 33.70 -7.64
C GLU H 186 -13.40 35.10 -7.19
N LEU H 187 -14.36 35.88 -6.68
CA LEU H 187 -14.11 37.25 -6.27
C LEU H 187 -13.85 37.40 -4.77
N ASN H 188 -13.86 36.29 -4.03
CA ASN H 188 -13.82 36.26 -2.57
C ASN H 188 -14.89 37.17 -1.96
N LEU H 189 -16.12 36.91 -2.37
CA LEU H 189 -17.23 37.81 -2.06
C LEU H 189 -17.61 37.70 -0.60
N MET H 190 -17.48 38.80 0.13
CA MET H 190 -17.88 38.90 1.53
C MET H 190 -19.16 39.73 1.56
N LEU H 191 -20.29 39.04 1.55
CA LEU H 191 -21.58 39.71 1.54
C LEU H 191 -21.95 40.20 2.93
N ASN H 192 -22.94 41.09 2.96
CA ASN H 192 -23.49 41.57 4.23
C ASN H 192 -24.28 40.44 4.86
N ASP H 193 -23.67 39.74 5.80
CA ASP H 193 -24.26 38.55 6.40
C ASP H 193 -25.47 38.94 7.24
N PRO H 194 -26.62 38.31 7.04
CA PRO H 194 -27.79 38.64 7.86
C PRO H 194 -27.67 38.04 9.25
N ILE H 195 -28.48 38.57 10.16
CA ILE H 195 -28.50 38.10 11.53
C ILE H 195 -29.11 36.70 11.57
N LYS H 196 -28.56 35.85 12.43
CA LYS H 196 -28.93 34.44 12.46
C LYS H 196 -30.37 34.25 12.94
N SER H 197 -30.91 33.07 12.63
CA SER H 197 -32.33 32.80 12.84
C SER H 197 -32.68 32.74 14.33
N THR H 198 -33.75 33.44 14.70
CA THR H 198 -34.18 33.53 16.09
C THR H 198 -35.51 32.84 16.36
N ALA H 199 -36.19 32.36 15.31
CA ALA H 199 -37.50 31.70 15.36
C ALA H 199 -38.55 32.62 15.99
N ASP H 200 -38.81 33.72 15.25
CA ASP H 200 -39.79 34.76 15.60
C ASP H 200 -39.46 35.42 16.93
N VAL H 201 -38.21 35.87 17.05
CA VAL H 201 -37.79 36.84 18.05
C VAL H 201 -37.20 38.01 17.27
N ARG H 202 -37.97 39.09 17.15
CA ARG H 202 -37.62 40.17 16.24
C ARG H 202 -36.41 40.95 16.72
N LEU H 203 -35.77 41.63 15.78
CA LEU H 203 -34.56 42.39 16.06
C LEU H 203 -34.95 43.68 16.80
N ASP H 204 -34.92 43.62 18.13
CA ASP H 204 -35.15 44.80 18.94
C ASP H 204 -33.91 45.67 18.88
N LYS H 205 -33.93 46.68 18.00
CA LYS H 205 -32.74 47.51 17.79
C LYS H 205 -32.44 48.38 19.00
N GLU H 206 -33.49 48.80 19.74
CA GLU H 206 -33.29 49.62 20.92
C GLU H 206 -32.56 48.86 22.03
N GLU H 207 -32.95 47.60 22.26
CA GLU H 207 -32.32 46.81 23.31
C GLU H 207 -30.90 46.40 22.95
N VAL H 208 -30.66 46.12 21.66
CA VAL H 208 -29.31 45.78 21.21
C VAL H 208 -28.40 47.01 21.28
N LEU H 209 -28.91 48.17 20.87
CA LEU H 209 -28.10 49.39 20.93
C LEU H 209 -27.87 49.84 22.37
N SER H 210 -28.82 49.55 23.27
CA SER H 210 -28.61 49.84 24.69
C SER H 210 -27.66 48.84 25.34
N LEU H 211 -27.56 47.63 24.78
CA LEU H 211 -26.67 46.61 25.33
C LEU H 211 -25.21 46.86 24.97
N LEU H 212 -24.96 47.63 23.91
CA LEU H 212 -23.62 48.08 23.54
C LEU H 212 -23.64 49.60 23.51
N PRO H 213 -23.35 50.27 24.63
CA PRO H 213 -23.49 51.74 24.68
C PRO H 213 -22.42 52.51 23.92
N SER H 214 -21.38 51.85 23.42
CA SER H 214 -20.32 52.53 22.69
C SER H 214 -20.66 52.78 21.22
N LEU H 215 -21.68 52.10 20.70
CA LEU H 215 -22.04 52.28 19.29
C LEU H 215 -22.62 53.66 19.03
N LYS H 216 -23.32 54.25 20.01
CA LYS H 216 -23.82 55.62 19.85
C LYS H 216 -22.66 56.62 19.79
N GLU H 217 -21.63 56.41 20.63
CA GLU H 217 -20.46 57.28 20.61
C GLU H 217 -19.68 57.12 19.31
N TYR H 218 -19.58 55.89 18.81
CA TYR H 218 -18.96 55.67 17.50
C TYR H 218 -19.76 56.30 16.38
N THR H 219 -21.10 56.30 16.49
CA THR H 219 -21.96 56.91 15.49
C THR H 219 -21.75 58.43 15.43
N LYS H 220 -21.75 59.09 16.60
CA LYS H 220 -21.57 60.54 16.58
C LYS H 220 -20.14 60.94 16.22
N LYS H 221 -19.15 60.12 16.60
CA LYS H 221 -17.77 60.39 16.18
C LYS H 221 -17.61 60.24 14.67
N SER H 222 -18.26 59.23 14.08
CA SER H 222 -18.22 59.06 12.64
C SER H 222 -18.98 60.17 11.92
N LYS H 223 -20.04 60.68 12.53
CA LYS H 223 -20.77 61.79 11.93
C LYS H 223 -19.93 63.07 11.92
N GLU H 224 -19.25 63.36 13.02
CA GLU H 224 -18.36 64.52 13.06
C GLU H 224 -17.17 64.35 12.11
N LEU H 225 -16.65 63.12 11.99
CA LEU H 225 -15.54 62.88 11.08
C LEU H 225 -15.96 63.02 9.62
N LYS H 226 -17.15 62.50 9.27
CA LYS H 226 -17.64 62.64 7.91
C LYS H 226 -17.97 64.09 7.57
N GLU H 227 -18.45 64.87 8.55
CA GLU H 227 -18.67 66.28 8.32
C GLU H 227 -17.35 67.04 8.12
N THR H 228 -16.31 66.64 8.87
CA THR H 228 -14.99 67.25 8.70
C THR H 228 -14.40 66.94 7.33
N MET H 229 -14.51 65.68 6.88
CA MET H 229 -13.99 65.33 5.56
C MET H 229 -14.83 65.93 4.44
N GLY H 230 -16.13 66.15 4.68
CA GLY H 230 -16.93 66.84 3.70
C GLY H 230 -16.61 68.31 3.60
N GLN H 231 -16.26 68.94 4.73
CA GLN H 231 -15.78 70.32 4.68
C GLN H 231 -14.42 70.41 4.01
N MET H 232 -13.58 69.38 4.16
CA MET H 232 -12.29 69.38 3.50
C MET H 232 -12.42 69.16 1.99
N ILE H 233 -13.32 68.26 1.58
CA ILE H 233 -13.45 67.90 0.18
C ILE H 233 -14.08 69.04 -0.62
N SER H 234 -15.13 69.66 -0.08
CA SER H 234 -15.87 70.69 -0.80
C SER H 234 -15.06 71.97 -1.03
N ASP H 235 -14.08 72.26 -0.17
CA ASP H 235 -13.22 73.41 -0.40
C ASP H 235 -12.21 73.13 -1.51
N SER H 236 -11.88 71.86 -1.75
CA SER H 236 -10.88 71.50 -2.72
C SER H 236 -11.39 71.56 -4.15
N HIS H 237 -12.71 71.40 -4.33
CA HIS H 237 -13.37 71.25 -5.64
C HIS H 237 -12.78 70.11 -6.45
N GLU H 238 -12.93 68.90 -5.90
CA GLU H 238 -12.43 67.71 -6.57
C GLU H 238 -13.27 67.37 -7.78
N GLU H 239 -14.59 67.30 -7.60
CA GLU H 239 -15.48 66.93 -8.70
C GLU H 239 -15.56 68.03 -9.76
N GLU H 240 -15.30 69.28 -9.38
CA GLU H 240 -15.28 70.37 -10.34
C GLU H 240 -14.12 70.22 -11.32
N ILE H 241 -12.89 70.17 -10.81
CA ILE H 241 -11.73 70.02 -11.69
C ILE H 241 -11.55 68.61 -12.23
N LYS H 242 -12.31 67.64 -11.73
CA LYS H 242 -12.33 66.30 -12.31
C LYS H 242 -13.52 66.09 -13.22
N GLU H 243 -14.41 67.07 -13.36
CA GLU H 243 -15.56 66.97 -14.24
C GLU H 243 -15.54 67.97 -15.38
N VAL H 244 -14.89 69.12 -15.21
CA VAL H 244 -14.78 70.09 -16.31
C VAL H 244 -13.53 69.84 -17.14
N PHE H 245 -12.55 69.12 -16.60
CA PHE H 245 -11.34 68.83 -17.35
C PHE H 245 -11.59 67.72 -18.37
N VAL H 246 -12.04 66.56 -17.90
CA VAL H 246 -12.32 65.43 -18.77
C VAL H 246 -13.74 65.47 -19.27
N UNK I 2 -31.27 -45.62 45.19
CA UNK I 2 -32.32 -45.25 46.12
C UNK I 2 -31.87 -45.50 47.56
N UNK I 3 -30.59 -45.26 47.83
CA UNK I 3 -30.05 -45.40 49.17
C UNK I 3 -30.58 -44.34 50.13
N UNK I 4 -31.02 -43.19 49.60
CA UNK I 4 -31.66 -42.18 50.42
C UNK I 4 -32.98 -42.71 50.99
N UNK I 5 -33.78 -43.39 50.16
CA UNK I 5 -35.02 -43.98 50.64
C UNK I 5 -34.77 -45.12 51.61
N UNK I 6 -33.68 -45.87 51.43
CA UNK I 6 -33.36 -46.96 52.34
C UNK I 6 -32.91 -46.43 53.70
N UNK I 7 -32.10 -45.36 53.71
CA UNK I 7 -31.70 -44.74 54.96
C UNK I 7 -32.90 -44.07 55.63
N UNK I 8 -33.83 -43.53 54.83
CA UNK I 8 -35.05 -42.95 55.39
C UNK I 8 -35.92 -44.01 56.04
N UNK I 9 -36.08 -45.17 55.38
CA UNK I 9 -36.89 -46.25 55.95
C UNK I 9 -36.24 -46.84 57.20
N UNK I 10 -34.91 -46.98 57.19
CA UNK I 10 -34.21 -47.52 58.35
C UNK I 10 -34.30 -46.59 59.55
N UNK I 11 -34.02 -45.29 59.34
CA UNK I 11 -34.11 -44.31 60.41
C UNK I 11 -35.55 -44.14 60.88
N UNK I 12 -36.53 -44.23 59.98
CA UNK I 12 -37.93 -44.11 60.33
C UNK I 12 -38.38 -45.28 61.20
N UNK I 13 -38.03 -46.51 60.80
CA UNK I 13 -38.41 -47.69 61.57
C UNK I 13 -37.74 -47.71 62.94
N UNK I 14 -36.44 -47.40 62.99
CA UNK I 14 -35.70 -47.41 64.25
C UNK I 14 -36.21 -46.33 65.20
N UNK I 15 -36.32 -45.08 64.72
CA UNK I 15 -36.78 -44.00 65.57
C UNK I 15 -38.26 -44.12 65.90
N UNK I 16 -39.05 -44.77 65.06
CA UNK I 16 -40.47 -44.96 65.37
C UNK I 16 -40.66 -46.02 66.44
N UNK I 17 -39.90 -47.13 66.36
CA UNK I 17 -39.95 -48.14 67.41
C UNK I 17 -39.42 -47.59 68.73
N UNK I 18 -38.35 -46.77 68.67
CA UNK I 18 -37.80 -46.19 69.88
C UNK I 18 -38.74 -45.14 70.50
N UNK I 19 -39.40 -44.35 69.66
CA UNK I 19 -40.35 -43.36 70.17
C UNK I 19 -41.62 -44.03 70.68
N UNK I 20 -42.02 -45.16 70.09
CA UNK I 20 -43.15 -45.91 70.62
C UNK I 20 -42.81 -46.53 71.97
N UNK I 21 -41.59 -47.04 72.13
CA UNK I 21 -41.15 -47.53 73.44
C UNK I 21 -41.04 -46.40 74.46
N UNK I 22 -40.64 -45.20 74.01
CA UNK I 22 -40.57 -44.06 74.92
C UNK I 22 -41.95 -43.58 75.34
N UNK I 23 -42.92 -43.62 74.41
CA UNK I 23 -44.28 -43.25 74.74
C UNK I 23 -44.94 -44.29 75.63
N UNK I 24 -44.61 -45.57 75.43
CA UNK I 24 -45.10 -46.61 76.32
C UNK I 24 -44.48 -46.47 77.71
N UNK I 25 -43.23 -46.02 77.79
CA UNK I 25 -42.64 -45.68 79.07
C UNK I 25 -43.31 -44.44 79.67
N UNK I 26 -43.68 -43.47 78.84
CA UNK I 26 -44.38 -42.29 79.28
C UNK I 26 -45.88 -42.53 79.49
N UNK I 27 -46.39 -43.69 79.09
CA UNK I 27 -47.80 -44.01 79.25
C UNK I 27 -48.14 -44.26 80.72
N PHE I 28 -42.87 -35.34 89.46
CA PHE I 28 -42.23 -34.85 88.24
C PHE I 28 -41.94 -35.99 87.27
N ARG I 29 -42.95 -36.85 87.07
CA ARG I 29 -42.81 -37.98 86.17
C ARG I 29 -43.01 -37.60 84.72
N LYS I 30 -44.18 -37.03 84.38
CA LYS I 30 -44.45 -36.63 83.01
C LYS I 30 -43.61 -35.43 82.59
N LEU I 31 -43.18 -34.61 83.54
CA LEU I 31 -42.30 -33.49 83.24
C LEU I 31 -40.90 -33.92 82.86
N LEU I 32 -40.46 -35.12 83.27
CA LEU I 32 -39.12 -35.60 82.98
C LEU I 32 -39.09 -36.49 81.75
N TYR I 33 -40.03 -37.44 81.65
CA TYR I 33 -39.95 -38.47 80.63
C TYR I 33 -40.42 -38.00 79.25
N LYS I 34 -41.33 -37.02 79.20
CA LYS I 34 -41.86 -36.56 77.92
C LYS I 34 -40.89 -35.68 77.15
N LEU I 35 -39.73 -35.35 77.72
CA LEU I 35 -38.75 -34.53 77.03
C LEU I 35 -38.04 -35.32 75.93
N ASP I 36 -37.56 -36.52 76.28
CA ASP I 36 -36.91 -37.39 75.31
C ASP I 36 -37.88 -37.88 74.24
N LEU I 37 -39.18 -37.95 74.59
CA LEU I 37 -40.22 -38.15 73.59
C LEU I 37 -40.17 -37.06 72.53
N ARG I 38 -40.05 -35.80 72.95
CA ARG I 38 -39.95 -34.70 72.00
C ARG I 38 -38.64 -34.75 71.21
N LEU I 39 -37.56 -35.19 71.86
CA LEU I 39 -36.28 -35.39 71.16
C LEU I 39 -36.39 -36.40 70.04
N PHE I 40 -36.95 -37.58 70.34
CA PHE I 40 -37.06 -38.64 69.33
C PHE I 40 -38.03 -38.26 68.22
N GLN I 41 -39.15 -37.61 68.58
CA GLN I 41 -40.13 -37.18 67.58
C GLN I 41 -39.54 -36.13 66.64
N THR I 42 -38.83 -35.14 67.21
CA THR I 42 -38.21 -34.10 66.39
C THR I 42 -37.11 -34.66 65.50
N ILE I 43 -36.34 -35.64 66.00
CA ILE I 43 -35.26 -36.19 65.18
C ILE I 43 -35.80 -37.04 64.04
N SER I 44 -36.86 -37.81 64.29
CA SER I 44 -37.47 -38.59 63.22
C SER I 44 -38.09 -37.69 62.14
N ASP I 45 -38.86 -36.69 62.58
CA ASP I 45 -39.51 -35.77 61.64
C ASP I 45 -38.48 -34.96 60.86
N GLN I 46 -37.44 -34.48 61.54
CA GLN I 46 -36.41 -33.69 60.89
C GLN I 46 -35.55 -34.52 59.96
N MET I 47 -35.38 -35.82 60.25
CA MET I 47 -34.56 -36.65 59.37
C MET I 47 -35.30 -36.97 58.07
N THR I 48 -36.60 -37.31 58.17
CA THR I 48 -37.38 -37.51 56.96
C THR I 48 -37.54 -36.21 56.16
N ARG I 49 -37.71 -35.09 56.87
CA ARG I 49 -37.79 -33.79 56.21
C ARG I 49 -36.48 -33.44 55.52
N ASP I 50 -35.35 -33.81 56.12
CA ASP I 50 -34.05 -33.49 55.53
C ASP I 50 -33.80 -34.32 54.28
N LEU I 51 -34.19 -35.60 54.28
CA LEU I 51 -33.97 -36.41 53.09
C LEU I 51 -34.91 -36.01 51.95
N LYS I 52 -36.17 -35.68 52.29
CA LYS I 52 -37.09 -35.15 51.28
C LYS I 52 -36.60 -33.81 50.72
N ASP I 53 -36.04 -32.96 51.58
CA ASP I 53 -35.49 -31.69 51.12
C ASP I 53 -34.26 -31.90 50.24
N ILE I 54 -33.46 -32.93 50.52
CA ILE I 54 -32.30 -33.23 49.68
C ILE I 54 -32.74 -33.61 48.27
N LEU I 55 -33.74 -34.49 48.16
CA LEU I 55 -34.22 -34.89 46.84
C LEU I 55 -34.90 -33.73 46.09
N ASP I 56 -35.64 -32.90 46.83
CA ASP I 56 -36.29 -31.75 46.22
C ASP I 56 -35.27 -30.71 45.74
N ILE I 57 -34.17 -30.56 46.47
CA ILE I 57 -33.13 -29.62 46.02
C ILE I 57 -32.40 -30.18 44.80
N ASN I 58 -32.16 -31.50 44.77
CA ASN I 58 -31.49 -32.09 43.61
C ASN I 58 -32.31 -32.02 42.34
N VAL I 59 -33.64 -32.00 42.43
CA VAL I 59 -34.39 -31.74 41.19
C VAL I 59 -34.58 -30.23 40.92
N SER I 60 -34.67 -29.41 41.97
CA SER I 60 -34.92 -27.99 41.80
C SER I 60 -33.74 -27.25 41.21
N ASN I 61 -32.51 -27.69 41.53
CA ASN I 61 -31.33 -27.03 40.96
C ASN I 61 -31.24 -27.27 39.46
N ASN I 62 -31.66 -28.45 38.99
CA ASN I 62 -31.64 -28.72 37.56
C ASN I 62 -32.72 -27.92 36.84
N GLU I 63 -33.90 -27.79 37.46
CA GLU I 63 -34.94 -26.95 36.86
C GLU I 63 -34.52 -25.48 36.81
N LEU I 64 -33.88 -24.99 37.87
CA LEU I 64 -33.38 -23.61 37.89
C LEU I 64 -32.27 -23.40 36.88
N CYS I 65 -31.42 -24.41 36.64
CA CYS I 65 -30.37 -24.26 35.63
C CYS I 65 -30.95 -24.23 34.23
N TYR I 66 -32.01 -24.99 33.97
CA TYR I 66 -32.69 -24.93 32.68
C TYR I 66 -33.32 -23.55 32.46
N GLN I 67 -33.98 -23.01 33.49
CA GLN I 67 -34.58 -21.68 33.33
C GLN I 67 -33.53 -20.59 33.26
N LEU I 68 -32.37 -20.80 33.88
CA LEU I 68 -31.27 -19.84 33.76
C LEU I 68 -30.70 -19.84 32.34
N LYS I 69 -30.63 -21.01 31.70
CA LYS I 69 -30.23 -21.06 30.30
C LYS I 69 -31.23 -20.35 29.40
N GLN I 70 -32.53 -20.47 29.72
CA GLN I 70 -33.54 -19.73 28.97
C GLN I 70 -33.39 -18.22 29.13
N VAL I 71 -33.06 -17.77 30.35
CA VAL I 71 -32.90 -16.34 30.59
C VAL I 71 -31.63 -15.81 29.90
N LEU I 72 -30.58 -16.62 29.83
CA LEU I 72 -29.39 -16.19 29.07
C LEU I 72 -29.66 -16.15 27.57
N ALA I 73 -30.54 -17.03 27.07
CA ALA I 73 -30.96 -16.93 25.67
C ALA I 73 -31.74 -15.65 25.42
N ARG I 74 -32.60 -15.26 26.36
CA ARG I 74 -33.31 -13.99 26.22
C ARG I 74 -32.37 -12.80 26.34
N LYS I 75 -31.28 -12.93 27.12
CA LYS I 75 -30.28 -11.87 27.20
C LYS I 75 -29.57 -11.67 25.88
N GLU I 76 -29.21 -12.77 25.20
CA GLU I 76 -28.58 -12.67 23.89
C GLU I 76 -29.55 -12.06 22.86
N ASP I 77 -30.83 -12.42 22.93
CA ASP I 77 -31.82 -11.86 22.01
C ASP I 77 -32.00 -10.36 22.25
N LEU I 78 -32.02 -9.93 23.52
CA LEU I 78 -32.15 -8.52 23.82
C LEU I 78 -30.92 -7.73 23.41
N ASN I 79 -29.73 -8.33 23.49
CA ASN I 79 -28.51 -7.68 23.02
C ASN I 79 -28.56 -7.44 21.52
N GLN I 80 -28.99 -8.46 20.76
CA GLN I 80 -29.06 -8.29 19.31
C GLN I 80 -30.12 -7.27 18.91
N GLN I 81 -31.24 -7.23 19.65
CA GLN I 81 -32.29 -6.27 19.32
C GLN I 81 -31.87 -4.84 19.66
N ILE I 82 -31.16 -4.66 20.77
CA ILE I 82 -30.66 -3.33 21.14
C ILE I 82 -29.67 -2.82 20.10
N ILE I 83 -28.77 -3.70 19.64
CA ILE I 83 -27.80 -3.31 18.63
C ILE I 83 -28.47 -2.97 17.30
N SER I 84 -29.50 -3.74 16.93
CA SER I 84 -30.19 -3.46 15.66
C SER I 84 -30.99 -2.15 15.72
N VAL I 85 -31.63 -1.86 16.85
CA VAL I 85 -32.40 -0.62 16.97
C VAL I 85 -31.48 0.58 17.00
N ARG I 86 -30.33 0.48 17.68
CA ARG I 86 -29.37 1.58 17.68
C ARG I 86 -28.78 1.80 16.30
N ASN I 87 -28.56 0.72 15.54
CA ASN I 87 -28.05 0.87 14.18
C ASN I 87 -29.09 1.51 13.26
N GLU I 88 -30.37 1.20 13.47
CA GLU I 88 -31.42 1.84 12.67
C GLU I 88 -31.54 3.32 12.99
N ILE I 89 -31.40 3.69 14.27
CA ILE I 89 -31.43 5.10 14.66
C ILE I 89 -30.26 5.85 14.06
N GLN I 90 -29.06 5.26 14.13
CA GLN I 90 -27.87 5.98 13.66
C GLN I 90 -27.80 6.01 12.14
N GLU I 91 -28.44 5.06 11.45
CA GLU I 91 -28.50 5.11 10.00
C GLU I 91 -29.69 5.90 9.48
N LEU I 92 -30.64 6.26 10.36
CA LEU I 92 -31.72 7.13 9.94
C LEU I 92 -31.44 8.59 10.25
N LYS I 93 -30.70 8.89 11.32
CA LYS I 93 -30.38 10.28 11.62
C LYS I 93 -29.20 10.81 10.81
N ALA I 94 -28.51 9.95 10.07
CA ALA I 94 -27.34 10.33 9.28
C ALA I 94 -27.49 9.87 7.84
N GLY I 95 -28.70 9.97 7.29
CA GLY I 95 -28.98 9.50 5.96
C GLY I 95 -29.12 10.63 4.95
N LYS I 96 -29.20 10.24 3.68
CA LYS I 96 -29.33 11.23 2.61
C LYS I 96 -30.72 11.83 2.56
N ASP I 97 -31.75 11.06 2.92
CA ASP I 97 -33.12 11.53 2.80
C ASP I 97 -33.43 12.61 3.83
N TRP I 98 -32.97 12.41 5.07
CA TRP I 98 -33.21 13.39 6.14
C TRP I 98 -32.51 14.70 5.85
N HIS I 99 -31.25 14.64 5.42
CA HIS I 99 -30.53 15.86 5.06
C HIS I 99 -31.11 16.52 3.83
N ASP I 100 -31.62 15.73 2.88
CA ASP I 100 -32.22 16.28 1.67
C ASP I 100 -33.49 17.06 1.98
N LEU I 101 -34.38 16.48 2.81
CA LEU I 101 -35.59 17.20 3.16
C LEU I 101 -35.31 18.35 4.12
N GLN I 102 -34.24 18.25 4.92
CA GLN I 102 -33.83 19.37 5.77
C GLN I 102 -33.36 20.56 4.93
N ASN I 103 -32.54 20.30 3.91
CA ASN I 103 -32.07 21.37 3.03
C ASN I 103 -33.20 21.93 2.19
N GLU I 104 -34.15 21.09 1.78
CA GLU I 104 -35.30 21.60 1.03
C GLU I 104 -36.19 22.47 1.91
N GLN I 105 -36.31 22.12 3.20
CA GLN I 105 -37.04 22.96 4.13
C GLN I 105 -36.36 24.31 4.34
N ALA I 106 -35.03 24.29 4.44
CA ALA I 106 -34.29 25.54 4.60
C ALA I 106 -34.40 26.43 3.36
N LYS I 107 -34.33 25.83 2.17
CA LYS I 107 -34.46 26.61 0.94
C LYS I 107 -35.87 27.15 0.76
N LEU I 108 -36.88 26.39 1.18
CA LEU I 108 -38.25 26.91 1.11
C LEU I 108 -38.47 28.06 2.08
N ASN I 109 -37.87 27.97 3.28
CA ASN I 109 -37.99 29.09 4.22
C ASN I 109 -37.27 30.32 3.70
N ASP I 110 -36.12 30.14 3.05
CA ASP I 110 -35.38 31.25 2.45
C ASP I 110 -36.19 31.92 1.34
N LYS I 111 -36.81 31.11 0.47
CA LYS I 111 -37.60 31.67 -0.62
C LYS I 111 -38.87 32.35 -0.11
N VAL I 112 -39.48 31.83 0.96
CA VAL I 112 -40.66 32.46 1.54
C VAL I 112 -40.30 33.81 2.14
N LYS I 113 -39.18 33.89 2.87
CA LYS I 113 -38.77 35.16 3.47
C LYS I 113 -38.35 36.17 2.39
N LEU I 114 -37.72 35.70 1.31
CA LEU I 114 -37.34 36.58 0.22
C LEU I 114 -38.57 37.12 -0.50
N ASN I 115 -39.59 36.27 -0.71
CA ASN I 115 -40.81 36.73 -1.35
C ASN I 115 -41.56 37.73 -0.50
N LYS I 116 -41.56 37.51 0.83
CA LYS I 116 -42.19 38.46 1.75
C LYS I 116 -41.51 39.81 1.71
N ARG I 117 -40.17 39.83 1.78
CA ARG I 117 -39.45 41.11 1.76
C ARG I 117 -39.54 41.80 0.40
N LEU I 118 -39.56 41.04 -0.70
CA LEU I 118 -39.69 41.66 -2.02
C LEU I 118 -41.07 42.24 -2.23
N ASN I 119 -42.12 41.56 -1.76
CA ASN I 119 -43.46 42.09 -1.86
C ASN I 119 -43.64 43.33 -0.98
N ASP I 120 -43.03 43.33 0.22
CA ASP I 120 -43.12 44.50 1.07
C ASP I 120 -42.34 45.68 0.50
N LEU I 121 -41.21 45.41 -0.17
CA LEU I 121 -40.45 46.49 -0.79
C LEU I 121 -41.17 47.07 -1.99
N THR I 122 -41.72 46.20 -2.86
CA THR I 122 -42.47 46.70 -4.02
C THR I 122 -43.76 47.38 -3.60
N SER I 123 -44.32 47.01 -2.44
CA SER I 123 -45.42 47.77 -1.86
C SER I 123 -44.96 49.15 -1.42
N THR I 124 -43.90 49.22 -0.61
CA THR I 124 -43.48 50.49 -0.03
C THR I 124 -42.81 51.43 -1.02
N LEU I 125 -42.49 50.98 -2.22
CA LEU I 125 -42.13 51.93 -3.27
C LEU I 125 -43.35 52.72 -3.73
N LEU I 126 -44.50 52.06 -3.91
CA LEU I 126 -45.67 52.71 -4.48
C LEU I 126 -46.83 52.81 -3.50
N GLY I 127 -47.29 51.69 -2.94
CA GLY I 127 -48.48 51.71 -2.09
C GLY I 127 -48.17 51.94 -0.63
N LYS I 128 -48.67 51.05 0.23
CA LYS I 128 -48.43 51.15 1.66
C LYS I 128 -48.51 49.79 2.33
N ASP I 139 -39.91 52.54 4.61
CA ASP I 139 -39.40 52.81 5.96
C ASP I 139 -38.41 53.97 5.93
N SER I 140 -37.55 54.03 6.94
CA SER I 140 -36.55 55.08 7.05
C SER I 140 -35.42 54.58 7.93
N GLU I 141 -34.37 55.40 8.03
CA GLU I 141 -33.20 55.08 8.84
C GLU I 141 -32.83 56.29 9.68
N ASP I 142 -32.56 56.07 10.97
CA ASP I 142 -32.19 57.15 11.87
C ASP I 142 -31.02 56.83 12.78
N ASP I 143 -30.60 55.57 12.88
CA ASP I 143 -29.51 55.16 13.76
C ASP I 143 -28.52 54.32 12.98
N SER I 144 -27.47 53.88 13.66
CA SER I 144 -26.40 53.09 13.06
C SER I 144 -26.27 51.78 13.83
N ILE I 145 -27.05 50.78 13.43
CA ILE I 145 -26.87 49.42 13.92
C ILE I 145 -26.13 48.57 12.89
N ARG I 146 -26.22 48.92 11.61
CA ARG I 146 -25.40 48.32 10.56
C ARG I 146 -25.34 49.32 9.42
N ASP I 147 -24.16 49.87 9.16
CA ASP I 147 -24.01 50.90 8.15
C ASP I 147 -22.75 50.63 7.35
N ASP I 148 -22.75 51.12 6.10
CA ASP I 148 -21.61 50.93 5.22
C ASP I 148 -21.25 52.23 4.50
N SER I 149 -21.88 53.35 4.87
CA SER I 149 -21.70 54.61 4.17
C SER I 149 -20.64 55.52 4.78
N ASN I 150 -19.63 54.95 5.44
CA ASN I 150 -18.54 55.78 5.96
C ASN I 150 -17.19 55.35 5.40
N ILE I 151 -17.04 54.06 5.10
CA ILE I 151 -15.80 53.58 4.48
C ILE I 151 -15.68 54.12 3.06
N LEU I 152 -16.80 54.39 2.40
CA LEU I 152 -16.76 55.04 1.08
C LEU I 152 -16.22 56.46 1.18
N ASP I 153 -16.68 57.21 2.19
CA ASP I 153 -16.20 58.57 2.37
C ASP I 153 -14.74 58.61 2.78
N ILE I 154 -14.30 57.65 3.62
CA ILE I 154 -12.91 57.61 4.02
C ILE I 154 -12.01 57.19 2.87
N ALA I 155 -12.48 56.26 2.02
CA ALA I 155 -11.68 55.85 0.86
C ALA I 155 -11.61 56.98 -0.17
N HIS I 156 -12.69 57.75 -0.32
CA HIS I 156 -12.66 58.90 -1.22
C HIS I 156 -11.72 59.99 -0.71
N PHE I 157 -11.74 60.24 0.60
CA PHE I 157 -10.84 61.21 1.21
C PHE I 157 -9.39 60.74 1.14
N VAL I 158 -9.14 59.44 1.24
CA VAL I 158 -7.79 58.92 1.18
C VAL I 158 -7.25 59.02 -0.24
N ASP I 159 -8.06 58.64 -1.23
CA ASP I 159 -7.64 58.78 -2.63
C ASP I 159 -7.60 60.24 -3.08
N LEU I 160 -8.22 61.15 -2.34
CA LEU I 160 -8.03 62.57 -2.59
C LEU I 160 -6.71 63.06 -2.02
N MET I 161 -6.45 62.77 -0.74
CA MET I 161 -5.26 63.25 -0.05
C MET I 161 -4.13 62.23 -0.04
N ASP I 162 -4.01 61.44 -1.10
CA ASP I 162 -2.90 60.50 -1.22
C ASP I 162 -1.60 61.26 -1.48
N PRO I 163 -0.54 61.04 -0.69
CA PRO I 163 0.74 61.69 -0.96
C PRO I 163 1.48 61.14 -2.17
N TYR I 164 1.00 60.05 -2.79
CA TYR I 164 1.70 59.41 -3.89
C TYR I 164 0.97 59.53 -5.22
N ASN I 165 -0.36 59.44 -5.23
CA ASN I 165 -1.12 59.69 -6.46
C ASN I 165 -1.94 60.96 -6.36
N GLY I 166 -2.86 61.03 -5.39
CA GLY I 166 -3.55 62.23 -4.93
C GLY I 166 -4.23 63.09 -5.98
N LEU I 167 -4.51 64.33 -5.58
CA LEU I 167 -4.95 65.37 -6.49
C LEU I 167 -3.82 66.31 -6.89
N LEU I 168 -3.11 66.88 -5.90
CA LEU I 168 -2.02 67.81 -6.22
C LEU I 168 -0.82 67.09 -6.82
N LYS I 169 -0.61 65.82 -6.45
CA LYS I 169 0.49 65.05 -7.02
C LYS I 169 0.22 64.66 -8.48
N LYS I 170 -1.05 64.60 -8.87
CA LYS I 170 -1.37 64.49 -10.29
C LYS I 170 -1.08 65.80 -11.00
N ILE I 171 -1.38 66.94 -10.36
CA ILE I 171 -1.16 68.25 -10.95
C ILE I 171 0.33 68.53 -11.08
N ASN I 172 1.15 67.99 -10.17
CA ASN I 172 2.60 68.11 -10.30
C ASN I 172 3.11 67.37 -11.53
N LYS I 173 2.58 66.18 -11.79
CA LYS I 173 2.95 65.46 -13.01
C LYS I 173 2.45 66.18 -14.26
N ILE I 174 1.25 66.77 -14.18
CA ILE I 174 0.68 67.47 -15.34
C ILE I 174 1.49 68.71 -15.69
N ASN I 175 1.78 69.56 -14.71
CA ASN I 175 2.51 70.77 -15.07
C ASN I 175 4.00 70.53 -15.26
N GLU I 176 4.56 69.44 -14.72
CA GLU I 176 5.93 69.09 -15.08
C GLU I 176 6.00 68.56 -16.52
N ASN I 177 5.00 67.80 -16.95
CA ASN I 177 4.95 67.38 -18.35
C ASN I 177 4.65 68.55 -19.27
N LEU I 178 3.90 69.53 -18.79
CA LEU I 178 3.65 70.73 -19.57
C LEU I 178 4.90 71.57 -19.73
N SER I 179 5.70 71.70 -18.65
CA SER I 179 6.96 72.42 -18.75
C SER I 179 7.99 71.63 -19.57
N ASN I 180 7.89 70.30 -19.58
CA ASN I 180 8.77 69.49 -20.41
C ASN I 180 8.30 69.43 -21.86
N GLU I 181 7.06 69.82 -22.14
CA GLU I 181 6.59 69.87 -23.52
C GLU I 181 7.24 71.01 -24.29
N LEU I 182 7.41 72.17 -23.64
CA LEU I 182 8.06 73.31 -24.27
C LEU I 182 9.57 73.15 -24.35
N GLN I 183 10.17 72.41 -23.42
CA GLN I 183 11.62 72.21 -23.41
C GLN I 183 12.02 71.12 -24.39
N THR J 2 -34.99 -3.43 42.20
CA THR J 2 -33.65 -3.99 42.23
C THR J 2 -33.60 -5.22 43.13
N ASP J 3 -33.29 -6.36 42.51
CA ASP J 3 -33.22 -7.68 43.16
C ASP J 3 -34.54 -8.03 43.86
N THR J 4 -35.58 -8.14 43.06
CA THR J 4 -36.92 -8.45 43.57
C THR J 4 -37.24 -9.93 43.54
N TYR J 5 -36.64 -10.70 42.62
CA TYR J 5 -36.90 -12.14 42.60
C TYR J 5 -36.30 -12.83 43.82
N ASN J 6 -35.10 -12.41 44.21
CA ASN J 6 -34.47 -12.93 45.42
C ASN J 6 -35.30 -12.58 46.65
N SER J 7 -35.89 -11.38 46.67
CA SER J 7 -36.72 -10.98 47.80
C SER J 7 -38.02 -11.77 47.85
N ILE J 8 -38.61 -12.05 46.69
CA ILE J 8 -39.84 -12.83 46.63
C ILE J 8 -39.59 -14.27 47.09
N SER J 9 -38.54 -14.90 46.55
CA SER J 9 -38.26 -16.29 46.89
C SER J 9 -37.79 -16.43 48.34
N ASN J 10 -37.02 -15.45 48.84
CA ASN J 10 -36.61 -15.47 50.24
C ASN J 10 -37.80 -15.24 51.16
N PHE J 11 -38.75 -14.41 50.74
CA PHE J 11 -39.94 -14.19 51.57
C PHE J 11 -40.79 -15.44 51.64
N ILE J 12 -40.96 -16.14 50.50
CA ILE J 12 -41.65 -17.43 50.48
C ILE J 12 -40.97 -18.42 51.43
N GLU J 13 -39.69 -18.71 51.17
CA GLU J 13 -38.95 -19.73 51.90
C GLU J 13 -38.75 -19.40 53.37
N ASN J 14 -38.79 -18.13 53.77
CA ASN J 14 -38.50 -17.77 55.15
C ASN J 14 -39.70 -17.24 55.92
N GLU J 15 -40.86 -17.06 55.28
CA GLU J 15 -42.02 -16.62 56.03
C GLU J 15 -43.33 -17.28 55.64
N LEU J 16 -43.33 -18.27 54.74
CA LEU J 16 -44.54 -19.05 54.51
C LEU J 16 -44.32 -20.52 54.86
N THR J 17 -43.32 -21.16 54.26
CA THR J 17 -43.03 -22.55 54.59
C THR J 17 -42.45 -22.69 55.99
N ALA J 18 -41.65 -21.71 56.42
CA ALA J 18 -41.09 -21.75 57.77
C ALA J 18 -42.14 -21.54 58.85
N LEU J 19 -43.24 -20.86 58.53
CA LEU J 19 -44.35 -20.73 59.47
C LEU J 19 -45.38 -21.84 59.32
N LEU J 20 -45.44 -22.51 58.17
CA LEU J 20 -46.35 -23.61 57.97
C LEU J 20 -45.69 -24.97 58.08
N SER J 21 -44.46 -25.04 58.60
CA SER J 21 -43.77 -26.31 58.77
C SER J 21 -43.85 -26.84 60.20
N SER J 22 -43.34 -26.08 61.17
CA SER J 22 -43.23 -26.55 62.54
C SER J 22 -44.40 -26.11 63.43
N ASP J 23 -44.63 -24.79 63.54
CA ASP J 23 -45.61 -24.27 64.46
C ASP J 23 -47.05 -24.46 63.98
N ASP J 24 -47.26 -24.63 62.69
CA ASP J 24 -48.62 -24.85 62.20
C ASP J 24 -49.00 -26.32 62.23
N TYR J 25 -48.16 -27.18 62.80
CA TYR J 25 -48.40 -28.61 62.82
C TYR J 25 -48.41 -29.21 64.22
N LEU J 26 -47.67 -28.63 65.17
CA LEU J 26 -47.53 -29.26 66.48
C LEU J 26 -47.76 -28.28 67.63
N MET J 27 -47.65 -26.98 67.36
CA MET J 27 -47.80 -25.99 68.42
C MET J 27 -49.25 -25.73 68.81
N ASP J 28 -50.22 -26.32 68.11
CA ASP J 28 -51.62 -26.20 68.49
C ASP J 28 -52.02 -27.12 69.64
N ASP J 29 -51.10 -27.97 70.11
CA ASP J 29 -51.35 -28.88 71.21
C ASP J 29 -51.16 -28.24 72.58
N LEU J 30 -51.02 -26.91 72.63
CA LEU J 30 -50.97 -26.23 73.93
C LEU J 30 -52.34 -26.24 74.60
N ALA J 31 -53.41 -26.22 73.82
CA ALA J 31 -54.76 -26.39 74.35
C ALA J 31 -55.10 -27.85 74.63
N GLY J 32 -54.27 -28.79 74.17
CA GLY J 32 -54.49 -30.20 74.44
C GLY J 32 -53.59 -30.67 75.58
N PRO J 35 -53.82 -34.50 73.30
CA PRO J 35 -52.72 -35.42 73.57
C PRO J 35 -51.65 -35.42 72.47
N ASN J 36 -50.45 -35.84 72.84
CA ASN J 36 -49.32 -35.85 71.90
C ASN J 36 -49.53 -36.89 70.80
N GLU J 37 -50.22 -37.99 71.13
CA GLU J 37 -50.44 -39.06 70.15
C GLU J 37 -51.37 -38.61 69.02
N VAL J 38 -52.51 -38.01 69.38
CA VAL J 38 -53.45 -37.57 68.34
C VAL J 38 -52.90 -36.35 67.61
N CYS J 39 -52.05 -35.56 68.28
CA CYS J 39 -51.38 -34.45 67.60
C CYS J 39 -50.39 -34.96 66.58
N ARG J 40 -49.68 -36.05 66.90
CA ARG J 40 -48.75 -36.64 65.94
C ARG J 40 -49.50 -37.32 64.80
N LEU J 41 -50.68 -37.90 65.09
CA LEU J 41 -51.51 -38.46 64.03
C LEU J 41 -52.00 -37.40 63.05
N LEU J 42 -52.48 -36.27 63.57
CA LEU J 42 -52.95 -35.23 62.66
C LEU J 42 -51.79 -34.55 61.93
N LYS J 43 -50.63 -34.44 62.58
CA LYS J 43 -49.45 -33.89 61.91
C LYS J 43 -48.97 -34.82 60.80
N ALA J 44 -49.01 -36.13 61.03
CA ALA J 44 -48.64 -37.08 59.99
C ALA J 44 -49.65 -37.04 58.84
N GLN J 45 -50.93 -36.85 59.15
CA GLN J 45 -51.94 -36.72 58.09
C GLN J 45 -51.73 -35.44 57.28
N VAL J 46 -51.34 -34.35 57.95
CA VAL J 46 -51.12 -33.08 57.27
C VAL J 46 -49.91 -33.16 56.35
N ILE J 47 -48.80 -33.71 56.83
CA ILE J 47 -47.61 -33.86 55.98
C ILE J 47 -47.84 -34.94 54.91
N GLU J 48 -48.71 -35.92 55.17
CA GLU J 48 -49.00 -36.95 54.18
C GLU J 48 -49.79 -36.40 53.00
N LYS J 49 -50.94 -35.78 53.28
CA LYS J 49 -51.80 -35.29 52.21
C LYS J 49 -51.48 -33.84 51.84
N ARG J 50 -50.20 -33.53 51.67
CA ARG J 50 -49.77 -32.24 51.16
C ARG J 50 -48.56 -32.30 50.24
N LYS J 51 -48.01 -33.48 49.94
CA LYS J 51 -46.65 -33.56 49.43
C LYS J 51 -46.52 -33.27 47.95
N ASP J 52 -47.16 -32.21 47.47
CA ASP J 52 -46.75 -31.54 46.25
C ASP J 52 -46.79 -30.03 46.36
N ALA J 53 -47.48 -29.46 47.35
CA ALA J 53 -47.70 -28.02 47.41
C ALA J 53 -46.46 -27.28 47.92
N MET J 54 -45.92 -27.71 49.06
CA MET J 54 -44.82 -27.02 49.71
C MET J 54 -43.46 -27.58 49.30
N SER J 55 -43.35 -28.10 48.07
CA SER J 55 -42.09 -28.60 47.57
C SER J 55 -41.15 -27.45 47.25
N ARG J 56 -39.91 -27.78 46.92
CA ARG J 56 -38.90 -26.79 46.62
C ARG J 56 -38.90 -26.37 45.15
N GLY J 57 -39.77 -26.96 44.34
CA GLY J 57 -39.87 -26.57 42.95
C GLY J 57 -41.18 -25.90 42.60
N LYS J 58 -42.26 -26.32 43.27
CA LYS J 58 -43.55 -25.69 43.07
C LYS J 58 -43.55 -24.25 43.57
N GLN J 59 -42.91 -24.01 44.73
CA GLN J 59 -42.79 -22.63 45.18
C GLN J 59 -41.78 -21.82 44.38
N ASP J 60 -40.84 -22.48 43.69
CA ASP J 60 -40.01 -21.77 42.73
C ASP J 60 -40.82 -21.32 41.53
N LEU J 61 -41.74 -22.18 41.05
CA LEU J 61 -42.64 -21.79 39.96
C LEU J 61 -43.60 -20.70 40.42
N LEU J 62 -44.04 -20.76 41.68
CA LEU J 62 -44.92 -19.73 42.23
C LEU J 62 -44.20 -18.39 42.33
N SER J 63 -42.94 -18.41 42.76
CA SER J 63 -42.17 -17.17 42.82
C SER J 63 -41.87 -16.63 41.43
N LYS J 64 -41.70 -17.50 40.43
CA LYS J 64 -41.55 -17.02 39.06
C LYS J 64 -42.85 -16.40 38.55
N GLU J 65 -43.99 -16.94 38.95
CA GLU J 65 -45.27 -16.35 38.56
C GLU J 65 -45.49 -15.00 39.24
N ILE J 66 -45.06 -14.88 40.50
CA ILE J 66 -45.13 -13.59 41.21
C ILE J 66 -44.23 -12.57 40.55
N TYR J 67 -43.04 -13.00 40.11
CA TYR J 67 -42.14 -12.10 39.37
C TYR J 67 -42.75 -11.68 38.03
N ASP J 68 -43.44 -12.60 37.36
CA ASP J 68 -44.04 -12.24 36.07
C ASP J 68 -45.18 -11.25 36.25
N ASN J 69 -45.97 -11.41 37.31
CA ASN J 69 -47.04 -10.46 37.60
C ASN J 69 -46.48 -9.09 37.99
N GLU J 70 -45.39 -9.07 38.76
CA GLU J 70 -44.80 -7.79 39.14
C GLU J 70 -44.06 -7.14 37.97
N SER J 71 -43.55 -7.92 37.02
CA SER J 71 -42.96 -7.33 35.83
C SER J 71 -44.04 -6.76 34.91
N GLU J 72 -45.20 -7.43 34.83
CA GLU J 72 -46.32 -6.89 34.07
C GLU J 72 -46.87 -5.62 34.73
N LEU J 73 -46.81 -5.53 36.06
CA LEU J 73 -47.20 -4.30 36.73
C LEU J 73 -46.12 -3.22 36.63
N ARG J 74 -44.85 -3.61 36.48
CA ARG J 74 -43.76 -2.65 36.35
C ARG J 74 -43.70 -2.05 34.96
N ALA J 75 -44.10 -2.80 33.93
CA ALA J 75 -44.08 -2.29 32.56
C ALA J 75 -45.04 -1.13 32.36
N SER J 76 -46.19 -1.15 33.06
CA SER J 76 -47.16 -0.06 32.95
C SER J 76 -46.61 1.24 33.53
N GLN J 77 -45.98 1.17 34.71
CA GLN J 77 -45.37 2.37 35.27
C GLN J 77 -44.10 2.77 34.54
N SER J 78 -43.44 1.82 33.85
CA SER J 78 -42.31 2.16 33.01
C SER J 78 -42.74 2.97 31.80
N GLN J 79 -43.85 2.57 31.16
CA GLN J 79 -44.36 3.33 30.02
C GLN J 79 -45.11 4.59 30.46
N GLN J 80 -45.56 4.66 31.71
CA GLN J 80 -46.22 5.86 32.21
C GLN J 80 -45.26 6.83 32.88
N ILE J 81 -44.01 6.43 33.10
CA ILE J 81 -43.02 7.34 33.67
C ILE J 81 -42.22 8.06 32.59
N MET J 82 -42.30 7.60 31.33
CA MET J 82 -41.69 8.33 30.22
C MET J 82 -42.67 9.25 29.53
N GLU J 83 -43.97 9.09 29.78
CA GLU J 83 -45.01 9.91 29.17
C GLU J 83 -45.66 10.83 30.20
N LEU J 84 -44.88 11.36 31.12
CA LEU J 84 -45.33 12.39 32.05
C LEU J 84 -45.21 13.75 31.36
N VAL J 85 -45.31 14.84 32.14
CA VAL J 85 -45.00 16.18 31.62
C VAL J 85 -43.54 16.21 31.20
N GLY J 86 -43.25 16.86 30.06
CA GLY J 86 -41.95 16.71 29.43
C GLY J 86 -40.83 17.39 30.20
N ASP J 87 -40.92 18.72 30.33
CA ASP J 87 -39.99 19.58 31.08
C ASP J 87 -38.56 19.47 30.53
N ILE J 88 -38.48 19.63 29.21
CA ILE J 88 -37.25 19.73 28.41
C ILE J 88 -36.32 18.54 28.64
N PRO J 89 -36.60 17.37 28.04
CA PRO J 89 -35.70 16.23 28.21
C PRO J 89 -34.42 16.35 27.39
N LYS J 90 -33.64 15.27 27.32
CA LYS J 90 -32.42 15.27 26.54
C LYS J 90 -32.73 15.17 25.04
N TYR J 91 -31.64 15.05 24.26
CA TYR J 91 -31.62 14.97 22.78
C TYR J 91 -32.40 16.08 22.07
N SER J 92 -32.63 17.20 22.75
CA SER J 92 -33.32 18.35 22.18
C SER J 92 -32.45 19.58 22.36
N LEU J 93 -31.76 19.65 23.49
CA LEU J 93 -30.73 20.65 23.70
C LEU J 93 -29.45 20.21 23.00
N GLY J 94 -28.53 21.16 22.85
CA GLY J 94 -27.25 20.87 22.24
C GLY J 94 -26.32 20.14 23.18
N SER J 95 -25.04 20.08 22.78
CA SER J 95 -24.04 19.46 23.63
C SER J 95 -23.71 20.33 24.83
N GLU J 96 -23.51 21.62 24.59
CA GLU J 96 -23.00 22.50 25.64
C GLU J 96 -24.06 22.82 26.68
N LEU J 97 -25.34 22.78 26.30
CA LEU J 97 -26.41 23.00 27.27
C LEU J 97 -26.47 21.88 28.30
N ARG J 98 -26.48 20.63 27.84
CA ARG J 98 -26.48 19.52 28.78
C ARG J 98 -25.12 19.34 29.45
N ASN J 99 -24.04 19.84 28.86
CA ASN J 99 -22.75 19.83 29.54
C ASN J 99 -22.70 20.87 30.65
N ARG J 100 -23.39 21.99 30.48
CA ARG J 100 -23.54 22.95 31.57
C ARG J 100 -24.49 22.42 32.64
N VAL J 101 -25.47 21.61 32.23
CA VAL J 101 -26.41 21.02 33.18
C VAL J 101 -25.71 20.00 34.06
N GLU J 102 -24.90 19.13 33.45
CA GLU J 102 -24.18 18.10 34.20
C GLU J 102 -22.94 18.64 34.92
N GLY J 103 -22.63 19.93 34.80
CA GLY J 103 -21.43 20.48 35.39
C GLY J 103 -20.18 20.10 34.63
N GLU J 104 -19.05 20.64 35.11
CA GLU J 104 -17.66 20.55 34.62
C GLU J 104 -17.56 20.63 33.09
N PRO J 105 -17.76 21.81 32.50
CA PRO J 105 -17.75 21.91 31.03
C PRO J 105 -16.36 21.77 30.44
N GLN J 106 -15.36 22.36 31.10
CA GLN J 106 -13.92 22.20 30.86
C GLN J 106 -13.44 22.72 29.50
N SER J 107 -14.35 23.27 28.68
CA SER J 107 -13.97 23.85 27.39
C SER J 107 -15.04 24.86 27.01
N THR J 108 -14.74 26.14 27.22
CA THR J 108 -15.66 27.21 26.85
C THR J 108 -15.51 27.51 25.37
N SER J 109 -16.64 27.70 24.68
CA SER J 109 -16.64 27.95 23.25
C SER J 109 -17.88 28.77 22.92
N ILE J 110 -17.68 30.04 22.56
CA ILE J 110 -18.81 30.97 22.43
C ILE J 110 -19.63 30.67 21.18
N GLU J 111 -19.01 30.13 20.13
CA GLU J 111 -19.74 29.82 18.89
C GLU J 111 -20.68 28.65 19.09
N ARG J 112 -20.25 27.60 19.79
CA ARG J 112 -21.13 26.49 20.08
C ARG J 112 -22.22 26.87 21.07
N LEU J 113 -21.92 27.77 22.02
CA LEU J 113 -22.95 28.28 22.92
C LEU J 113 -23.98 29.10 22.18
N ILE J 114 -23.58 29.86 21.17
CA ILE J 114 -24.54 30.59 20.34
C ILE J 114 -25.40 29.62 19.53
N GLU J 115 -24.76 28.61 18.92
CA GLU J 115 -25.50 27.64 18.12
C GLU J 115 -26.37 26.72 18.96
N ASP J 116 -26.15 26.67 20.28
CA ASP J 116 -27.05 25.93 21.15
C ASP J 116 -28.15 26.81 21.76
N VAL J 117 -27.82 28.07 22.07
CA VAL J 117 -28.81 28.99 22.61
C VAL J 117 -29.86 29.34 21.56
N LEU J 118 -29.46 29.47 20.30
CA LEU J 118 -30.42 29.70 19.22
C LEU J 118 -31.19 28.45 18.81
N LYS J 119 -31.10 27.36 19.57
CA LYS J 119 -31.74 26.10 19.23
C LYS J 119 -32.70 25.62 20.32
N LEU J 120 -32.65 26.19 21.52
CA LEU J 120 -33.49 25.72 22.62
C LEU J 120 -34.94 26.18 22.42
N PRO J 121 -35.91 25.32 22.70
CA PRO J 121 -37.30 25.61 22.33
C PRO J 121 -37.98 26.50 23.37
N GLN J 122 -39.22 26.86 23.08
CA GLN J 122 -40.02 27.76 23.89
C GLN J 122 -41.16 27.00 24.55
N MET J 123 -41.90 27.72 25.39
CA MET J 123 -43.06 27.16 26.08
C MET J 123 -44.32 27.97 25.79
N ASP J 136 -46.49 27.10 38.88
CA ASP J 136 -45.24 26.92 38.13
C ASP J 136 -45.22 27.77 36.86
N LEU J 137 -46.23 28.63 36.71
CA LEU J 137 -46.30 29.50 35.55
C LEU J 137 -45.26 30.62 35.62
N LYS J 138 -44.87 31.01 36.84
CA LYS J 138 -43.85 32.05 36.98
C LYS J 138 -42.48 31.54 36.57
N VAL J 139 -42.20 30.24 36.80
CA VAL J 139 -40.95 29.65 36.34
C VAL J 139 -40.94 29.56 34.82
N LEU J 140 -42.10 29.29 34.22
CA LEU J 140 -42.23 29.27 32.77
C LEU J 140 -41.99 30.65 32.16
N SER J 141 -42.58 31.69 32.77
CA SER J 141 -42.37 33.06 32.27
C SER J 141 -40.92 33.51 32.49
N GLU J 142 -40.30 33.07 33.58
CA GLU J 142 -38.90 33.40 33.83
C GLU J 142 -37.98 32.71 32.82
N TYR J 143 -38.29 31.47 32.46
CA TYR J 143 -37.52 30.77 31.42
C TYR J 143 -37.71 31.42 30.05
N SER J 144 -38.93 31.86 29.75
CA SER J 144 -39.18 32.52 28.47
C SER J 144 -38.46 33.86 28.38
N ASN J 145 -38.47 34.63 29.47
CA ASN J 145 -37.74 35.89 29.51
C ASN J 145 -36.24 35.66 29.42
N LEU J 146 -35.73 34.60 30.03
CA LEU J 146 -34.31 34.30 29.95
C LEU J 146 -33.90 33.86 28.55
N ARG J 147 -34.76 33.10 27.87
CA ARG J 147 -34.50 32.71 26.48
C ARG J 147 -34.50 33.93 25.56
N LYS J 148 -35.45 34.84 25.77
CA LYS J 148 -35.48 36.08 24.99
C LYS J 148 -34.24 36.93 25.21
N ASP J 149 -33.79 37.03 26.48
CA ASP J 149 -32.59 37.79 26.78
C ASP J 149 -31.35 37.15 26.17
N LEU J 150 -31.28 35.81 26.17
CA LEU J 150 -30.12 35.12 25.60
C LEU J 150 -30.06 35.27 24.09
N ILE J 151 -31.22 35.22 23.42
CA ILE J 151 -31.25 35.46 21.98
C ILE J 151 -30.87 36.89 21.64
N LEU J 152 -31.25 37.84 22.50
CA LEU J 152 -30.81 39.22 22.29
C LEU J 152 -29.31 39.38 22.53
N LYS J 153 -28.73 38.62 23.46
CA LYS J 153 -27.28 38.61 23.64
C LYS J 153 -26.57 38.09 22.39
N CYS J 154 -27.12 37.04 21.77
CA CYS J 154 -26.50 36.48 20.57
C CYS J 154 -26.60 37.44 19.39
N GLN J 155 -27.75 38.11 19.25
CA GLN J 155 -27.93 39.12 18.20
C GLN J 155 -26.95 40.28 18.37
N ALA J 156 -26.83 40.78 19.61
CA ALA J 156 -25.91 41.89 19.85
C ALA J 156 -24.46 41.46 19.68
N LEU J 157 -24.14 40.19 19.96
CA LEU J 157 -22.79 39.70 19.75
C LEU J 157 -22.43 39.66 18.27
N GLN J 158 -23.36 39.20 17.42
CA GLN J 158 -23.09 39.16 15.99
C GLN J 158 -22.98 40.56 15.39
N ILE J 159 -23.87 41.47 15.81
CA ILE J 159 -23.83 42.84 15.32
C ILE J 159 -22.54 43.53 15.77
N GLY J 160 -22.12 43.30 17.01
CA GLY J 160 -20.90 43.89 17.51
C GLY J 160 -19.65 43.35 16.83
N GLU J 161 -19.64 42.06 16.51
CA GLU J 161 -18.49 41.48 15.82
C GLU J 161 -18.36 42.03 14.39
N SER J 162 -19.49 42.15 13.68
CA SER J 162 -19.43 42.70 12.32
C SER J 162 -19.04 44.18 12.33
N LYS J 163 -19.60 44.96 13.26
CA LYS J 163 -19.25 46.36 13.36
C LYS J 163 -17.80 46.55 13.79
N LEU J 164 -17.27 45.68 14.64
CA LEU J 164 -15.88 45.76 15.05
C LEU J 164 -14.94 45.45 13.91
N SER J 165 -15.31 44.49 13.04
CA SER J 165 -14.48 44.21 11.87
C SER J 165 -14.48 45.38 10.89
N ASP J 166 -15.64 46.04 10.72
CA ASP J 166 -15.70 47.20 9.84
C ASP J 166 -14.89 48.37 10.40
N ILE J 167 -14.96 48.60 11.72
CA ILE J 167 -14.18 49.66 12.35
C ILE J 167 -12.68 49.37 12.26
N LEU J 168 -12.30 48.09 12.40
CA LEU J 168 -10.89 47.73 12.33
C LEU J 168 -10.33 47.95 10.93
N SER J 169 -11.11 47.63 9.89
CA SER J 169 -10.66 47.91 8.53
C SER J 169 -10.60 49.42 8.26
N GLN J 170 -11.54 50.17 8.84
CA GLN J 170 -11.59 51.61 8.67
C GLN J 170 -10.36 52.29 9.27
N THR J 171 -10.04 51.98 10.53
CA THR J 171 -8.84 52.53 11.15
C THR J 171 -7.57 51.93 10.56
N ASN J 172 -7.62 50.76 9.92
CA ASN J 172 -6.46 50.26 9.21
C ASN J 172 -6.14 51.14 8.00
N SER J 173 -7.17 51.54 7.26
CA SER J 173 -6.93 52.45 6.13
C SER J 173 -6.50 53.83 6.62
N ILE J 174 -7.03 54.27 7.77
CA ILE J 174 -6.64 55.55 8.35
C ILE J 174 -5.16 55.52 8.77
N ASN J 175 -4.74 54.44 9.43
CA ASN J 175 -3.34 54.29 9.82
C ASN J 175 -2.42 54.15 8.62
N SER J 176 -2.91 53.54 7.53
CA SER J 176 -2.12 53.49 6.30
C SER J 176 -1.91 54.87 5.71
N LEU J 177 -2.95 55.72 5.75
CA LEU J 177 -2.80 57.09 5.26
C LEU J 177 -1.83 57.90 6.13
N THR J 178 -1.93 57.76 7.46
CA THR J 178 -1.04 58.52 8.34
C THR J 178 0.40 58.04 8.24
N THR J 179 0.62 56.73 8.06
CA THR J 179 1.96 56.21 7.88
C THR J 179 2.55 56.66 6.54
N SER J 180 1.73 56.67 5.48
CA SER J 180 2.20 57.13 4.17
C SER J 180 2.54 58.61 4.17
N ILE J 181 1.77 59.44 4.87
CA ILE J 181 2.10 60.86 4.90
C ILE J 181 3.23 61.15 5.90
N LYS J 182 3.43 60.31 6.91
CA LYS J 182 4.60 60.47 7.76
C LYS J 182 5.88 60.06 7.03
N GLU J 183 5.79 59.08 6.14
CA GLU J 183 6.97 58.62 5.41
C GLU J 183 7.30 59.58 4.27
N ALA J 184 6.31 59.91 3.43
CA ALA J 184 6.59 60.62 2.19
C ALA J 184 6.91 62.08 2.42
N SER J 185 6.22 62.75 3.35
CA SER J 185 6.52 64.14 3.62
C SER J 185 7.83 64.29 4.40
N GLU J 186 8.13 63.33 5.28
CA GLU J 186 9.37 63.25 6.05
C GLU J 186 9.60 64.48 6.93
N ASP J 187 8.52 65.03 7.48
CA ASP J 187 8.61 66.21 8.31
C ASP J 187 7.84 66.11 9.63
N ASP J 188 6.97 65.11 9.81
CA ASP J 188 6.10 64.94 10.98
C ASP J 188 5.23 66.18 11.21
N ASP J 189 4.65 66.70 10.13
CA ASP J 189 3.83 67.91 10.13
C ASP J 189 2.49 67.63 9.46
N ILE J 190 1.83 66.55 9.93
CA ILE J 190 0.59 66.07 9.33
C ILE J 190 -0.53 67.11 9.46
N SER J 191 -0.59 67.82 10.59
CA SER J 191 -1.61 68.84 10.78
C SER J 191 -1.36 70.04 9.89
N GLU J 192 -0.09 70.44 9.73
CA GLU J 192 0.23 71.53 8.81
C GLU J 192 0.01 71.12 7.37
N TYR J 193 0.24 69.85 7.05
CA TYR J 193 -0.03 69.33 5.70
C TYR J 193 -1.52 69.41 5.38
N PHE J 194 -2.36 68.91 6.28
CA PHE J 194 -3.80 68.99 6.08
C PHE J 194 -4.34 70.41 6.14
N ALA J 195 -3.65 71.32 6.83
CA ALA J 195 -4.09 72.70 6.88
C ALA J 195 -3.73 73.47 5.61
N THR J 196 -2.54 73.21 5.04
CA THR J 196 -2.08 73.94 3.88
C THR J 196 -2.22 73.16 2.58
N TYR J 197 -2.96 72.04 2.60
CA TYR J 197 -3.32 71.35 1.37
C TYR J 197 -4.05 72.26 0.39
N ASN J 198 -4.97 73.08 0.88
CA ASN J 198 -5.74 73.96 -0.01
C ASN J 198 -4.86 75.06 -0.59
N GLY J 199 -3.91 75.57 0.19
CA GLY J 199 -2.99 76.58 -0.31
C GLY J 199 -2.04 76.04 -1.35
N LYS J 200 -1.50 74.83 -1.10
CA LYS J 200 -0.66 74.19 -2.10
C LYS J 200 -1.44 73.85 -3.36
N LEU J 201 -2.73 73.51 -3.20
CA LEU J 201 -3.55 73.16 -4.36
C LEU J 201 -3.88 74.41 -5.19
N VAL J 202 -4.10 75.55 -4.52
CA VAL J 202 -4.42 76.74 -5.32
C VAL J 202 -3.16 77.35 -5.93
N VAL J 203 -1.98 77.20 -5.30
CA VAL J 203 -0.81 77.70 -6.00
C VAL J 203 -0.40 76.74 -7.13
N ALA J 204 -0.73 75.44 -7.00
CA ALA J 204 -0.52 74.52 -8.11
C ALA J 204 -1.46 74.82 -9.27
N LEU J 205 -2.71 75.19 -8.96
CA LEU J 205 -3.63 75.59 -10.03
C LEU J 205 -3.26 76.95 -10.63
N GLU J 206 -2.63 77.83 -9.85
CA GLU J 206 -2.12 79.08 -10.41
C GLU J 206 -0.96 78.82 -11.37
N GLU J 207 -0.06 77.90 -11.00
CA GLU J 207 1.03 77.53 -11.91
C GLU J 207 0.50 76.81 -13.15
N MET J 208 -0.55 76.00 -12.98
CA MET J 208 -1.16 75.34 -14.14
C MET J 208 -1.89 76.35 -15.03
N LYS J 209 -2.45 77.41 -14.46
CA LYS J 209 -3.08 78.45 -15.27
C LYS J 209 -2.04 79.25 -16.05
N LEU J 210 -0.89 79.53 -15.42
CA LEU J 210 0.20 80.17 -16.15
C LEU J 210 0.74 79.28 -17.25
N LEU J 211 0.85 77.97 -17.00
CA LEU J 211 1.28 77.05 -18.04
C LEU J 211 0.25 76.91 -19.16
N LEU J 212 -1.03 77.01 -18.83
CA LEU J 212 -2.06 76.96 -19.86
C LEU J 212 -2.08 78.24 -20.70
N GLU J 213 -1.81 79.39 -20.08
CA GLU J 213 -1.70 80.63 -20.83
C GLU J 213 -0.47 80.61 -21.73
N GLU J 214 0.64 80.06 -21.24
CA GLU J 214 1.84 79.92 -22.07
C GLU J 214 1.60 78.93 -23.22
N ALA J 215 0.83 77.88 -22.99
CA ALA J 215 0.51 76.93 -24.05
C ALA J 215 -0.44 77.55 -25.06
N VAL J 216 -1.33 78.44 -24.63
CA VAL J 216 -2.23 79.12 -25.54
C VAL J 216 -1.50 80.16 -26.39
N LYS J 217 -0.55 80.88 -25.79
CA LYS J 217 0.16 81.95 -26.50
C LYS J 217 1.64 81.65 -26.72
N THR J 218 1.99 80.38 -26.93
CA THR J 218 3.36 80.03 -27.27
C THR J 218 3.48 79.32 -28.61
N PHE J 219 2.66 78.30 -28.86
CA PHE J 219 2.82 77.43 -30.03
C PHE J 219 1.90 77.80 -31.18
N GLY J 220 0.60 77.94 -30.91
CA GLY J 220 -0.45 78.27 -31.90
C GLY J 220 -0.53 77.24 -33.03
N ASN J 221 -0.21 75.99 -32.71
CA ASN J 221 -0.29 74.90 -33.67
C ASN J 221 -1.65 74.22 -33.57
N SER J 222 -1.79 73.06 -34.21
CA SER J 222 -3.01 72.27 -34.11
C SER J 222 -2.69 70.83 -33.71
N PRO J 223 -1.41 70.45 -33.83
CA PRO J 223 -0.95 69.13 -33.42
C PRO J 223 -0.24 69.13 -32.08
N GLU J 224 0.47 70.20 -31.75
CA GLU J 224 1.04 70.36 -30.41
C GLU J 224 -0.06 70.47 -29.36
N LYS J 225 -1.17 71.16 -29.71
CA LYS J 225 -2.32 71.20 -28.83
C LYS J 225 -2.94 69.81 -28.65
N ARG J 226 -2.92 69.00 -29.71
CA ARG J 226 -3.44 67.64 -29.61
C ARG J 226 -2.56 66.77 -28.71
N GLU J 227 -1.24 66.90 -28.85
CA GLU J 227 -0.32 66.13 -28.00
C GLU J 227 -0.41 66.58 -26.55
N LYS J 228 -0.52 67.89 -26.31
CA LYS J 228 -0.67 68.39 -24.94
C LYS J 228 -1.99 67.97 -24.33
N ILE J 229 -3.07 67.96 -25.12
CA ILE J 229 -4.36 67.53 -24.62
C ILE J 229 -4.38 66.03 -24.31
N LYS J 230 -3.72 65.23 -25.16
CA LYS J 230 -3.63 63.79 -24.90
C LYS J 230 -2.79 63.49 -23.66
N LYS J 231 -1.66 64.20 -23.49
CA LYS J 231 -0.83 64.01 -22.32
C LYS J 231 -1.55 64.45 -21.04
N ILE J 232 -2.23 65.60 -21.08
CA ILE J 232 -2.94 66.09 -19.91
C ILE J 232 -4.13 65.21 -19.55
N LEU J 233 -4.83 64.69 -20.56
CA LEU J 233 -5.97 63.80 -20.29
C LEU J 233 -5.52 62.45 -19.75
N SER J 234 -4.47 61.87 -20.34
CA SER J 234 -3.97 60.59 -19.86
C SER J 234 -3.10 60.71 -18.60
N GLU J 235 -2.84 61.93 -18.14
CA GLU J 235 -2.25 62.13 -16.82
C GLU J 235 -3.28 62.45 -15.75
N LEU J 236 -4.36 63.14 -16.09
CA LEU J 236 -5.42 63.39 -15.13
C LEU J 236 -6.34 62.19 -14.97
N LYS J 237 -6.38 61.30 -15.95
CA LYS J 237 -7.23 60.12 -15.88
C LYS J 237 -6.48 58.85 -15.55
N LYS J 238 -5.19 58.78 -15.89
CA LYS J 238 -4.40 57.58 -15.64
C LYS J 238 -2.96 57.93 -15.27
N SER K 3 -50.78 -11.35 41.71
CA SER K 3 -49.75 -11.23 42.73
C SER K 3 -50.28 -11.63 44.10
N GLU K 4 -51.06 -10.73 44.71
CA GLU K 4 -51.67 -11.02 46.01
C GLU K 4 -52.69 -12.15 45.92
N GLN K 5 -53.34 -12.28 44.76
CA GLN K 5 -54.31 -13.34 44.51
C GLN K 5 -53.68 -14.73 44.54
N LEU K 6 -52.37 -14.84 44.27
CA LEU K 6 -51.73 -16.15 44.25
C LEU K 6 -51.34 -16.61 45.65
N LEU K 7 -50.87 -15.67 46.50
CA LEU K 7 -50.37 -16.06 47.81
C LEU K 7 -51.49 -16.49 48.75
N HIS K 8 -52.67 -15.90 48.63
CA HIS K 8 -53.79 -16.33 49.47
C HIS K 8 -54.31 -17.70 49.04
N ASN K 9 -54.11 -18.09 47.79
CA ASN K 9 -54.39 -19.47 47.39
C ASN K 9 -53.33 -20.43 47.90
N TYR K 10 -52.07 -20.02 47.91
CA TYR K 10 -50.97 -20.89 48.31
C TYR K 10 -50.99 -21.16 49.81
N VAL K 11 -51.35 -20.16 50.61
CA VAL K 11 -51.41 -20.36 52.05
C VAL K 11 -52.63 -21.18 52.44
N SER K 12 -53.80 -20.83 51.91
CA SER K 12 -55.06 -21.42 52.38
C SER K 12 -55.21 -22.87 51.94
N ASP K 13 -54.68 -23.23 50.76
CA ASP K 13 -54.79 -24.61 50.32
C ASP K 13 -53.89 -25.54 51.12
N SER K 14 -52.78 -25.02 51.64
CA SER K 14 -51.87 -25.81 52.46
C SER K 14 -52.07 -25.40 53.92
N LEU K 15 -53.08 -25.98 54.54
CA LEU K 15 -53.38 -25.74 55.95
C LEU K 15 -53.94 -27.01 56.57
N LEU K 16 -54.28 -26.92 57.85
CA LEU K 16 -54.98 -28.02 58.51
C LEU K 16 -56.40 -28.16 58.04
N THR K 17 -57.01 -27.06 57.56
CA THR K 17 -58.43 -27.01 57.29
C THR K 17 -58.87 -27.80 56.07
N THR K 18 -57.94 -28.21 55.20
CA THR K 18 -58.30 -28.85 53.96
C THR K 18 -58.35 -30.37 54.05
N LEU K 19 -57.97 -30.96 55.19
CA LEU K 19 -58.07 -32.41 55.35
C LEU K 19 -58.86 -32.86 56.55
N ILE K 20 -58.72 -32.18 57.70
CA ILE K 20 -59.41 -32.62 58.91
C ILE K 20 -60.90 -32.28 58.86
N SER K 21 -61.30 -31.36 57.98
CA SER K 21 -62.72 -31.15 57.72
C SER K 21 -63.38 -32.34 57.06
N PHE K 22 -62.60 -33.17 56.33
CA PHE K 22 -63.17 -34.34 55.67
C PHE K 22 -63.48 -35.46 56.65
N GLN K 23 -62.65 -35.65 57.68
CA GLN K 23 -62.87 -36.73 58.63
C GLN K 23 -63.93 -36.43 59.67
N GLU K 24 -64.48 -35.20 59.67
CA GLU K 24 -65.53 -34.84 60.61
C GLU K 24 -66.91 -35.23 60.09
N GLU K 36 -67.50 -37.62 71.94
CA GLU K 36 -68.25 -37.18 70.77
C GLU K 36 -68.10 -35.67 70.56
N GLN K 37 -68.58 -34.90 71.53
CA GLN K 37 -68.47 -33.44 71.47
C GLN K 37 -67.06 -32.96 71.75
N GLN K 38 -66.22 -33.78 72.40
CA GLN K 38 -64.84 -33.39 72.67
C GLN K 38 -64.04 -33.26 71.37
N LEU K 39 -64.21 -34.21 70.44
CA LEU K 39 -63.56 -34.11 69.13
C LEU K 39 -64.10 -32.94 68.33
N GLN K 40 -65.39 -32.63 68.50
CA GLN K 40 -65.97 -31.45 67.86
C GLN K 40 -65.32 -30.17 68.35
N HIS K 41 -65.13 -30.06 69.67
CA HIS K 41 -64.42 -28.92 70.24
C HIS K 41 -62.96 -28.90 69.80
N TRP K 42 -62.35 -30.08 69.63
CA TRP K 42 -60.97 -30.18 69.17
C TRP K 42 -60.81 -29.57 67.78
N TYR K 43 -61.60 -30.03 66.81
CA TYR K 43 -61.41 -29.47 65.47
C TYR K 43 -62.03 -28.09 65.32
N GLU K 44 -62.93 -27.68 66.22
CA GLU K 44 -63.40 -26.30 66.22
C GLU K 44 -62.29 -25.34 66.64
N LEU K 45 -61.59 -25.66 67.74
CA LEU K 45 -60.44 -24.86 68.14
C LEU K 45 -59.31 -24.92 67.11
N LEU K 46 -59.20 -26.05 66.42
CA LEU K 46 -58.22 -26.19 65.34
C LEU K 46 -58.51 -25.23 64.19
N GLN K 47 -59.76 -25.17 63.74
CA GLN K 47 -60.09 -24.24 62.66
C GLN K 47 -60.05 -22.78 63.11
N ALA K 48 -60.32 -22.52 64.39
CA ALA K 48 -60.17 -21.16 64.91
C ALA K 48 -58.71 -20.72 64.90
N ARG K 49 -57.79 -21.61 65.32
CA ARG K 49 -56.37 -21.30 65.26
C ARG K 49 -55.88 -21.15 63.83
N ASP K 50 -56.41 -21.98 62.91
CA ASP K 50 -56.05 -21.84 61.50
C ASP K 50 -56.53 -20.50 60.92
N ALA K 51 -57.72 -20.04 61.34
CA ALA K 51 -58.22 -18.75 60.89
C ALA K 51 -57.37 -17.61 61.42
N ARG K 52 -56.94 -17.71 62.69
CA ARG K 52 -56.07 -16.70 63.27
C ARG K 52 -54.73 -16.61 62.53
N VAL K 53 -54.12 -17.76 62.25
CA VAL K 53 -52.81 -17.71 61.60
C VAL K 53 -52.94 -17.32 60.13
N THR K 54 -54.05 -17.62 59.45
CA THR K 54 -54.13 -17.16 58.06
C THR K 54 -54.46 -15.68 57.99
N SER K 55 -55.13 -15.13 59.01
CA SER K 55 -55.30 -13.68 59.08
C SER K 55 -53.97 -12.97 59.28
N GLU K 56 -53.14 -13.50 60.21
CA GLU K 56 -51.84 -12.90 60.46
C GLU K 56 -50.92 -13.01 59.24
N LEU K 57 -50.94 -14.15 58.56
CA LEU K 57 -50.10 -14.31 57.37
C LEU K 57 -50.60 -13.48 56.20
N GLU K 58 -51.91 -13.26 56.09
CA GLU K 58 -52.41 -12.41 55.01
C GLU K 58 -52.05 -10.94 55.25
N ALA K 59 -52.06 -10.51 56.52
CA ALA K 59 -51.56 -9.17 56.83
C ALA K 59 -50.08 -9.05 56.54
N ARG K 60 -49.31 -10.12 56.81
CA ARG K 60 -47.88 -10.13 56.52
C ARG K 60 -47.59 -9.99 55.03
N ILE K 61 -48.29 -10.79 54.20
CA ILE K 61 -48.03 -10.74 52.76
C ILE K 61 -48.55 -9.45 52.15
N LYS K 62 -49.61 -8.86 52.72
CA LYS K 62 -50.10 -7.57 52.24
C LYS K 62 -49.08 -6.47 52.50
N GLN K 63 -48.52 -6.42 53.72
CA GLN K 63 -47.50 -5.42 54.02
C GLN K 63 -46.22 -5.65 53.20
N PHE K 64 -45.89 -6.91 52.90
CA PHE K 64 -44.72 -7.19 52.08
C PHE K 64 -44.90 -6.68 50.65
N PHE K 65 -46.08 -6.92 50.05
CA PHE K 65 -46.30 -6.42 48.70
C PHE K 65 -46.39 -4.90 48.66
N ILE K 66 -46.89 -4.27 49.73
CA ILE K 66 -46.93 -2.81 49.79
C ILE K 66 -45.52 -2.24 49.80
N THR K 67 -44.65 -2.76 50.67
CA THR K 67 -43.29 -2.21 50.74
C THR K 67 -42.47 -2.56 49.50
N LEU K 68 -42.75 -3.72 48.86
CA LEU K 68 -42.04 -4.08 47.64
C LEU K 68 -42.43 -3.16 46.48
N ARG K 69 -43.74 -2.90 46.33
CA ARG K 69 -44.19 -2.02 45.26
C ARG K 69 -43.73 -0.58 45.50
N SER K 70 -43.66 -0.15 46.76
CA SER K 70 -43.16 1.21 47.03
C SER K 70 -41.69 1.34 46.72
N ARG K 71 -40.88 0.31 47.05
CA ARG K 71 -39.46 0.34 46.74
C ARG K 71 -39.22 0.32 45.23
N LEU K 72 -40.01 -0.48 44.49
CA LEU K 72 -39.86 -0.54 43.04
C LEU K 72 -40.27 0.78 42.38
N LEU K 73 -41.35 1.40 42.89
CA LEU K 73 -41.81 2.66 42.32
C LEU K 73 -40.81 3.79 42.58
N ARG K 74 -40.25 3.86 43.79
CA ARG K 74 -39.28 4.92 44.05
C ARG K 74 -37.96 4.68 43.31
N PHE K 75 -37.59 3.42 43.06
CA PHE K 75 -36.41 3.16 42.24
C PHE K 75 -36.64 3.59 40.79
N LEU K 76 -37.81 3.28 40.23
CA LEU K 76 -38.10 3.69 38.86
C LEU K 76 -38.20 5.20 38.74
N GLU K 77 -38.74 5.87 39.76
CA GLU K 77 -38.81 7.33 39.74
C GLU K 77 -37.43 7.96 39.84
N SER K 78 -36.54 7.36 40.64
CA SER K 78 -35.17 7.88 40.74
C SER K 78 -34.41 7.69 39.44
N GLU K 79 -34.60 6.55 38.77
CA GLU K 79 -33.94 6.34 37.48
C GLU K 79 -34.47 7.27 36.41
N GLN K 80 -35.79 7.53 36.41
CA GLN K 80 -36.37 8.41 35.42
C GLN K 80 -35.96 9.86 35.64
N LEU K 81 -35.88 10.30 36.90
CA LEU K 81 -35.37 11.65 37.17
C LEU K 81 -33.87 11.75 37.01
N SER K 82 -33.16 10.61 36.98
CA SER K 82 -31.75 10.65 36.60
C SER K 82 -31.58 10.77 35.10
N HIS K 83 -32.52 10.23 34.32
CA HIS K 83 -32.42 10.35 32.87
C HIS K 83 -33.21 11.52 32.28
N SER K 84 -33.70 12.43 33.10
CA SER K 84 -34.43 13.59 32.62
C SER K 84 -33.83 14.87 33.19
N LEU K 85 -34.38 16.01 32.77
CA LEU K 85 -33.95 17.31 33.26
C LEU K 85 -35.11 18.03 33.93
N SER K 86 -34.80 18.82 34.95
CA SER K 86 -35.75 19.73 35.53
C SER K 86 -35.79 21.03 34.74
N LEU K 87 -36.48 22.03 35.28
CA LEU K 87 -36.51 23.35 34.68
C LEU K 87 -36.05 24.40 35.69
N GLU K 88 -35.15 24.00 36.59
CA GLU K 88 -34.49 24.92 37.51
C GLU K 88 -32.98 24.89 37.38
N THR K 89 -32.38 23.71 37.22
CA THR K 89 -30.95 23.65 36.90
C THR K 89 -30.70 24.13 35.47
N LEU K 90 -31.70 24.03 34.60
CA LEU K 90 -31.63 24.69 33.30
C LEU K 90 -31.57 26.21 33.46
N ILE K 91 -32.31 26.75 34.43
CA ILE K 91 -32.30 28.18 34.69
C ILE K 91 -30.95 28.60 35.26
N ASP K 92 -30.36 27.77 36.11
CA ASP K 92 -29.03 28.07 36.64
C ASP K 92 -27.96 28.02 35.54
N ALA K 93 -28.06 27.04 34.65
CA ALA K 93 -27.13 26.93 33.53
C ALA K 93 -27.27 28.12 32.58
N LEU K 94 -28.51 28.55 32.31
CA LEU K 94 -28.70 29.70 31.44
C LEU K 94 -28.28 31.01 32.12
N TYR K 95 -28.36 31.08 33.45
CA TYR K 95 -27.77 32.22 34.16
C TYR K 95 -26.25 32.26 33.99
N LYS K 96 -25.60 31.09 34.03
CA LYS K 96 -24.15 31.05 33.83
C LYS K 96 -23.79 31.43 32.39
N ILE K 97 -24.58 30.97 31.42
CA ILE K 97 -24.34 31.31 30.02
C ILE K 97 -24.60 32.79 29.78
N ASN K 98 -25.59 33.37 30.47
CA ASN K 98 -25.84 34.81 30.39
C ASN K 98 -24.68 35.61 30.97
N ASP K 99 -24.07 35.11 32.06
CA ASP K 99 -22.91 35.79 32.62
C ASP K 99 -21.72 35.73 31.66
N LEU K 100 -21.50 34.58 31.01
CA LEU K 100 -20.43 34.45 30.03
C LEU K 100 -20.63 35.36 28.82
N LEU K 101 -21.86 35.42 28.31
CA LEU K 101 -22.13 36.29 27.16
C LEU K 101 -22.08 37.76 27.54
N GLN K 102 -22.44 38.10 28.78
CA GLN K 102 -22.30 39.48 29.24
C GLN K 102 -20.83 39.88 29.34
N GLN K 103 -19.97 38.95 29.80
CA GLN K 103 -18.53 39.24 29.83
C GLN K 103 -17.95 39.39 28.43
N ARG K 104 -18.41 38.56 27.49
CA ARG K 104 -17.95 38.68 26.10
C ARG K 104 -18.40 39.99 25.48
N LEU K 105 -19.63 40.43 25.78
CA LEU K 105 -20.08 41.72 25.30
C LEU K 105 -19.32 42.87 25.95
N GLN K 106 -18.90 42.70 27.20
CA GLN K 106 -18.12 43.74 27.87
C GLN K 106 -16.74 43.90 27.24
N ILE K 107 -16.06 42.78 26.95
CA ILE K 107 -14.74 42.90 26.35
C ILE K 107 -14.84 43.37 24.89
N LEU K 108 -15.93 43.02 24.20
CA LEU K 108 -16.13 43.53 22.84
C LEU K 108 -16.42 45.03 22.85
N ASP K 109 -17.20 45.50 23.84
CA ASP K 109 -17.45 46.93 23.98
C ASP K 109 -16.18 47.69 24.34
N ASP K 110 -15.31 47.09 25.13
CA ASP K 110 -14.02 47.73 25.45
C ASP K 110 -13.14 47.86 24.20
N ALA K 111 -13.13 46.82 23.34
CA ALA K 111 -12.37 46.91 22.11
C ALA K 111 -12.95 47.96 21.15
N ILE K 112 -14.29 48.04 21.10
CA ILE K 112 -14.95 49.08 20.31
C ILE K 112 -14.60 50.47 20.82
N GLN K 113 -14.55 50.64 22.15
CA GLN K 113 -14.19 51.92 22.75
C GLN K 113 -12.76 52.32 22.44
N GLU K 114 -11.83 51.36 22.47
CA GLU K 114 -10.45 51.66 22.13
C GLU K 114 -10.31 52.06 20.66
N LYS K 115 -10.99 51.35 19.76
CA LYS K 115 -10.87 51.68 18.34
C LYS K 115 -11.55 53.01 18.01
N THR K 116 -12.67 53.33 18.66
CA THR K 116 -13.28 54.64 18.38
C THR K 116 -12.53 55.76 19.08
N SER K 117 -11.77 55.48 20.13
CA SER K 117 -10.87 56.49 20.66
C SER K 117 -9.73 56.78 19.69
N GLU K 118 -9.24 55.74 19.01
CA GLU K 118 -8.26 55.96 17.94
C GLU K 118 -8.84 56.77 16.78
N LEU K 119 -10.09 56.46 16.40
CA LEU K 119 -10.74 57.21 15.33
C LEU K 119 -11.02 58.65 15.72
N ALA K 120 -11.37 58.89 16.99
CA ALA K 120 -11.58 60.26 17.45
C ALA K 120 -10.26 61.00 17.60
N GLU K 121 -9.16 60.28 17.87
CA GLU K 121 -7.84 60.90 17.84
C GLU K 121 -7.48 61.34 16.43
N PHE K 122 -7.86 60.55 15.43
CA PHE K 122 -7.68 61.00 14.05
C PHE K 122 -8.63 62.15 13.71
N GLU K 123 -9.80 62.21 14.36
CA GLU K 123 -10.87 63.12 13.94
C GLU K 123 -10.54 64.59 14.09
N ASN K 124 -9.68 64.96 15.04
CA ASN K 124 -9.29 66.35 15.24
C ASN K 124 -7.99 66.69 14.55
N MET K 125 -7.35 65.73 13.89
CA MET K 125 -6.08 65.99 13.23
C MET K 125 -6.27 66.58 11.83
N VAL K 126 -7.48 66.52 11.29
CA VAL K 126 -7.75 66.97 9.94
C VAL K 126 -8.66 68.19 9.88
N ARG K 127 -9.12 68.70 11.02
CA ARG K 127 -10.00 69.86 11.02
C ARG K 127 -9.21 71.12 10.71
N SER K 128 -9.74 71.94 9.79
CA SER K 128 -9.11 73.17 9.36
C SER K 128 -10.10 74.32 9.55
N PRO K 129 -10.15 74.91 10.76
CA PRO K 129 -11.00 76.08 10.96
C PRO K 129 -10.39 77.30 10.28
N SER K 130 -10.97 77.71 9.16
CA SER K 130 -10.37 78.74 8.33
C SER K 130 -11.47 79.46 7.56
N ALA K 131 -11.06 80.19 6.51
CA ALA K 131 -11.93 80.99 5.67
C ALA K 131 -12.19 80.31 4.32
N GLY K 132 -12.45 79.00 4.32
CA GLY K 132 -12.39 78.18 3.12
C GLY K 132 -13.47 78.37 2.07
N ASP K 133 -14.17 79.50 2.07
CA ASP K 133 -15.03 79.87 0.97
C ASP K 133 -14.29 80.67 -0.09
N ASN K 134 -13.35 81.54 0.33
CA ASN K 134 -12.56 82.31 -0.61
C ASN K 134 -11.57 81.43 -1.37
N ALA K 135 -11.02 80.41 -0.71
CA ALA K 135 -10.18 79.44 -1.41
C ALA K 135 -10.98 78.62 -2.40
N ILE K 136 -12.22 78.30 -2.05
CA ILE K 136 -13.12 77.60 -2.98
C ILE K 136 -13.45 78.47 -4.19
N PRO K 137 -13.67 79.77 -3.97
CA PRO K 137 -13.95 80.68 -5.07
C PRO K 137 -12.72 80.87 -5.96
N GLY K 138 -11.53 80.92 -5.36
CA GLY K 138 -10.30 81.02 -6.14
C GLY K 138 -10.05 79.77 -6.95
N LEU K 139 -10.33 78.59 -6.37
CA LEU K 139 -10.19 77.34 -7.11
C LEU K 139 -11.21 77.26 -8.24
N LEU K 140 -12.43 77.75 -8.02
CA LEU K 140 -13.45 77.76 -9.06
C LEU K 140 -13.08 78.71 -10.19
N GLN K 141 -12.53 79.88 -9.86
CA GLN K 141 -12.10 80.83 -10.88
C GLN K 141 -10.92 80.30 -11.68
N ILE K 142 -9.98 79.63 -11.01
CA ILE K 142 -8.85 79.04 -11.72
C ILE K 142 -9.29 77.88 -12.61
N ILE K 143 -10.27 77.09 -12.15
CA ILE K 143 -10.81 76.01 -12.96
C ILE K 143 -11.57 76.54 -14.17
N GLN K 144 -12.29 77.66 -13.99
CA GLN K 144 -12.99 78.27 -15.11
C GLN K 144 -12.02 78.87 -16.13
N SER K 145 -10.94 79.48 -15.66
CA SER K 145 -9.92 80.01 -16.57
C SER K 145 -9.20 78.88 -17.30
N TYR K 146 -8.95 77.76 -16.62
CA TYR K 146 -8.31 76.62 -17.27
C TYR K 146 -9.22 75.98 -18.30
N ILE K 147 -10.52 75.90 -17.99
CA ILE K 147 -11.48 75.36 -18.97
C ILE K 147 -11.64 76.29 -20.16
N ASN K 148 -11.57 77.62 -19.93
CA ASN K 148 -11.62 78.56 -21.04
C ASN K 148 -10.38 78.47 -21.92
N LEU K 149 -9.20 78.31 -21.31
CA LEU K 149 -7.97 78.16 -22.09
C LEU K 149 -7.90 76.81 -22.78
N LEU K 150 -8.60 75.81 -22.25
CA LEU K 150 -8.65 74.51 -22.92
C LEU K 150 -9.63 74.51 -24.08
N GLU K 151 -10.78 75.15 -23.92
CA GLU K 151 -11.77 75.22 -24.99
C GLU K 151 -11.46 76.29 -26.02
N GLU K 152 -10.51 77.18 -25.74
CA GLU K 152 -10.08 78.19 -26.72
C GLU K 152 -8.90 77.74 -27.56
N ASN K 153 -8.39 76.52 -27.34
CA ASN K 153 -7.25 76.02 -28.11
C ASN K 153 -7.71 75.09 -29.22
#